data_6V4L
#
_entry.id   6V4L
#
_cell.length_a   164.271
_cell.length_b   164.271
_cell.length_c   123.388
_cell.angle_alpha   90.000
_cell.angle_beta   90.000
_cell.angle_gamma   90.000
#
_symmetry.space_group_name_H-M   'P 42'
#
loop_
_entity.id
_entity.type
_entity.pdbx_description
1 polymer 'Trk system potassium uptake protein TrkH'
2 polymer 'Potassium uptake protein TrkA'
3 non-polymer 'PHOSPHOTHIOPHOSPHORIC ACID-ADENYLATE ESTER'
#
loop_
_entity_poly.entity_id
_entity_poly.type
_entity_poly.pdbx_seq_one_letter_code
_entity_poly.pdbx_strand_id
1 'polypeptide(L)'
;MQFRSIIRIVGLLLALFSVTMLAPALVALLYRDGAGVPFVTTFFVLLFCGAMCWFPNRRHKHELKSRDGFLIVVLFWTVL
GSAGSLPFLIADNPNISVTDAFFESFSALTTTGATVIVGLDELPKAILFYRQFLQWFGGMGIIVLAVAILPVLGIGGMQL
YRAEIPGPVKDTKMTPRIAETAKALWYIYLSLTIACAVAFWLAGMTPFDAISHSFSTIAIGGFSTHDASMGYFDSYAINL
ITVVFLLISACNFTLHFAAFASGGVHPKYYWKDPEFRAFIFIQVLLFLVCFLLLLKHHSYTSPYDAFDQALFQTVSISTT
AGFTTTGFADWPLFLPVLLLFSSFIGGCAGSTGGGMKVIRILLLTLQGARELKRLVHPRAVYTIKVGGSALPQRVVDAVW
GFFSAYALVFVVCMLGLIATGMDELSAFSAVAATLNNLGPGLGEVALHFGDVNDKAKWVLIVSMLFGRLEIFTLLILLTP
TFWRS
;
A,B
2 'polypeptide(L)'
;MKIIILGAGQVGGTLAENLVGENNDITIVDNNADRLRELQDKYDLRVVNGHASHPDVLHEAGAQDADMLVAVTNTDETNM
AACQVAFTLFNTPNRVARIRSPEYLAEKEALFKSGAIPVDHLIAPEELVTSYIERLIQYPGALQVVSFAEQKVSLVAVKA
YYGGPLVGNALSALREHMPHIDTRVAAIFRQGRPIRPQGTTIIEADDEVFFVAASNHIRSVMSELQRLEKPYRRIMIVGG
GNIGASLAKRLEQTYSVKLIERDYQRAEKLSEQLENTIVFCGDAADQELLTEENIDQVDVFIALTNEDETNIMSAMLAKR
MGAKKVMVLIQRGAYVDLVQGGVIDVAISPQQATISALLTHVRRADIVNVSSLRRGAAEAIEAVAHGDETTSKVVGRAIG
DIKLPPGTTIGAVVRGEEVLIAHDRTVIEQDDHVVMFLVDKKYVPDVEALFQPSPFFL
;
C,D
#
loop_
_chem_comp.id
_chem_comp.type
_chem_comp.name
_chem_comp.formula
AGS non-polymer 'PHOSPHOTHIOPHOSPHORIC ACID-ADENYLATE ESTER' 'C10 H16 N5 O12 P3 S'
#
# COMPACT_ATOMS: atom_id res chain seq x y z
N GLN A 2 -10.86 28.94 19.73
CA GLN A 2 -10.12 28.87 18.48
C GLN A 2 -9.93 30.24 17.83
N PHE A 3 -11.01 30.96 17.49
CA PHE A 3 -10.83 32.21 16.77
C PHE A 3 -10.16 33.28 17.60
N ARG A 4 -10.27 33.18 18.94
CA ARG A 4 -9.81 34.25 19.81
C ARG A 4 -8.30 34.45 19.65
N SER A 5 -7.51 33.45 20.04
CA SER A 5 -6.06 33.57 19.94
C SER A 5 -5.60 33.80 18.50
N ILE A 6 -6.43 33.44 17.51
CA ILE A 6 -6.10 33.69 16.10
C ILE A 6 -6.05 35.18 15.80
N ILE A 7 -7.07 35.93 16.23
CA ILE A 7 -7.10 37.37 15.97
C ILE A 7 -5.95 38.07 16.69
N ARG A 8 -5.50 37.50 17.81
CA ARG A 8 -4.26 37.97 18.41
C ARG A 8 -3.10 37.90 17.42
N ILE A 9 -2.94 36.76 16.75
CA ILE A 9 -1.88 36.61 15.76
C ILE A 9 -2.07 37.63 14.64
N VAL A 10 -3.32 37.84 14.21
CA VAL A 10 -3.62 38.72 13.07
C VAL A 10 -3.22 40.15 13.39
N GLY A 11 -3.80 40.71 14.45
CA GLY A 11 -3.49 42.08 14.83
C GLY A 11 -2.02 42.26 15.14
N LEU A 12 -1.37 41.18 15.61
CA LEU A 12 0.05 41.22 15.88
C LEU A 12 0.83 41.41 14.58
N LEU A 13 0.43 40.71 13.51
CA LEU A 13 1.12 40.86 12.22
C LEU A 13 0.80 42.19 11.57
N LEU A 14 -0.44 42.67 11.69
CA LEU A 14 -0.77 43.99 11.16
C LEU A 14 0.14 45.07 11.73
N ALA A 15 0.39 45.03 13.03
CA ALA A 15 1.38 45.92 13.63
C ALA A 15 2.75 45.75 12.99
N LEU A 16 3.21 44.51 12.81
CA LEU A 16 4.53 44.32 12.21
C LEU A 16 4.57 44.82 10.78
N PHE A 17 3.45 44.73 10.05
CA PHE A 17 3.40 45.26 8.69
C PHE A 17 3.54 46.78 8.68
N SER A 18 2.89 47.45 9.64
CA SER A 18 3.00 48.90 9.75
C SER A 18 4.45 49.33 9.96
N VAL A 19 5.16 48.66 10.86
CA VAL A 19 6.58 48.94 11.07
C VAL A 19 7.35 48.86 9.76
N THR A 20 6.86 48.06 8.81
CA THR A 20 7.50 48.01 7.51
C THR A 20 7.24 49.29 6.72
N MET A 21 6.06 49.90 6.90
CA MET A 21 5.71 51.10 6.14
C MET A 21 6.68 52.24 6.37
N LEU A 22 7.41 52.22 7.49
CA LEU A 22 8.31 53.34 7.80
C LEU A 22 9.46 53.41 6.80
N ALA A 23 10.06 52.25 6.48
CA ALA A 23 11.22 52.24 5.60
C ALA A 23 10.95 52.85 4.23
N PRO A 24 9.80 52.63 3.58
CA PRO A 24 9.53 53.37 2.33
C PRO A 24 9.51 54.88 2.50
N ALA A 25 8.71 55.38 3.45
CA ALA A 25 8.60 56.83 3.66
C ALA A 25 9.93 57.46 4.02
N LEU A 26 10.77 56.75 4.78
CA LEU A 26 12.14 57.21 5.01
C LEU A 26 12.83 57.52 3.69
N VAL A 27 12.60 56.68 2.67
CA VAL A 27 13.19 56.92 1.36
C VAL A 27 12.53 58.13 0.72
N ALA A 28 11.24 58.37 1.00
CA ALA A 28 10.53 59.50 0.42
C ALA A 28 10.88 60.82 1.11
N LEU A 29 11.87 60.80 2.00
CA LEU A 29 12.42 61.97 2.66
C LEU A 29 13.93 62.07 2.47
N LEU A 30 14.63 60.92 2.46
CA LEU A 30 16.01 60.90 1.98
C LEU A 30 16.05 61.24 0.49
N TYR A 31 15.21 60.58 -0.30
CA TYR A 31 14.87 61.14 -1.59
C TYR A 31 13.76 62.14 -1.38
N ARG A 32 13.62 63.10 -2.29
CA ARG A 32 12.37 63.85 -2.27
C ARG A 32 11.80 63.92 -3.68
N ASP A 33 12.02 62.85 -4.44
CA ASP A 33 11.30 62.58 -5.67
C ASP A 33 10.33 61.47 -5.29
N GLY A 34 9.20 61.86 -4.73
CA GLY A 34 8.30 60.88 -4.15
C GLY A 34 7.26 61.51 -3.26
N ALA A 35 6.29 60.68 -2.88
CA ALA A 35 5.22 61.06 -1.95
C ALA A 35 5.16 60.06 -0.81
N GLY A 36 5.41 60.53 0.40
CA GLY A 36 5.52 59.65 1.57
C GLY A 36 4.33 59.64 2.51
N VAL A 37 3.44 60.65 2.40
CA VAL A 37 2.33 60.77 3.35
C VAL A 37 1.45 59.53 3.41
N PRO A 38 1.06 58.89 2.30
CA PRO A 38 0.25 57.66 2.45
C PRO A 38 0.93 56.58 3.26
N PHE A 39 2.26 56.44 3.15
CA PHE A 39 2.95 55.45 3.98
C PHE A 39 2.86 55.83 5.46
N VAL A 40 2.98 57.12 5.77
CA VAL A 40 2.88 57.52 7.17
C VAL A 40 1.41 57.60 7.60
N THR A 41 0.50 57.87 6.66
CA THR A 41 -0.93 57.78 6.99
C THR A 41 -1.31 56.33 7.23
N THR A 42 -0.77 55.42 6.41
CA THR A 42 -1.04 53.99 6.58
C THR A 42 -0.39 53.45 7.85
N PHE A 43 0.87 53.81 8.10
CA PHE A 43 1.55 53.36 9.31
C PHE A 43 0.67 53.57 10.55
N PHE A 44 0.02 54.73 10.64
CA PHE A 44 -0.82 55.03 11.78
C PHE A 44 -2.12 54.21 11.73
N VAL A 45 -2.86 54.30 10.63
CA VAL A 45 -4.20 53.70 10.59
C VAL A 45 -4.11 52.19 10.78
N LEU A 46 -3.08 51.55 10.22
CA LEU A 46 -2.93 50.12 10.41
C LEU A 46 -2.54 49.79 11.84
N LEU A 47 -1.57 50.53 12.39
CA LEU A 47 -1.18 50.32 13.78
C LEU A 47 -2.39 50.39 14.71
N PHE A 48 -3.31 51.32 14.47
CA PHE A 48 -4.52 51.35 15.27
C PHE A 48 -5.35 50.10 14.99
N CYS A 49 -5.71 49.90 13.72
CA CYS A 49 -6.61 48.82 13.35
C CYS A 49 -5.96 47.46 13.60
N GLY A 50 -4.62 47.41 13.62
CA GLY A 50 -3.94 46.20 14.05
C GLY A 50 -3.93 46.07 15.56
N ALA A 51 -3.85 47.18 16.28
CA ALA A 51 -3.81 47.13 17.74
C ALA A 51 -5.21 46.93 18.32
N MET A 52 -6.23 47.52 17.68
CA MET A 52 -7.58 47.45 18.21
C MET A 52 -8.09 46.02 18.32
N CYS A 53 -7.60 45.12 17.47
CA CYS A 53 -8.11 43.75 17.48
C CYS A 53 -7.45 42.90 18.56
N TRP A 54 -6.16 43.08 18.82
CA TRP A 54 -5.46 42.19 19.75
C TRP A 54 -5.46 42.69 21.20
N PHE A 55 -5.77 43.96 21.46
CA PHE A 55 -5.83 44.43 22.85
C PHE A 55 -6.94 43.75 23.65
N PRO A 56 -8.21 43.75 23.21
CA PRO A 56 -9.22 42.96 23.94
C PRO A 56 -9.04 41.47 23.74
N ASN A 57 -8.07 41.06 22.94
CA ASN A 57 -7.85 39.66 22.61
C ASN A 57 -6.47 39.19 23.02
N ARG A 58 -5.83 39.89 23.96
CA ARG A 58 -4.52 39.47 24.42
C ARG A 58 -4.56 38.13 25.15
N ARG A 59 -5.75 37.55 25.31
CA ARG A 59 -5.86 36.21 25.87
C ARG A 59 -5.11 35.20 25.01
N HIS A 60 -4.20 34.47 25.64
CA HIS A 60 -3.42 33.45 24.96
C HIS A 60 -4.11 32.11 25.11
N LYS A 61 -4.12 31.32 24.04
CA LYS A 61 -4.54 29.92 24.08
C LYS A 61 -3.88 29.18 22.93
N HIS A 62 -3.93 27.86 22.99
CA HIS A 62 -3.27 27.01 22.01
C HIS A 62 -4.22 25.94 21.49
N SER A 66 -4.07 21.37 13.70
CA SER A 66 -3.98 21.50 12.25
C SER A 66 -5.05 22.46 11.73
N ARG A 67 -6.31 22.22 12.13
CA ARG A 67 -7.39 23.15 11.81
C ARG A 67 -7.04 24.58 12.19
N ASP A 68 -6.15 24.75 13.17
CA ASP A 68 -5.68 26.07 13.53
C ASP A 68 -4.78 26.64 12.44
N GLY A 69 -3.96 25.81 11.82
CA GLY A 69 -2.87 26.26 10.97
C GLY A 69 -3.31 26.67 9.59
N PHE A 70 -4.30 25.97 9.03
CA PHE A 70 -4.80 26.31 7.70
C PHE A 70 -5.47 27.69 7.69
N LEU A 71 -6.27 27.97 8.72
CA LEU A 71 -6.98 29.24 8.79
C LEU A 71 -6.06 30.42 9.13
N ILE A 72 -4.91 30.16 9.75
CA ILE A 72 -3.96 31.25 9.98
C ILE A 72 -3.39 31.73 8.65
N VAL A 73 -2.88 30.81 7.84
CA VAL A 73 -2.09 31.18 6.67
C VAL A 73 -2.96 31.73 5.54
N VAL A 74 -4.27 31.46 5.53
CA VAL A 74 -5.09 32.18 4.55
C VAL A 74 -5.33 33.60 5.03
N LEU A 75 -5.28 33.83 6.35
CA LEU A 75 -5.35 35.19 6.88
C LEU A 75 -4.01 35.92 6.75
N PHE A 76 -2.91 35.18 6.81
CA PHE A 76 -1.60 35.83 6.68
C PHE A 76 -1.46 36.54 5.34
N TRP A 77 -2.06 36.02 4.28
CA TRP A 77 -2.03 36.67 2.98
C TRP A 77 -3.28 37.49 2.68
N THR A 78 -4.47 37.02 3.08
CA THR A 78 -5.68 37.81 2.90
C THR A 78 -5.56 39.15 3.62
N VAL A 79 -5.19 39.13 4.91
CA VAL A 79 -5.12 40.36 5.68
C VAL A 79 -3.97 41.23 5.16
N LEU A 80 -2.77 40.67 5.10
CA LEU A 80 -1.61 41.43 4.64
C LEU A 80 -1.77 41.89 3.20
N GLY A 81 -2.46 41.11 2.37
CA GLY A 81 -2.66 41.50 0.99
C GLY A 81 -3.60 42.69 0.87
N SER A 82 -4.70 42.65 1.62
CA SER A 82 -5.61 43.80 1.64
C SER A 82 -4.90 45.04 2.16
N ALA A 83 -4.23 44.92 3.31
CA ALA A 83 -3.49 46.04 3.88
C ALA A 83 -2.45 46.60 2.92
N GLY A 84 -1.94 45.77 2.02
CA GLY A 84 -0.92 46.25 1.09
C GLY A 84 -1.46 47.22 0.07
N SER A 85 -2.76 47.15 -0.23
CA SER A 85 -3.38 48.02 -1.22
C SER A 85 -3.51 49.45 -0.72
N LEU A 86 -3.53 49.65 0.60
CA LEU A 86 -3.86 50.96 1.16
C LEU A 86 -2.96 52.06 0.61
N PRO A 87 -1.62 51.97 0.67
CA PRO A 87 -0.79 53.05 0.11
C PRO A 87 -1.19 53.47 -1.30
N PHE A 88 -1.54 52.51 -2.17
CA PHE A 88 -1.91 52.85 -3.54
C PHE A 88 -3.26 53.56 -3.62
N LEU A 89 -4.23 53.16 -2.78
CA LEU A 89 -5.52 53.82 -2.78
C LEU A 89 -5.38 55.30 -2.42
N ILE A 90 -4.57 55.60 -1.40
CA ILE A 90 -4.49 56.95 -0.86
C ILE A 90 -3.77 57.89 -1.83
N ALA A 91 -2.57 57.52 -2.27
CA ALA A 91 -1.77 58.38 -3.13
C ALA A 91 -2.47 58.67 -4.46
N ASP A 92 -2.50 59.95 -4.83
CA ASP A 92 -3.08 60.38 -6.11
C ASP A 92 -2.11 60.29 -7.27
N ASN A 93 -0.82 60.12 -7.01
CA ASN A 93 0.15 60.04 -8.10
C ASN A 93 -0.09 58.83 -8.99
N PRO A 94 -0.32 57.62 -8.46
CA PRO A 94 -0.66 56.51 -9.35
C PRO A 94 -2.01 56.69 -10.04
N ASN A 95 -3.00 57.25 -9.34
CA ASN A 95 -4.35 57.41 -9.88
C ASN A 95 -4.89 56.02 -10.20
N ILE A 96 -4.68 55.09 -9.26
CA ILE A 96 -5.03 53.70 -9.43
C ILE A 96 -6.36 53.40 -8.75
N SER A 97 -7.20 52.61 -9.41
CA SER A 97 -8.49 52.21 -8.86
C SER A 97 -8.28 51.25 -7.68
N VAL A 98 -9.42 50.83 -7.09
CA VAL A 98 -9.36 49.91 -5.95
C VAL A 98 -8.93 48.51 -6.38
N THR A 99 -9.59 47.95 -7.40
CA THR A 99 -9.27 46.58 -7.80
C THR A 99 -7.89 46.51 -8.43
N ASP A 100 -7.51 47.55 -9.17
CA ASP A 100 -6.15 47.63 -9.68
C ASP A 100 -5.15 47.65 -8.54
N ALA A 101 -5.54 48.25 -7.41
CA ALA A 101 -4.67 48.36 -6.25
C ALA A 101 -4.59 47.05 -5.48
N PHE A 102 -5.75 46.48 -5.13
CA PHE A 102 -5.77 45.16 -4.49
C PHE A 102 -4.99 44.15 -5.30
N PHE A 103 -5.11 44.22 -6.62
CA PHE A 103 -4.32 43.38 -7.50
C PHE A 103 -2.83 43.66 -7.32
N GLU A 104 -2.43 44.93 -7.45
CA GLU A 104 -1.01 45.24 -7.32
C GLU A 104 -0.52 44.98 -5.90
N SER A 105 -1.41 45.05 -4.92
CA SER A 105 -1.02 44.68 -3.56
C SER A 105 -0.74 43.19 -3.46
N PHE A 106 -1.68 42.38 -3.95
CA PHE A 106 -1.51 40.93 -3.91
C PHE A 106 -0.38 40.49 -4.82
N SER A 107 -0.37 40.99 -6.06
CA SER A 107 0.69 40.64 -7.01
C SER A 107 2.06 40.91 -6.43
N ALA A 108 2.19 41.98 -5.64
CA ALA A 108 3.47 42.27 -4.99
C ALA A 108 3.74 41.28 -3.87
N LEU A 109 2.80 41.17 -2.92
CA LEU A 109 3.02 40.35 -1.73
C LEU A 109 3.14 38.88 -2.07
N THR A 110 2.30 38.38 -3.00
CA THR A 110 2.34 37.01 -3.48
C THR A 110 3.57 36.74 -4.36
N THR A 111 4.46 37.72 -4.53
CA THR A 111 5.66 37.60 -5.35
C THR A 111 5.31 37.21 -6.78
N THR A 112 4.09 37.55 -7.20
CA THR A 112 3.67 37.22 -8.56
C THR A 112 4.48 38.07 -9.53
N GLY A 113 4.26 39.38 -9.51
CA GLY A 113 4.95 40.28 -10.41
C GLY A 113 4.13 40.77 -11.57
N ALA A 114 2.82 40.53 -11.56
CA ALA A 114 1.95 41.00 -12.64
C ALA A 114 1.47 42.39 -12.24
N THR A 115 1.76 43.38 -13.07
CA THR A 115 1.51 44.78 -12.76
C THR A 115 0.38 45.32 -13.62
N VAL A 116 -0.23 46.41 -13.13
CA VAL A 116 -1.35 47.05 -13.80
C VAL A 116 -1.11 48.56 -13.84
N ILE A 117 0.15 48.98 -13.70
CA ILE A 117 0.50 50.39 -13.73
C ILE A 117 1.32 50.66 -14.99
N VAL A 118 0.86 51.62 -15.80
CA VAL A 118 1.50 51.96 -17.07
C VAL A 118 2.56 53.03 -16.82
N GLY A 119 3.72 52.90 -17.46
CA GLY A 119 4.75 53.90 -17.35
C GLY A 119 5.22 54.15 -15.94
N LEU A 120 5.72 53.10 -15.27
CA LEU A 120 6.22 53.22 -13.91
C LEU A 120 7.65 53.75 -13.85
N ASP A 121 8.32 53.91 -15.00
CA ASP A 121 9.66 54.49 -15.04
C ASP A 121 9.71 55.81 -14.29
N GLU A 122 8.82 56.74 -14.65
CA GLU A 122 8.81 58.08 -14.08
C GLU A 122 7.93 58.20 -12.85
N LEU A 123 7.33 57.11 -12.37
CA LEU A 123 6.60 57.18 -11.11
C LEU A 123 7.57 57.57 -9.99
N PRO A 124 7.06 58.11 -8.88
CA PRO A 124 7.95 58.51 -7.78
C PRO A 124 8.85 57.37 -7.32
N LYS A 125 10.01 57.73 -6.80
CA LYS A 125 10.99 56.75 -6.34
C LYS A 125 10.68 56.25 -4.93
N ALA A 126 9.54 56.66 -4.38
CA ALA A 126 9.07 56.22 -3.08
C ALA A 126 8.05 55.09 -3.20
N ILE A 127 7.08 55.23 -4.10
CA ILE A 127 6.15 54.14 -4.39
C ILE A 127 6.88 53.02 -5.13
N LEU A 128 7.96 53.36 -5.84
CA LEU A 128 8.74 52.37 -6.57
C LEU A 128 9.54 51.47 -5.65
N PHE A 129 9.86 51.94 -4.45
CA PHE A 129 10.51 51.10 -3.45
C PHE A 129 9.52 50.18 -2.77
N TYR A 130 8.29 50.64 -2.54
CA TYR A 130 7.30 49.87 -1.81
C TYR A 130 6.87 48.62 -2.57
N ARG A 131 6.75 48.72 -3.90
CA ARG A 131 6.40 47.55 -4.69
C ARG A 131 7.45 46.45 -4.52
N GLN A 132 8.72 46.81 -4.69
CA GLN A 132 9.80 45.83 -4.56
C GLN A 132 9.96 45.36 -3.12
N PHE A 133 9.67 46.23 -2.16
CA PHE A 133 9.76 45.86 -0.76
C PHE A 133 8.71 44.81 -0.41
N LEU A 134 7.50 44.96 -0.94
CA LEU A 134 6.45 43.97 -0.69
C LEU A 134 6.79 42.62 -1.29
N GLN A 135 7.50 42.58 -2.41
CA GLN A 135 7.96 41.30 -2.94
C GLN A 135 8.98 40.67 -2.00
N TRP A 136 9.85 41.49 -1.44
CA TRP A 136 10.83 41.02 -0.47
C TRP A 136 10.13 40.41 0.74
N PHE A 137 9.11 41.10 1.24
CA PHE A 137 8.37 40.63 2.41
C PHE A 137 7.66 39.32 2.12
N GLY A 138 6.97 39.24 0.98
CA GLY A 138 6.41 37.97 0.57
C GLY A 138 7.46 36.96 0.14
N GLY A 139 8.65 37.44 -0.23
CA GLY A 139 9.75 36.52 -0.47
C GLY A 139 10.16 35.81 0.80
N MET A 140 10.35 36.56 1.88
CA MET A 140 10.65 35.95 3.18
C MET A 140 9.50 35.11 3.67
N GLY A 141 8.26 35.57 3.43
CA GLY A 141 7.10 34.86 3.98
C GLY A 141 7.02 33.43 3.51
N ILE A 142 7.20 33.21 2.21
CA ILE A 142 7.10 31.86 1.68
C ILE A 142 8.18 30.98 2.30
N ILE A 143 9.40 31.52 2.48
CA ILE A 143 10.51 30.72 3.00
C ILE A 143 10.19 30.21 4.39
N VAL A 144 9.77 31.09 5.31
CA VAL A 144 9.52 30.63 6.67
C VAL A 144 8.39 29.62 6.64
N LEU A 145 7.38 29.89 5.81
CA LEU A 145 6.22 29.01 5.74
C LEU A 145 6.57 27.67 5.11
N ALA A 146 7.19 27.69 3.93
CA ALA A 146 7.44 26.46 3.19
C ALA A 146 8.38 25.52 3.95
N VAL A 147 9.48 26.05 4.48
CA VAL A 147 10.42 25.21 5.20
C VAL A 147 9.89 24.77 6.57
N ALA A 148 9.07 25.60 7.23
CA ALA A 148 8.78 25.35 8.65
C ALA A 148 7.31 25.15 8.98
N ILE A 149 6.51 26.23 9.02
CA ILE A 149 5.13 26.09 9.47
C ILE A 149 4.33 25.21 8.50
N LEU A 150 4.51 25.40 7.19
CA LEU A 150 3.70 24.66 6.23
C LEU A 150 3.93 23.15 6.23
N PRO A 151 5.19 22.65 6.33
CA PRO A 151 5.36 21.18 6.24
C PRO A 151 4.62 20.45 7.34
N VAL A 152 4.68 21.00 8.57
CA VAL A 152 3.96 20.41 9.69
C VAL A 152 2.49 20.23 9.30
N LEU A 153 1.94 21.24 8.62
CA LEU A 153 0.52 21.25 8.29
C LEU A 153 0.14 20.02 7.48
N GLY A 154 0.96 19.66 6.50
CA GLY A 154 0.74 18.47 5.68
C GLY A 154 0.73 18.76 4.20
N ILE A 155 1.10 19.98 3.81
CA ILE A 155 1.22 20.35 2.41
C ILE A 155 2.60 20.94 2.20
N GLY A 156 3.63 20.30 2.77
CA GLY A 156 4.94 20.92 2.77
C GLY A 156 5.52 21.13 1.38
N GLY A 157 5.39 20.13 0.51
CA GLY A 157 6.04 20.15 -0.77
C GLY A 157 7.49 20.59 -0.67
N MET A 158 8.25 19.98 0.24
CA MET A 158 9.70 20.21 0.40
C MET A 158 10.42 18.88 0.55
N GLN A 159 11.15 18.46 -0.50
CA GLN A 159 11.83 17.14 -0.55
C GLN A 159 10.77 16.08 -0.20
N LEU A 160 11.01 15.20 0.77
CA LEU A 160 9.96 14.28 1.22
C LEU A 160 9.11 14.96 2.30
N TYR A 161 8.45 16.02 1.84
CA TYR A 161 7.69 16.94 2.69
C TYR A 161 6.71 16.31 3.66
N ARG A 162 5.98 15.27 3.23
CA ARG A 162 4.67 15.03 3.85
C ARG A 162 4.77 15.11 5.36
N ALA A 163 3.92 15.94 5.96
CA ALA A 163 3.89 16.20 7.40
C ALA A 163 5.29 16.09 8.02
N GLU A 164 5.79 14.87 8.17
CA GLU A 164 7.10 14.61 8.78
C GLU A 164 8.19 14.88 7.75
N ILE A 165 8.96 15.95 7.95
CA ILE A 165 10.10 16.30 7.10
C ILE A 165 11.01 17.25 7.86
N PRO A 166 11.60 16.80 8.97
CA PRO A 166 12.00 17.76 10.00
C PRO A 166 13.41 18.29 9.74
N GLY A 167 13.52 19.17 8.75
CA GLY A 167 14.77 19.81 8.40
C GLY A 167 15.58 19.16 7.30
N PRO A 168 15.23 17.94 6.88
CA PRO A 168 15.85 17.22 5.75
C PRO A 168 17.33 17.00 6.06
N VAL A 169 18.26 17.40 5.18
CA VAL A 169 19.69 17.19 5.37
C VAL A 169 20.21 18.02 6.53
N LYS A 170 21.21 17.46 7.22
CA LYS A 170 21.80 18.06 8.42
C LYS A 170 20.73 18.68 9.30
N ASP A 171 19.67 17.91 9.52
CA ASP A 171 18.59 18.27 10.43
C ASP A 171 18.97 17.77 11.81
N THR A 172 19.68 18.63 12.55
CA THR A 172 20.02 18.40 13.94
C THR A 172 19.27 19.41 14.78
N LYS A 173 18.89 19.01 15.99
CA LYS A 173 18.04 19.81 16.85
C LYS A 173 16.69 19.87 16.15
N MET A 174 16.29 21.05 15.71
CA MET A 174 15.06 21.37 14.98
C MET A 174 13.87 21.44 15.93
N THR A 175 14.10 21.33 17.25
CA THR A 175 12.99 21.45 18.19
C THR A 175 12.31 22.80 18.10
N PRO A 176 13.03 23.93 17.98
CA PRO A 176 12.33 25.21 17.77
C PRO A 176 11.98 25.33 16.29
N ARG A 177 10.75 25.72 16.00
CA ARG A 177 10.28 25.77 14.62
C ARG A 177 9.73 27.17 14.39
N ILE A 178 9.55 27.50 13.11
CA ILE A 178 9.34 28.89 12.62
C ILE A 178 10.37 29.83 13.25
N ALA A 179 10.44 29.85 14.58
CA ALA A 179 11.37 30.72 15.30
C ALA A 179 12.83 30.33 15.15
N GLU A 180 13.16 29.05 14.91
CA GLU A 180 14.55 28.74 14.59
C GLU A 180 14.75 28.60 13.09
N THR A 181 13.76 28.99 12.30
CA THR A 181 13.84 29.04 10.85
C THR A 181 13.63 30.45 10.33
N ALA A 182 13.01 31.33 11.13
CA ALA A 182 12.87 32.72 10.73
C ALA A 182 14.16 33.49 10.99
N LYS A 183 14.89 33.11 12.05
CA LYS A 183 16.11 33.82 12.41
C LYS A 183 17.27 33.37 11.53
N ALA A 184 17.52 32.05 11.47
CA ALA A 184 18.66 31.54 10.71
C ALA A 184 18.53 31.78 9.22
N LEU A 185 17.32 31.63 8.66
CA LEU A 185 17.16 31.80 7.21
C LEU A 185 17.34 33.25 6.80
N TRP A 186 17.06 34.19 7.70
CA TRP A 186 17.21 35.61 7.37
C TRP A 186 18.64 35.93 6.95
N TYR A 187 19.63 35.34 7.62
CA TYR A 187 21.01 35.60 7.25
C TYR A 187 21.30 35.21 5.81
N ILE A 188 20.81 34.03 5.38
CA ILE A 188 20.97 33.67 3.98
C ILE A 188 20.24 34.68 3.11
N TYR A 189 19.04 35.07 3.54
CA TYR A 189 18.22 36.01 2.78
C TYR A 189 18.94 37.34 2.63
N LEU A 190 19.42 37.91 3.75
CA LEU A 190 20.10 39.20 3.69
C LEU A 190 21.45 39.09 3.00
N SER A 191 22.23 38.04 3.31
CA SER A 191 23.54 37.85 2.68
C SER A 191 23.43 37.54 1.20
N LEU A 192 22.25 37.16 0.71
CA LEU A 192 22.04 36.96 -0.71
C LEU A 192 21.55 38.23 -1.41
N THR A 193 20.69 39.00 -0.73
CA THR A 193 20.18 40.25 -1.31
C THR A 193 21.30 41.27 -1.48
N ILE A 194 22.14 41.44 -0.45
CA ILE A 194 23.24 42.41 -0.54
C ILE A 194 24.23 41.99 -1.62
N ALA A 195 24.58 40.71 -1.68
CA ALA A 195 25.57 40.24 -2.64
C ALA A 195 25.17 40.64 -4.06
N CYS A 196 23.92 40.37 -4.43
CA CYS A 196 23.45 40.81 -5.75
C CYS A 196 23.35 42.33 -5.81
N ALA A 197 22.91 42.97 -4.73
CA ALA A 197 22.70 44.41 -4.73
C ALA A 197 23.99 45.17 -5.05
N VAL A 198 25.09 44.82 -4.36
CA VAL A 198 26.37 45.46 -4.66
C VAL A 198 26.89 44.97 -6.01
N ALA A 199 26.54 43.75 -6.40
CA ALA A 199 26.91 43.25 -7.72
C ALA A 199 26.30 44.09 -8.83
N PHE A 200 25.05 44.53 -8.65
CA PHE A 200 24.44 45.43 -9.63
C PHE A 200 25.12 46.79 -9.62
N TRP A 201 25.52 47.26 -8.45
CA TRP A 201 26.35 48.46 -8.39
C TRP A 201 27.66 48.27 -9.14
N LEU A 202 28.27 47.09 -9.02
CA LEU A 202 29.46 46.78 -9.79
C LEU A 202 29.16 46.54 -11.27
N ALA A 203 27.89 46.25 -11.59
CA ALA A 203 27.47 46.29 -12.99
C ALA A 203 27.34 47.72 -13.49
N GLY A 204 26.94 48.64 -12.62
CA GLY A 204 27.03 50.06 -12.93
C GLY A 204 25.78 50.85 -12.63
N MET A 205 24.68 50.17 -12.34
CA MET A 205 23.43 50.93 -12.27
C MET A 205 23.29 51.62 -10.90
N THR A 206 22.32 52.54 -10.85
CA THR A 206 22.11 53.40 -9.70
C THR A 206 21.87 52.56 -8.44
N PRO A 207 22.16 53.11 -7.26
CA PRO A 207 21.90 52.35 -6.02
C PRO A 207 20.47 51.83 -5.95
N PHE A 208 19.51 52.70 -6.24
CA PHE A 208 18.09 52.33 -6.14
C PHE A 208 17.81 51.11 -7.02
N ASP A 209 18.00 51.24 -8.33
CA ASP A 209 17.81 50.10 -9.23
C ASP A 209 18.70 48.92 -8.84
N ALA A 210 19.87 49.20 -8.28
CA ALA A 210 20.73 48.10 -7.85
C ALA A 210 20.09 47.34 -6.70
N ILE A 211 19.56 48.07 -5.71
CA ILE A 211 18.99 47.46 -4.52
C ILE A 211 17.56 46.97 -4.81
N SER A 212 16.69 47.88 -5.27
CA SER A 212 15.29 47.52 -5.41
C SER A 212 15.05 46.47 -6.48
N HIS A 213 16.06 46.13 -7.27
CA HIS A 213 15.99 44.96 -8.14
C HIS A 213 16.58 43.72 -7.48
N SER A 214 17.31 43.88 -6.38
CA SER A 214 17.74 42.73 -5.60
C SER A 214 16.59 42.18 -4.76
N PHE A 215 15.78 43.06 -4.17
CA PHE A 215 14.56 42.63 -3.49
C PHE A 215 13.68 41.79 -4.38
N SER A 216 13.80 41.94 -5.70
CA SER A 216 12.92 41.31 -6.67
C SER A 216 13.45 40.00 -7.23
N THR A 217 14.75 39.93 -7.61
CA THR A 217 15.28 38.67 -8.09
C THR A 217 15.35 37.61 -6.98
N ILE A 218 15.81 37.99 -5.78
CA ILE A 218 15.95 37.02 -4.69
C ILE A 218 14.59 36.48 -4.27
N ALA A 219 13.57 37.35 -4.25
CA ALA A 219 12.24 36.92 -3.85
C ALA A 219 11.47 36.29 -5.00
N ILE A 220 12.15 36.09 -6.13
CA ILE A 220 11.67 35.43 -7.34
C ILE A 220 10.38 36.13 -7.78
N GLY A 221 10.39 37.46 -7.69
CA GLY A 221 9.18 38.19 -7.99
C GLY A 221 8.96 38.58 -9.43
N GLY A 222 9.94 39.26 -10.02
CA GLY A 222 9.82 39.73 -11.38
C GLY A 222 9.41 41.17 -11.54
N PHE A 223 9.33 41.94 -10.46
CA PHE A 223 8.98 43.35 -10.60
C PHE A 223 10.17 44.12 -11.19
N SER A 224 9.92 45.41 -11.40
CA SER A 224 10.91 46.28 -12.00
C SER A 224 10.53 47.71 -11.66
N THR A 225 11.53 48.58 -11.72
CA THR A 225 11.29 50.01 -11.70
C THR A 225 11.28 50.57 -13.11
N HIS A 226 11.43 49.69 -14.12
CA HIS A 226 11.34 50.05 -15.52
C HIS A 226 10.31 49.16 -16.18
N ASP A 227 9.57 49.72 -17.15
CA ASP A 227 8.53 48.96 -17.85
C ASP A 227 9.10 47.66 -18.41
N ALA A 228 10.23 47.74 -19.10
CA ALA A 228 10.97 46.56 -19.51
C ALA A 228 11.90 46.13 -18.38
N SER A 229 11.89 44.84 -18.06
CA SER A 229 12.51 44.30 -16.86
C SER A 229 14.02 44.57 -16.85
N MET A 230 14.75 43.89 -17.73
CA MET A 230 16.21 44.01 -17.79
C MET A 230 16.68 44.34 -19.20
N GLY A 231 15.78 44.88 -20.02
CA GLY A 231 16.16 45.49 -21.27
C GLY A 231 16.53 46.95 -21.13
N TYR A 232 16.36 47.49 -19.91
CA TYR A 232 16.78 48.85 -19.63
C TYR A 232 18.27 49.02 -19.88
N PHE A 233 19.05 47.96 -19.66
CA PHE A 233 20.48 47.96 -19.86
C PHE A 233 20.83 46.56 -20.37
N ASP A 234 20.90 46.39 -21.69
CA ASP A 234 21.14 45.07 -22.28
C ASP A 234 22.61 44.67 -22.15
N SER A 235 23.04 44.53 -20.89
CA SER A 235 24.43 44.21 -20.57
C SER A 235 24.49 42.78 -20.03
N TYR A 236 25.40 41.99 -20.61
CA TYR A 236 25.53 40.58 -20.27
C TYR A 236 25.76 40.37 -18.78
N ALA A 237 26.44 41.32 -18.13
CA ALA A 237 26.75 41.15 -16.72
C ALA A 237 25.49 41.15 -15.88
N ILE A 238 24.64 42.17 -16.06
CA ILE A 238 23.41 42.28 -15.30
C ILE A 238 22.56 41.04 -15.55
N ASN A 239 22.47 40.60 -16.81
CA ASN A 239 21.75 39.37 -17.11
C ASN A 239 22.43 38.20 -16.44
N LEU A 240 23.76 38.12 -16.57
CA LEU A 240 24.47 36.97 -16.03
C LEU A 240 24.50 36.99 -14.51
N ILE A 241 24.24 38.14 -13.90
CA ILE A 241 24.09 38.17 -12.45
C ILE A 241 22.66 37.79 -12.09
N THR A 242 21.69 38.34 -12.84
CA THR A 242 20.29 38.01 -12.61
C THR A 242 20.02 36.53 -12.89
N VAL A 243 20.74 35.94 -13.85
CA VAL A 243 20.62 34.51 -14.08
C VAL A 243 21.14 33.72 -12.88
N VAL A 244 22.36 34.04 -12.43
CA VAL A 244 23.00 33.24 -11.39
C VAL A 244 22.34 33.48 -10.02
N PHE A 245 21.75 34.66 -9.82
CA PHE A 245 21.06 34.92 -8.55
C PHE A 245 19.60 34.48 -8.55
N LEU A 246 19.10 33.98 -9.67
CA LEU A 246 17.82 33.27 -9.68
C LEU A 246 18.02 31.77 -9.53
N LEU A 247 19.05 31.21 -10.17
CA LEU A 247 19.38 29.81 -9.98
C LEU A 247 19.79 29.52 -8.54
N ILE A 248 20.57 30.42 -7.93
CA ILE A 248 21.01 30.22 -6.55
C ILE A 248 19.83 30.39 -5.59
N SER A 249 18.93 31.33 -5.88
CA SER A 249 17.80 31.58 -4.99
C SER A 249 16.63 30.63 -5.21
N ALA A 250 16.62 29.90 -6.32
CA ALA A 250 15.50 29.01 -6.64
C ALA A 250 15.60 27.67 -5.93
N CYS A 251 16.80 27.26 -5.52
CA CYS A 251 16.95 25.91 -5.00
C CYS A 251 16.57 25.89 -3.52
N ASN A 252 16.49 24.67 -2.99
CA ASN A 252 16.06 24.44 -1.61
C ASN A 252 16.90 25.24 -0.63
N PHE A 253 16.24 26.03 0.23
CA PHE A 253 16.97 26.81 1.21
C PHE A 253 17.49 25.94 2.34
N THR A 254 16.80 24.82 2.61
CA THR A 254 17.35 23.82 3.51
C THR A 254 18.63 23.21 2.97
N LEU A 255 18.92 23.41 1.68
CA LEU A 255 20.22 23.07 1.13
C LEU A 255 21.18 24.24 1.17
N HIS A 256 20.65 25.47 1.14
CA HIS A 256 21.44 26.65 1.46
C HIS A 256 21.82 26.69 2.93
N PHE A 257 21.28 25.76 3.73
CA PHE A 257 21.73 25.56 5.09
C PHE A 257 22.99 24.71 5.15
N ALA A 258 23.64 24.49 4.00
CA ALA A 258 24.94 23.83 3.91
C ALA A 258 26.11 24.78 4.08
N ALA A 259 25.84 26.05 4.40
CA ALA A 259 26.89 27.03 4.66
C ALA A 259 26.97 27.48 6.11
N PHE A 260 25.87 27.44 6.84
CA PHE A 260 25.84 27.85 8.24
C PHE A 260 26.10 26.71 9.22
N ALA A 261 26.44 25.52 8.73
CA ALA A 261 26.74 24.37 9.57
C ALA A 261 28.19 23.94 9.33
N SER A 262 29.10 24.50 10.12
CA SER A 262 30.52 24.17 10.09
C SER A 262 31.16 24.51 8.73
N GLY A 263 30.86 25.71 8.24
CA GLY A 263 31.56 26.26 7.10
C GLY A 263 31.16 25.64 5.76
N GLY A 264 31.97 25.97 4.75
CA GLY A 264 31.62 25.68 3.37
C GLY A 264 31.94 24.28 2.88
N VAL A 265 31.01 23.35 3.13
CA VAL A 265 31.14 21.98 2.67
C VAL A 265 30.03 21.72 1.65
N HIS A 266 29.79 22.70 0.78
CA HIS A 266 28.62 22.76 -0.10
C HIS A 266 28.45 21.50 -0.95
N PRO A 267 29.36 21.22 -1.90
CA PRO A 267 29.02 20.30 -3.02
C PRO A 267 28.39 18.97 -2.62
N LYS A 268 28.79 18.39 -1.48
CA LYS A 268 28.18 17.12 -1.06
C LYS A 268 26.71 17.31 -0.73
N TYR A 269 26.37 18.36 0.04
CA TYR A 269 24.98 18.61 0.41
C TYR A 269 24.13 18.87 -0.82
N TYR A 270 24.64 19.70 -1.73
CA TYR A 270 23.86 20.09 -2.91
C TYR A 270 23.61 18.90 -3.83
N TRP A 271 24.67 18.31 -4.37
CA TRP A 271 24.50 17.37 -5.47
C TRP A 271 23.82 16.08 -5.05
N LYS A 272 23.90 15.70 -3.77
CA LYS A 272 23.26 14.47 -3.31
C LYS A 272 21.78 14.67 -3.01
N ASP A 273 21.23 15.85 -3.30
CA ASP A 273 19.80 16.07 -3.23
C ASP A 273 19.17 15.92 -4.60
N PRO A 274 18.31 14.94 -4.83
CA PRO A 274 17.79 14.69 -6.19
C PRO A 274 17.01 15.85 -6.78
N GLU A 275 16.45 16.73 -5.94
CA GLU A 275 15.71 17.87 -6.47
C GLU A 275 16.66 18.83 -7.18
N PHE A 276 17.82 19.11 -6.57
CA PHE A 276 18.81 19.97 -7.20
C PHE A 276 19.45 19.30 -8.40
N ARG A 277 19.58 17.97 -8.36
CA ARG A 277 20.10 17.21 -9.49
C ARG A 277 19.14 17.22 -10.67
N ALA A 278 17.86 17.44 -10.42
CA ALA A 278 16.86 17.57 -11.48
C ALA A 278 16.57 19.03 -11.82
N PHE A 279 16.78 19.94 -10.88
CA PHE A 279 16.69 21.37 -11.18
C PHE A 279 17.70 21.79 -12.24
N ILE A 280 18.90 21.22 -12.19
CA ILE A 280 19.94 21.56 -13.18
C ILE A 280 19.56 21.02 -14.55
N PHE A 281 19.26 19.71 -14.62
CA PHE A 281 18.97 19.10 -15.92
C PHE A 281 17.77 19.74 -16.58
N ILE A 282 16.70 20.00 -15.82
CA ILE A 282 15.52 20.66 -16.38
C ILE A 282 15.88 22.08 -16.82
N GLN A 283 16.75 22.75 -16.05
CA GLN A 283 17.14 24.11 -16.41
C GLN A 283 18.06 24.13 -17.63
N VAL A 284 18.96 23.15 -17.72
CA VAL A 284 19.89 23.08 -18.85
C VAL A 284 19.16 22.68 -20.12
N LEU A 285 18.45 21.56 -20.08
CA LEU A 285 17.71 21.09 -21.25
C LEU A 285 16.76 22.15 -21.79
N LEU A 286 16.15 22.94 -20.91
CA LEU A 286 15.30 24.03 -21.36
C LEU A 286 16.10 25.04 -22.14
N PHE A 287 17.06 25.70 -21.49
CA PHE A 287 17.89 26.68 -22.19
C PHE A 287 18.60 26.06 -23.38
N LEU A 288 18.99 24.78 -23.27
CA LEU A 288 19.70 24.14 -24.37
C LEU A 288 18.81 24.07 -25.61
N VAL A 289 17.56 23.61 -25.43
CA VAL A 289 16.64 23.52 -26.55
C VAL A 289 16.11 24.90 -26.95
N CYS A 290 15.98 25.84 -25.99
CA CYS A 290 15.56 27.20 -26.33
C CYS A 290 16.67 27.98 -27.02
N PHE A 291 17.89 27.48 -27.00
CA PHE A 291 19.02 28.06 -27.72
C PHE A 291 19.13 27.51 -29.14
N LEU A 292 19.06 26.19 -29.31
CA LEU A 292 19.18 25.61 -30.64
C LEU A 292 18.05 26.07 -31.54
N LEU A 293 16.88 26.36 -30.98
CA LEU A 293 15.78 26.86 -31.78
C LEU A 293 15.99 28.32 -32.16
N LEU A 294 16.79 29.06 -31.40
CA LEU A 294 17.12 30.43 -31.77
C LEU A 294 18.23 30.48 -32.81
N LEU A 295 19.22 29.58 -32.69
CA LEU A 295 20.32 29.58 -33.65
C LEU A 295 19.85 29.11 -35.02
N LYS A 296 18.94 28.13 -35.05
CA LYS A 296 18.43 27.65 -36.32
C LYS A 296 17.51 28.68 -36.96
N HIS A 297 16.97 29.61 -36.19
CA HIS A 297 16.05 30.62 -36.69
C HIS A 297 16.71 31.95 -37.01
N HIS A 298 17.98 32.13 -36.64
CA HIS A 298 18.67 33.42 -36.80
C HIS A 298 17.79 34.55 -36.26
N SER A 299 17.30 34.36 -35.04
CA SER A 299 16.49 35.40 -34.42
C SER A 299 17.36 36.57 -33.97
N TYR A 300 18.62 36.31 -33.67
CA TYR A 300 19.54 37.33 -33.20
C TYR A 300 20.83 37.27 -34.01
N THR A 301 21.42 38.44 -34.26
CA THR A 301 22.48 38.57 -35.24
C THR A 301 23.74 37.82 -34.80
N SER A 302 24.11 37.95 -33.53
CA SER A 302 25.32 37.33 -33.02
C SER A 302 24.97 36.30 -31.95
N PRO A 303 25.47 35.08 -32.05
CA PRO A 303 25.09 34.03 -31.09
C PRO A 303 25.43 34.36 -29.64
N TYR A 304 26.11 35.46 -29.36
CA TYR A 304 26.30 35.85 -27.97
C TYR A 304 25.02 36.46 -27.40
N ASP A 305 24.36 37.32 -28.17
CA ASP A 305 23.06 37.84 -27.77
C ASP A 305 22.04 36.73 -27.62
N ALA A 306 21.99 35.82 -28.60
CA ALA A 306 21.05 34.70 -28.52
C ALA A 306 21.29 33.92 -27.25
N PHE A 307 22.57 33.63 -26.96
CA PHE A 307 22.92 32.99 -25.70
C PHE A 307 22.45 33.83 -24.52
N ASP A 308 22.72 35.14 -24.57
CA ASP A 308 22.32 36.04 -23.49
C ASP A 308 20.80 36.04 -23.33
N GLN A 309 20.07 36.25 -24.43
CA GLN A 309 18.63 36.39 -24.36
C GLN A 309 17.97 35.08 -23.94
N ALA A 310 18.38 33.97 -24.55
CA ALA A 310 17.79 32.67 -24.23
C ALA A 310 18.09 32.27 -22.80
N LEU A 311 19.38 32.14 -22.46
CA LEU A 311 19.79 31.67 -21.14
C LEU A 311 19.18 32.51 -20.02
N PHE A 312 18.71 33.71 -20.31
CA PHE A 312 18.03 34.50 -19.31
C PHE A 312 16.54 34.19 -19.29
N GLN A 313 15.93 33.99 -20.47
CA GLN A 313 14.48 33.82 -20.54
C GLN A 313 14.04 32.45 -20.01
N THR A 314 14.82 31.40 -20.27
CA THR A 314 14.44 30.09 -19.75
C THR A 314 14.59 30.06 -18.23
N VAL A 315 15.58 30.79 -17.69
CA VAL A 315 15.85 30.81 -16.26
C VAL A 315 15.12 31.96 -15.56
N SER A 316 14.45 32.83 -16.30
CA SER A 316 13.57 33.80 -15.67
C SER A 316 12.10 33.41 -15.77
N ILE A 317 11.77 32.41 -16.60
CA ILE A 317 10.41 31.96 -16.75
C ILE A 317 10.17 30.59 -16.14
N SER A 318 11.15 29.68 -16.16
CA SER A 318 10.99 28.37 -15.56
C SER A 318 11.38 28.34 -14.10
N THR A 319 11.87 29.45 -13.57
CA THR A 319 12.08 29.61 -12.14
C THR A 319 10.97 30.47 -11.55
N THR A 320 9.96 30.81 -12.34
CA THR A 320 8.81 31.60 -11.94
C THR A 320 9.21 33.05 -11.68
N ALA A 321 10.40 33.46 -12.13
CA ALA A 321 10.88 34.81 -11.85
C ALA A 321 10.03 35.84 -12.58
N GLY A 322 9.77 35.63 -13.86
CA GLY A 322 8.92 36.55 -14.59
C GLY A 322 9.57 37.78 -15.17
N PHE A 323 10.88 37.77 -15.40
CA PHE A 323 11.56 38.91 -15.98
C PHE A 323 11.59 38.78 -17.49
N THR A 324 11.38 39.91 -18.17
CA THR A 324 11.35 39.97 -19.62
C THR A 324 12.44 40.93 -20.04
N THR A 325 13.50 40.40 -20.65
CA THR A 325 14.54 41.20 -21.27
C THR A 325 14.46 41.12 -22.79
N THR A 326 13.26 40.89 -23.31
CA THR A 326 13.05 40.80 -24.75
C THR A 326 11.56 41.00 -25.02
N GLY A 327 11.22 40.94 -26.31
CA GLY A 327 9.86 41.12 -26.75
C GLY A 327 9.40 39.95 -27.59
N PHE A 328 10.18 38.86 -27.57
CA PHE A 328 9.89 37.66 -28.39
C PHE A 328 9.60 38.03 -29.84
N ALA A 329 10.23 39.10 -30.32
CA ALA A 329 9.98 39.58 -31.67
C ALA A 329 10.37 38.55 -32.71
N ASP A 330 11.65 38.17 -32.74
CA ASP A 330 12.17 37.21 -33.71
C ASP A 330 12.00 35.77 -33.26
N TRP A 331 11.45 35.54 -32.08
CA TRP A 331 11.16 34.21 -31.56
C TRP A 331 9.92 33.62 -32.22
N PRO A 332 9.93 32.32 -32.51
CA PRO A 332 8.73 31.67 -33.03
C PRO A 332 7.58 31.81 -32.04
N LEU A 333 6.35 31.86 -32.56
CA LEU A 333 5.17 31.85 -31.67
C LEU A 333 5.27 30.69 -30.71
N PHE A 334 5.88 29.60 -31.17
CA PHE A 334 5.98 28.33 -30.51
C PHE A 334 7.02 28.34 -29.37
N LEU A 335 7.69 29.48 -29.12
CA LEU A 335 8.66 29.56 -28.03
C LEU A 335 8.05 30.13 -26.75
N PRO A 336 7.29 31.23 -26.81
CA PRO A 336 6.63 31.71 -25.57
C PRO A 336 5.66 30.70 -24.99
N VAL A 337 5.03 29.88 -25.83
CA VAL A 337 4.13 28.84 -25.32
C VAL A 337 4.92 27.78 -24.57
N LEU A 338 6.00 27.28 -25.18
CA LEU A 338 6.82 26.28 -24.51
C LEU A 338 7.37 26.81 -23.18
N LEU A 339 7.82 28.07 -23.18
CA LEU A 339 8.32 28.68 -21.96
C LEU A 339 7.21 28.79 -20.92
N LEU A 340 5.99 29.09 -21.36
CA LEU A 340 4.87 29.18 -20.43
C LEU A 340 4.54 27.82 -19.82
N PHE A 341 4.64 26.74 -20.61
CA PHE A 341 4.44 25.41 -20.05
C PHE A 341 5.53 25.05 -19.05
N SER A 342 6.74 25.58 -19.26
CA SER A 342 7.84 25.37 -18.35
C SER A 342 7.66 26.14 -17.05
N SER A 343 6.73 27.08 -17.02
CA SER A 343 6.43 27.82 -15.78
C SER A 343 5.88 26.90 -14.71
N PHE A 344 5.13 25.85 -15.11
CA PHE A 344 4.58 24.94 -14.11
C PHE A 344 5.68 24.24 -13.35
N ILE A 345 6.82 24.00 -14.00
CA ILE A 345 7.99 23.43 -13.32
C ILE A 345 8.70 24.57 -12.63
N GLY A 346 8.19 25.03 -11.50
CA GLY A 346 8.74 26.20 -10.86
C GLY A 346 10.01 25.84 -10.11
N GLY A 347 10.45 26.78 -9.28
CA GLY A 347 11.72 26.61 -8.60
C GLY A 347 11.68 25.44 -7.64
N CYS A 348 12.85 25.06 -7.14
CA CYS A 348 12.90 23.90 -6.26
C CYS A 348 12.12 24.20 -4.99
N ALA A 349 11.59 23.14 -4.39
CA ALA A 349 10.74 23.28 -3.23
C ALA A 349 11.55 23.84 -2.05
N GLY A 350 10.85 24.47 -1.12
CA GLY A 350 11.53 25.10 0.00
C GLY A 350 12.12 26.45 -0.34
N SER A 351 11.84 26.95 -1.53
CA SER A 351 12.35 28.22 -2.02
C SER A 351 11.20 29.02 -2.59
N THR A 352 11.45 30.30 -2.84
CA THR A 352 10.48 31.14 -3.53
C THR A 352 10.34 30.59 -4.95
N GLY A 353 9.16 30.11 -5.31
CA GLY A 353 9.04 29.41 -6.57
C GLY A 353 7.61 29.23 -7.01
N GLY A 354 7.45 28.67 -8.22
CA GLY A 354 6.15 28.50 -8.84
C GLY A 354 5.44 27.22 -8.48
N GLY A 355 4.53 26.80 -9.35
CA GLY A 355 3.43 25.94 -8.93
C GLY A 355 3.75 24.48 -8.63
N MET A 356 4.18 23.72 -9.63
CA MET A 356 4.50 22.31 -9.45
C MET A 356 6.02 22.23 -9.34
N LYS A 357 6.51 22.30 -8.11
CA LYS A 357 7.96 22.35 -7.93
C LYS A 357 8.61 21.11 -8.51
N VAL A 358 9.93 21.19 -8.71
CA VAL A 358 10.68 20.16 -9.43
C VAL A 358 10.31 18.77 -8.92
N ILE A 359 10.20 18.60 -7.59
CA ILE A 359 9.86 17.29 -7.06
C ILE A 359 8.50 16.86 -7.56
N ARG A 360 7.49 17.72 -7.45
CA ARG A 360 6.17 17.38 -7.96
C ARG A 360 6.29 16.91 -9.40
N ILE A 361 7.15 17.54 -10.18
CA ILE A 361 7.37 17.12 -11.56
C ILE A 361 8.30 15.90 -11.58
N LEU A 362 9.32 15.91 -10.72
CA LEU A 362 10.25 14.78 -10.63
C LEU A 362 9.50 13.53 -10.19
N LEU A 363 8.77 13.63 -9.08
CA LEU A 363 7.90 12.54 -8.66
C LEU A 363 6.94 12.16 -9.78
N LEU A 364 6.40 13.15 -10.49
CA LEU A 364 5.43 12.84 -11.54
C LEU A 364 6.08 12.09 -12.69
N THR A 365 7.29 12.49 -13.10
CA THR A 365 7.97 11.80 -14.19
C THR A 365 8.41 10.41 -13.74
N LEU A 366 8.92 10.29 -12.51
CA LEU A 366 9.29 9.00 -11.96
C LEU A 366 8.11 8.03 -11.98
N GLN A 367 7.01 8.40 -11.33
CA GLN A 367 5.86 7.52 -11.18
C GLN A 367 5.19 7.21 -12.51
N GLY A 368 5.15 8.19 -13.41
CA GLY A 368 4.48 7.99 -14.68
C GLY A 368 5.16 6.95 -15.56
N ALA A 369 6.48 6.80 -15.41
CA ALA A 369 7.21 5.79 -16.16
C ALA A 369 7.09 4.41 -15.53
N ARG A 370 7.00 4.35 -14.20
CA ARG A 370 6.75 3.07 -13.54
C ARG A 370 5.45 2.43 -14.04
N GLU A 371 4.39 3.24 -14.17
CA GLU A 371 3.16 2.75 -14.75
C GLU A 371 3.34 2.31 -16.21
N LEU A 372 4.39 2.77 -16.88
CA LEU A 372 4.65 2.28 -18.23
C LEU A 372 5.37 0.94 -18.20
N LYS A 373 6.23 0.72 -17.20
CA LYS A 373 6.93 -0.55 -17.09
C LYS A 373 5.98 -1.67 -16.65
N ARG A 374 5.20 -1.43 -15.58
CA ARG A 374 4.29 -2.45 -15.07
C ARG A 374 3.36 -2.99 -16.14
N LEU A 375 3.10 -2.22 -17.19
CA LEU A 375 2.19 -2.68 -18.24
C LEU A 375 2.72 -3.93 -18.93
N VAL A 376 4.03 -4.14 -18.93
CA VAL A 376 4.65 -5.31 -19.54
C VAL A 376 4.97 -6.37 -18.48
N HIS A 377 5.41 -5.94 -17.29
CA HIS A 377 5.74 -6.84 -16.20
C HIS A 377 4.73 -6.61 -15.07
N PRO A 378 3.51 -7.14 -15.19
CA PRO A 378 2.48 -6.80 -14.20
C PRO A 378 2.78 -7.32 -12.82
N ARG A 379 3.46 -8.46 -12.74
CA ARG A 379 3.73 -9.14 -11.49
C ARG A 379 5.05 -8.71 -10.86
N ALA A 380 5.66 -7.64 -11.34
CA ALA A 380 6.90 -7.13 -10.77
C ALA A 380 6.60 -6.14 -9.65
N VAL A 381 7.59 -5.91 -8.80
CA VAL A 381 7.50 -4.97 -7.69
C VAL A 381 8.44 -3.81 -7.99
N TYR A 382 7.88 -2.60 -8.06
CA TYR A 382 8.62 -1.41 -8.41
C TYR A 382 8.54 -0.39 -7.28
N THR A 383 9.54 0.48 -7.23
CA THR A 383 9.63 1.50 -6.19
C THR A 383 10.13 2.79 -6.81
N ILE A 384 10.14 3.85 -6.00
CA ILE A 384 10.56 5.17 -6.43
C ILE A 384 11.96 5.45 -5.87
N LYS A 385 12.80 6.08 -6.69
CA LYS A 385 14.23 6.19 -6.47
C LYS A 385 14.65 7.50 -5.80
N VAL A 386 13.76 8.49 -5.71
CA VAL A 386 14.16 9.89 -5.56
C VAL A 386 15.22 10.05 -4.46
N GLY A 387 14.90 9.66 -3.23
CA GLY A 387 15.77 9.87 -2.10
C GLY A 387 16.70 8.69 -1.89
N GLY A 388 17.18 8.56 -0.65
CA GLY A 388 17.86 7.33 -0.27
C GLY A 388 16.91 6.14 -0.27
N SER A 389 15.78 6.29 0.43
CA SER A 389 14.75 5.27 0.50
C SER A 389 13.51 5.71 -0.26
N ALA A 390 12.82 4.74 -0.84
CA ALA A 390 11.62 5.00 -1.64
C ALA A 390 10.55 5.73 -0.83
N LEU A 391 9.66 6.39 -1.54
CA LEU A 391 8.66 7.23 -0.89
C LEU A 391 7.50 6.40 -0.34
N PRO A 392 6.87 6.87 0.74
CA PRO A 392 5.66 6.24 1.22
C PRO A 392 4.48 6.51 0.29
N GLN A 393 3.58 5.53 0.20
CA GLN A 393 2.42 5.67 -0.68
C GLN A 393 1.59 6.89 -0.36
N ARG A 394 1.75 7.45 0.84
CA ARG A 394 1.09 8.72 1.17
C ARG A 394 1.59 9.86 0.27
N VAL A 395 2.92 9.94 0.05
CA VAL A 395 3.50 11.04 -0.71
C VAL A 395 3.14 10.94 -2.19
N VAL A 396 3.27 9.73 -2.76
CA VAL A 396 2.89 9.54 -4.16
C VAL A 396 1.44 9.97 -4.36
N ASP A 397 0.58 9.69 -3.39
CA ASP A 397 -0.80 10.15 -3.44
C ASP A 397 -0.87 11.68 -3.32
N ALA A 398 0.02 12.27 -2.50
CA ALA A 398 -0.01 13.70 -2.26
C ALA A 398 0.53 14.52 -3.43
N VAL A 399 1.15 13.89 -4.42
CA VAL A 399 1.47 14.59 -5.66
C VAL A 399 0.34 14.46 -6.66
N TRP A 400 -0.20 13.24 -6.81
CA TRP A 400 -1.23 12.98 -7.81
C TRP A 400 -2.59 13.56 -7.42
N GLY A 401 -2.80 13.86 -6.14
CA GLY A 401 -3.97 14.65 -5.82
C GLY A 401 -3.73 16.13 -6.02
N PHE A 402 -2.46 16.54 -6.01
CA PHE A 402 -2.09 17.93 -6.22
C PHE A 402 -2.21 18.31 -7.69
N PHE A 403 -1.80 17.41 -8.59
CA PHE A 403 -2.01 17.62 -10.03
C PHE A 403 -3.50 17.71 -10.34
N SER A 404 -4.30 16.84 -9.72
CA SER A 404 -5.73 16.82 -9.96
C SER A 404 -6.36 18.13 -9.52
N ALA A 405 -6.09 18.54 -8.28
CA ALA A 405 -6.61 19.81 -7.78
C ALA A 405 -6.13 20.97 -8.64
N TYR A 406 -4.88 20.91 -9.11
CA TYR A 406 -4.31 21.98 -9.91
C TYR A 406 -5.08 22.18 -11.20
N ALA A 407 -5.24 21.11 -11.98
CA ALA A 407 -6.04 21.15 -13.20
C ALA A 407 -7.54 21.13 -12.92
N LEU A 408 -7.95 21.13 -11.65
CA LEU A 408 -9.34 21.39 -11.32
C LEU A 408 -9.57 22.88 -11.14
N VAL A 409 -8.65 23.57 -10.43
CA VAL A 409 -8.75 25.01 -10.25
C VAL A 409 -8.49 25.71 -11.58
N PHE A 410 -7.44 25.28 -12.28
CA PHE A 410 -7.02 25.93 -13.51
C PHE A 410 -8.12 25.94 -14.57
N VAL A 411 -9.06 25.01 -14.48
CA VAL A 411 -10.18 24.96 -15.43
C VAL A 411 -11.36 25.78 -14.93
N VAL A 412 -11.65 25.74 -13.63
CA VAL A 412 -12.73 26.58 -13.10
C VAL A 412 -12.34 28.05 -13.17
N CYS A 413 -11.10 28.37 -12.81
CA CYS A 413 -10.62 29.75 -12.95
C CYS A 413 -10.53 30.19 -14.40
N MET A 414 -10.56 29.26 -15.35
CA MET A 414 -10.50 29.61 -16.76
C MET A 414 -11.90 29.90 -17.29
N LEU A 415 -12.87 29.03 -17.00
CA LEU A 415 -14.26 29.26 -17.38
C LEU A 415 -14.91 30.32 -16.54
N GLY A 416 -14.15 30.94 -15.65
CA GLY A 416 -14.61 32.07 -14.87
C GLY A 416 -14.09 33.36 -15.45
N LEU A 417 -12.88 33.31 -16.03
CA LEU A 417 -12.37 34.45 -16.80
C LEU A 417 -13.00 34.54 -18.17
N ILE A 418 -13.35 33.41 -18.78
CA ILE A 418 -13.98 33.45 -20.10
C ILE A 418 -15.30 34.19 -20.01
N ALA A 419 -16.09 33.90 -18.97
CA ALA A 419 -17.42 34.50 -18.85
C ALA A 419 -17.33 36.01 -18.75
N THR A 420 -16.30 36.54 -18.10
CA THR A 420 -16.20 37.99 -17.92
C THR A 420 -15.77 38.71 -19.20
N GLY A 421 -15.80 38.04 -20.36
CA GLY A 421 -15.53 38.71 -21.61
C GLY A 421 -14.15 38.47 -22.19
N MET A 422 -13.28 37.73 -21.52
CA MET A 422 -11.99 37.46 -22.12
C MET A 422 -12.15 36.36 -23.15
N ASP A 423 -11.05 36.02 -23.81
CA ASP A 423 -11.06 34.98 -24.83
C ASP A 423 -10.32 33.78 -24.30
N GLU A 424 -10.60 32.62 -24.91
CA GLU A 424 -10.01 31.36 -24.46
C GLU A 424 -8.50 31.48 -24.32
N LEU A 425 -7.83 32.08 -25.31
CA LEU A 425 -6.38 32.10 -25.29
C LEU A 425 -5.86 32.99 -24.17
N SER A 426 -6.41 34.18 -24.02
CA SER A 426 -5.94 35.11 -22.99
C SER A 426 -6.20 34.58 -21.58
N ALA A 427 -7.30 33.83 -21.37
CA ALA A 427 -7.54 33.24 -20.06
C ALA A 427 -6.41 32.29 -19.69
N PHE A 428 -6.13 31.32 -20.56
CA PHE A 428 -5.01 30.40 -20.35
C PHE A 428 -3.72 31.18 -20.09
N SER A 429 -3.45 32.20 -20.92
CA SER A 429 -2.24 33.00 -20.73
C SER A 429 -2.24 33.73 -19.40
N ALA A 430 -3.42 33.98 -18.81
CA ALA A 430 -3.50 34.71 -17.55
C ALA A 430 -3.39 33.80 -16.34
N VAL A 431 -4.21 32.74 -16.26
CA VAL A 431 -4.23 31.92 -15.05
C VAL A 431 -2.95 31.11 -14.93
N ALA A 432 -2.39 30.63 -16.05
CA ALA A 432 -1.10 29.95 -15.99
C ALA A 432 0.00 30.90 -15.55
N ALA A 433 -0.20 32.20 -15.74
CA ALA A 433 0.75 33.21 -15.31
C ALA A 433 0.53 33.62 -13.87
N THR A 434 -0.67 33.44 -13.34
CA THR A 434 -1.00 33.82 -11.97
C THR A 434 -1.04 32.64 -11.01
N LEU A 435 -1.59 31.49 -11.43
CA LEU A 435 -1.54 30.29 -10.59
C LEU A 435 -0.10 29.86 -10.30
N ASN A 436 0.78 29.99 -11.28
CA ASN A 436 2.18 29.65 -11.10
C ASN A 436 2.99 30.76 -10.45
N ASN A 437 2.37 31.91 -10.15
CA ASN A 437 3.08 33.06 -9.58
C ASN A 437 4.13 33.60 -10.54
N LEU A 438 3.86 33.54 -11.84
CA LEU A 438 4.84 33.99 -12.82
C LEU A 438 4.83 35.51 -12.97
N GLY A 439 3.80 36.06 -13.62
CA GLY A 439 3.71 37.48 -13.81
C GLY A 439 3.39 37.86 -15.24
N PRO A 440 4.40 37.84 -16.09
CA PRO A 440 4.20 38.16 -17.51
C PRO A 440 3.19 37.21 -18.17
N GLY A 441 2.37 37.77 -19.05
CA GLY A 441 1.35 36.97 -19.72
C GLY A 441 1.92 35.91 -20.65
N LEU A 442 2.95 36.26 -21.42
CA LEU A 442 3.58 35.36 -22.37
C LEU A 442 2.68 35.15 -23.58
N GLY A 443 2.99 34.15 -24.41
CA GLY A 443 2.26 33.99 -25.65
C GLY A 443 2.89 34.85 -26.73
N GLU A 444 2.15 35.03 -27.83
CA GLU A 444 2.68 35.81 -28.95
C GLU A 444 2.53 37.28 -28.59
N VAL A 445 3.43 37.75 -27.72
CA VAL A 445 3.42 39.11 -27.19
C VAL A 445 1.99 39.54 -26.88
N ALA A 446 1.47 39.13 -25.71
CA ALA A 446 0.04 39.34 -25.54
C ALA A 446 -0.41 40.11 -24.29
N LEU A 447 -0.61 39.40 -23.18
CA LEU A 447 -1.31 40.00 -22.05
C LEU A 447 -0.64 41.24 -21.47
N HIS A 448 -1.45 42.28 -21.32
CA HIS A 448 -1.14 43.49 -20.57
C HIS A 448 -2.25 43.56 -19.54
N PHE A 449 -1.89 43.49 -18.24
CA PHE A 449 -2.94 43.29 -17.24
C PHE A 449 -3.81 44.51 -17.00
N GLY A 450 -3.53 45.65 -17.63
CA GLY A 450 -4.49 46.74 -17.57
C GLY A 450 -5.75 46.46 -18.34
N ASP A 451 -5.61 45.81 -19.51
CA ASP A 451 -6.76 45.48 -20.34
C ASP A 451 -7.70 44.51 -19.67
N VAL A 452 -7.23 43.77 -18.65
CA VAL A 452 -8.06 42.77 -18.02
C VAL A 452 -9.25 43.44 -17.33
N ASN A 453 -10.39 42.75 -17.37
CA ASN A 453 -11.66 43.22 -16.86
C ASN A 453 -11.60 43.36 -15.35
N ASP A 454 -12.52 44.15 -14.78
CA ASP A 454 -12.55 44.32 -13.32
C ASP A 454 -12.86 43.01 -12.60
N LYS A 455 -13.83 42.25 -13.07
CA LYS A 455 -14.21 41.05 -12.33
C LYS A 455 -13.32 39.86 -12.67
N ALA A 456 -12.41 40.01 -13.63
CA ALA A 456 -11.34 39.04 -13.83
C ALA A 456 -10.15 39.29 -12.92
N LYS A 457 -9.78 40.56 -12.69
CA LYS A 457 -8.71 40.87 -11.75
C LYS A 457 -9.00 40.31 -10.37
N TRP A 458 -10.27 40.25 -9.97
CA TRP A 458 -10.61 39.58 -8.72
C TRP A 458 -10.31 38.09 -8.81
N VAL A 459 -10.78 37.44 -9.88
CA VAL A 459 -10.50 36.02 -10.08
C VAL A 459 -8.99 35.77 -10.15
N LEU A 460 -8.23 36.71 -10.72
CA LEU A 460 -6.79 36.53 -10.76
C LEU A 460 -6.19 36.56 -9.36
N ILE A 461 -6.62 37.50 -8.53
CA ILE A 461 -6.22 37.48 -7.12
C ILE A 461 -6.63 36.15 -6.49
N VAL A 462 -7.88 35.74 -6.71
CA VAL A 462 -8.34 34.44 -6.21
C VAL A 462 -7.37 33.34 -6.63
N SER A 463 -6.81 33.45 -7.83
CA SER A 463 -5.94 32.40 -8.36
C SER A 463 -4.51 32.50 -7.83
N MET A 464 -3.93 33.70 -7.83
CA MET A 464 -2.52 33.82 -7.44
C MET A 464 -2.30 33.38 -6.01
N LEU A 465 -3.31 33.52 -5.15
CA LEU A 465 -3.25 32.91 -3.83
C LEU A 465 -3.17 31.39 -3.95
N PHE A 466 -4.09 30.78 -4.71
CA PHE A 466 -4.13 29.33 -4.89
C PHE A 466 -2.75 28.75 -5.24
N GLY A 467 -1.93 29.51 -5.92
CA GLY A 467 -0.62 29.04 -6.31
C GLY A 467 0.36 29.29 -5.18
N ARG A 468 0.17 30.39 -4.47
CA ARG A 468 1.11 30.77 -3.40
C ARG A 468 0.92 29.92 -2.15
N LEU A 469 -0.28 29.90 -1.59
CA LEU A 469 -0.63 28.76 -0.76
C LEU A 469 -0.52 27.52 -1.61
N GLU A 470 -0.03 26.43 -1.04
CA GLU A 470 -0.19 25.17 -1.75
C GLU A 470 -1.69 24.98 -1.93
N ILE A 471 -2.09 24.75 -3.18
CA ILE A 471 -3.47 24.84 -3.65
C ILE A 471 -4.44 24.26 -2.63
N PHE A 472 -4.05 23.16 -1.98
CA PHE A 472 -4.94 22.53 -1.00
C PHE A 472 -5.23 23.44 0.18
N THR A 473 -4.25 24.25 0.60
CA THR A 473 -4.41 25.07 1.80
C THR A 473 -5.71 25.85 1.75
N LEU A 474 -6.04 26.40 0.58
CA LEU A 474 -7.27 27.15 0.43
C LEU A 474 -8.41 26.30 -0.10
N LEU A 475 -8.11 25.21 -0.82
CA LEU A 475 -9.18 24.34 -1.31
C LEU A 475 -9.94 23.65 -0.19
N ILE A 476 -9.27 23.34 0.92
CA ILE A 476 -9.97 22.68 2.03
C ILE A 476 -10.83 23.66 2.80
N LEU A 477 -10.60 24.96 2.65
CA LEU A 477 -11.41 25.96 3.34
C LEU A 477 -12.90 25.77 3.06
N LEU A 478 -13.24 25.38 1.83
CA LEU A 478 -14.63 25.20 1.43
C LEU A 478 -15.08 23.75 1.52
N THR A 479 -14.38 22.95 2.28
CA THR A 479 -14.79 21.58 2.52
C THR A 479 -15.76 21.52 3.70
N PRO A 480 -16.64 20.51 3.74
CA PRO A 480 -17.52 20.37 4.91
C PRO A 480 -16.79 19.77 6.10
N THR A 481 -15.77 18.94 5.84
CA THR A 481 -15.07 18.27 6.93
C THR A 481 -14.25 19.25 7.76
N PHE A 482 -13.65 20.26 7.11
CA PHE A 482 -12.87 21.24 7.86
C PHE A 482 -13.76 22.05 8.80
N TRP A 483 -14.90 22.50 8.30
CA TRP A 483 -15.90 23.16 9.13
C TRP A 483 -16.90 22.15 9.66
N GLN B 2 7.41 -15.21 -32.84
CA GLN B 2 7.12 -13.90 -32.27
C GLN B 2 6.44 -13.04 -33.33
N PHE B 3 7.22 -12.57 -34.31
CA PHE B 3 6.67 -11.72 -35.36
C PHE B 3 5.91 -12.55 -36.40
N ARG B 4 6.27 -13.82 -36.52
CA ARG B 4 5.72 -14.67 -37.58
C ARG B 4 4.22 -14.86 -37.41
N SER B 5 3.81 -15.49 -36.30
CA SER B 5 2.39 -15.72 -36.05
C SER B 5 1.59 -14.42 -36.00
N ILE B 6 2.24 -13.28 -35.74
CA ILE B 6 1.56 -11.99 -35.77
C ILE B 6 1.10 -11.65 -37.18
N ILE B 7 1.99 -11.79 -38.16
CA ILE B 7 1.66 -11.50 -39.56
C ILE B 7 0.57 -12.42 -40.06
N ARG B 8 0.49 -13.64 -39.52
CA ARG B 8 -0.66 -14.49 -39.79
C ARG B 8 -1.96 -13.79 -39.42
N ILE B 9 -2.02 -13.23 -38.21
CA ILE B 9 -3.21 -12.52 -37.77
C ILE B 9 -3.51 -11.34 -38.69
N VAL B 10 -2.45 -10.63 -39.11
CA VAL B 10 -2.63 -9.40 -39.92
C VAL B 10 -3.28 -9.73 -41.25
N GLY B 11 -2.66 -10.61 -42.03
CA GLY B 11 -3.20 -10.95 -43.33
C GLY B 11 -4.59 -11.55 -43.23
N LEU B 12 -4.87 -12.23 -42.11
CA LEU B 12 -6.20 -12.79 -41.88
C LEU B 12 -7.23 -11.69 -41.76
N LEU B 13 -6.91 -10.60 -41.03
CA LEU B 13 -7.87 -9.50 -40.91
C LEU B 13 -8.00 -8.71 -42.20
N LEU B 14 -6.89 -8.52 -42.93
CA LEU B 14 -6.96 -7.85 -44.22
C LEU B 14 -7.95 -8.55 -45.14
N ALA B 15 -7.91 -9.88 -45.18
CA ALA B 15 -8.92 -10.63 -45.91
C ALA B 15 -10.31 -10.32 -45.38
N LEU B 16 -10.48 -10.32 -44.06
CA LEU B 16 -11.81 -10.03 -43.51
C LEU B 16 -12.26 -8.62 -43.82
N PHE B 17 -11.33 -7.67 -43.92
CA PHE B 17 -11.70 -6.30 -44.30
C PHE B 17 -12.20 -6.23 -45.74
N SER B 18 -11.56 -6.98 -46.64
CA SER B 18 -11.99 -7.02 -48.03
C SER B 18 -13.43 -7.53 -48.15
N VAL B 19 -13.76 -8.61 -47.44
CA VAL B 19 -15.13 -9.12 -47.42
C VAL B 19 -16.10 -8.02 -47.03
N THR B 20 -15.64 -7.02 -46.24
CA THR B 20 -16.50 -5.90 -45.92
C THR B 20 -16.67 -4.98 -47.13
N MET B 21 -15.64 -4.87 -47.97
CA MET B 21 -15.67 -3.95 -49.11
C MET B 21 -16.82 -4.26 -50.07
N LEU B 22 -17.35 -5.49 -50.04
CA LEU B 22 -18.40 -5.87 -50.98
C LEU B 22 -19.69 -5.11 -50.70
N ALA B 23 -20.07 -5.00 -49.42
CA ALA B 23 -21.33 -4.35 -49.09
C ALA B 23 -21.42 -2.92 -49.62
N PRO B 24 -20.36 -2.11 -49.59
CA PRO B 24 -20.44 -0.80 -50.26
C PRO B 24 -20.72 -0.90 -51.75
N ALA B 25 -19.91 -1.67 -52.48
CA ALA B 25 -20.06 -1.79 -53.94
C ALA B 25 -21.42 -2.37 -54.32
N LEU B 26 -21.93 -3.30 -53.53
CA LEU B 26 -23.30 -3.79 -53.74
C LEU B 26 -24.29 -2.64 -53.80
N VAL B 27 -24.11 -1.62 -52.94
CA VAL B 27 -24.98 -0.45 -52.94
C VAL B 27 -24.72 0.42 -54.16
N ALA B 28 -23.48 0.42 -54.69
CA ALA B 28 -23.20 1.25 -55.86
C ALA B 28 -23.76 0.66 -57.15
N LEU B 29 -24.46 -0.47 -57.04
CA LEU B 29 -25.18 -1.13 -58.13
C LEU B 29 -26.65 -1.34 -57.79
N LEU B 30 -26.96 -1.59 -56.52
CA LEU B 30 -28.35 -1.53 -56.06
C LEU B 30 -28.88 -0.11 -56.17
N TYR B 31 -28.11 0.87 -55.70
CA TYR B 31 -28.42 2.26 -55.96
C TYR B 31 -27.94 2.67 -57.34
N ARG B 32 -28.46 3.80 -57.80
CA ARG B 32 -28.17 4.32 -59.13
C ARG B 32 -27.25 5.54 -59.09
N ASP B 33 -26.95 6.05 -57.89
CA ASP B 33 -26.00 7.13 -57.65
C ASP B 33 -24.78 6.60 -56.90
N GLY B 34 -23.69 6.33 -57.60
CA GLY B 34 -22.53 5.75 -56.93
C GLY B 34 -21.47 5.29 -57.90
N ALA B 35 -20.29 5.01 -57.33
CA ALA B 35 -19.15 4.49 -58.07
C ALA B 35 -18.59 3.28 -57.32
N GLY B 36 -18.63 2.12 -57.95
CA GLY B 36 -18.24 0.88 -57.29
C GLY B 36 -16.87 0.32 -57.61
N VAL B 37 -16.26 0.77 -58.72
CA VAL B 37 -14.98 0.20 -59.16
C VAL B 37 -13.89 0.28 -58.10
N PRO B 38 -13.68 1.42 -57.41
CA PRO B 38 -12.63 1.42 -56.36
C PRO B 38 -12.87 0.41 -55.24
N PHE B 39 -14.12 0.20 -54.82
CA PHE B 39 -14.37 -0.80 -53.79
C PHE B 39 -14.06 -2.19 -54.31
N VAL B 40 -14.42 -2.48 -55.57
CA VAL B 40 -14.13 -3.79 -56.10
C VAL B 40 -12.67 -3.87 -56.55
N THR B 41 -12.07 -2.73 -56.94
CA THR B 41 -10.64 -2.74 -57.19
C THR B 41 -9.88 -3.00 -55.89
N THR B 42 -10.37 -2.42 -54.78
CA THR B 42 -9.77 -2.64 -53.47
C THR B 42 -10.02 -4.06 -52.98
N PHE B 43 -11.27 -4.53 -53.13
CA PHE B 43 -11.60 -5.89 -52.70
C PHE B 43 -10.58 -6.90 -53.21
N PHE B 44 -10.20 -6.78 -54.48
CA PHE B 44 -9.24 -7.72 -55.05
C PHE B 44 -7.84 -7.48 -54.52
N VAL B 45 -7.33 -6.23 -54.64
CA VAL B 45 -5.94 -5.97 -54.31
C VAL B 45 -5.65 -6.27 -52.84
N LEU B 46 -6.61 -5.98 -51.96
CA LEU B 46 -6.41 -6.30 -50.55
C LEU B 46 -6.45 -7.80 -50.30
N LEU B 47 -7.45 -8.49 -50.89
CA LEU B 47 -7.50 -9.94 -50.74
C LEU B 47 -6.18 -10.56 -51.17
N PHE B 48 -5.57 -10.06 -52.24
CA PHE B 48 -4.25 -10.56 -52.61
C PHE B 48 -3.24 -10.18 -51.54
N CYS B 49 -3.11 -8.87 -51.26
CA CYS B 49 -2.10 -8.39 -50.33
C CYS B 49 -2.38 -8.87 -48.92
N GLY B 50 -3.63 -9.21 -48.61
CA GLY B 50 -3.93 -9.85 -47.35
C GLY B 50 -3.57 -11.33 -47.37
N ALA B 51 -3.72 -11.98 -48.52
CA ALA B 51 -3.40 -13.39 -48.63
C ALA B 51 -1.90 -13.63 -48.78
N MET B 52 -1.22 -12.73 -49.51
CA MET B 52 0.21 -12.92 -49.79
C MET B 52 1.03 -12.98 -48.51
N CYS B 53 0.58 -12.33 -47.44
CA CYS B 53 1.38 -12.27 -46.22
C CYS B 53 1.22 -13.53 -45.37
N TRP B 54 0.02 -14.11 -45.30
CA TRP B 54 -0.21 -15.22 -44.39
C TRP B 54 -0.03 -16.60 -45.02
N PHE B 55 0.00 -16.70 -46.36
CA PHE B 55 0.25 -18.02 -46.97
C PHE B 55 1.62 -18.59 -46.63
N PRO B 56 2.73 -17.88 -46.83
CA PRO B 56 4.02 -18.41 -46.36
C PRO B 56 4.16 -18.35 -44.86
N ASN B 57 3.15 -17.84 -44.15
CA ASN B 57 3.22 -17.67 -42.71
C ASN B 57 2.11 -18.44 -42.01
N ARG B 58 1.54 -19.45 -42.67
CA ARG B 58 0.47 -20.23 -42.03
C ARG B 58 0.98 -21.02 -40.82
N ARG B 59 2.27 -20.93 -40.52
CA ARG B 59 2.79 -21.52 -39.29
C ARG B 59 2.12 -20.90 -38.09
N HIS B 60 1.54 -21.75 -37.24
CA HIS B 60 0.88 -21.30 -36.03
C HIS B 60 1.88 -21.38 -34.88
N LYS B 61 1.86 -20.37 -34.01
CA LYS B 61 2.60 -20.42 -32.74
C LYS B 61 1.91 -19.49 -31.75
N HIS B 62 2.29 -19.64 -30.49
CA HIS B 62 1.64 -18.90 -29.42
C HIS B 62 2.67 -18.22 -28.52
N SER B 66 2.02 -11.05 -23.24
CA SER B 66 1.57 -9.67 -23.17
C SER B 66 2.22 -8.83 -24.26
N ARG B 67 3.56 -8.92 -24.36
CA ARG B 67 4.29 -8.27 -25.44
C ARG B 67 3.71 -8.61 -26.81
N ASP B 68 3.04 -9.75 -26.92
CA ASP B 68 2.34 -10.12 -28.16
C ASP B 68 1.13 -9.21 -28.38
N GLY B 69 0.41 -8.88 -27.31
CA GLY B 69 -0.91 -8.28 -27.41
C GLY B 69 -0.87 -6.80 -27.72
N PHE B 70 0.14 -6.08 -27.18
CA PHE B 70 0.25 -4.65 -27.46
C PHE B 70 0.57 -4.40 -28.93
N LEU B 71 1.48 -5.19 -29.49
CA LEU B 71 1.89 -5.03 -30.87
C LEU B 71 0.81 -5.48 -31.85
N ILE B 72 -0.10 -6.37 -31.44
CA ILE B 72 -1.21 -6.73 -32.31
C ILE B 72 -2.15 -5.56 -32.51
N VAL B 73 -2.60 -4.95 -31.41
CA VAL B 73 -3.69 -3.98 -31.49
C VAL B 73 -3.25 -2.64 -32.07
N VAL B 74 -1.94 -2.33 -32.05
CA VAL B 74 -1.53 -1.14 -32.80
C VAL B 74 -1.50 -1.46 -34.29
N LEU B 75 -1.29 -2.73 -34.64
CA LEU B 75 -1.38 -3.16 -36.03
C LEU B 75 -2.84 -3.29 -36.48
N PHE B 76 -3.72 -3.63 -35.53
CA PHE B 76 -5.14 -3.78 -35.86
C PHE B 76 -5.72 -2.48 -36.41
N TRP B 77 -5.26 -1.33 -35.92
CA TRP B 77 -5.72 -0.05 -36.43
C TRP B 77 -4.79 0.56 -37.46
N THR B 78 -3.47 0.40 -37.28
CA THR B 78 -2.53 0.90 -38.29
C THR B 78 -2.79 0.23 -39.64
N VAL B 79 -2.90 -1.10 -39.66
CA VAL B 79 -3.09 -1.81 -40.93
C VAL B 79 -4.47 -1.50 -41.50
N LEU B 80 -5.52 -1.74 -40.71
CA LEU B 80 -6.89 -1.51 -41.19
C LEU B 80 -7.14 -0.05 -41.53
N GLY B 81 -6.51 0.87 -40.79
CA GLY B 81 -6.73 2.28 -41.08
C GLY B 81 -6.10 2.70 -42.39
N SER B 82 -4.87 2.25 -42.65
CA SER B 82 -4.24 2.52 -43.93
C SER B 82 -5.07 1.93 -45.07
N ALA B 83 -5.46 0.65 -44.93
CA ALA B 83 -6.28 0.00 -45.94
C ALA B 83 -7.57 0.76 -46.19
N GLY B 84 -8.08 1.46 -45.18
CA GLY B 84 -9.33 2.19 -45.35
C GLY B 84 -9.18 3.36 -46.29
N SER B 85 -7.96 3.90 -46.41
CA SER B 85 -7.70 5.06 -47.26
C SER B 85 -7.78 4.72 -48.74
N LEU B 86 -7.56 3.44 -49.09
CA LEU B 86 -7.43 3.07 -50.50
C LEU B 86 -8.64 3.49 -51.33
N PRO B 87 -9.89 3.10 -51.00
CA PRO B 87 -11.03 3.53 -51.84
C PRO B 87 -11.07 5.03 -52.16
N PHE B 88 -10.73 5.88 -51.19
CA PHE B 88 -10.77 7.33 -51.42
C PHE B 88 -9.69 7.78 -52.40
N LEU B 89 -8.50 7.19 -52.33
CA LEU B 89 -7.45 7.55 -53.27
C LEU B 89 -7.87 7.27 -54.70
N ILE B 90 -8.47 6.10 -54.93
CA ILE B 90 -8.79 5.65 -56.28
C ILE B 90 -9.91 6.50 -56.88
N ALA B 91 -11.05 6.58 -56.19
CA ALA B 91 -12.21 7.27 -56.73
C ALA B 91 -11.92 8.75 -56.96
N ASP B 92 -12.15 9.21 -58.19
CA ASP B 92 -11.96 10.61 -58.56
C ASP B 92 -13.17 11.48 -58.30
N ASN B 93 -14.32 10.89 -57.92
CA ASN B 93 -15.48 11.73 -57.61
C ASN B 93 -15.19 12.65 -56.44
N PRO B 94 -14.69 12.18 -55.29
CA PRO B 94 -14.07 13.11 -54.34
C PRO B 94 -12.56 13.15 -54.56
N ASN B 95 -12.07 13.87 -55.57
CA ASN B 95 -10.64 13.95 -55.75
C ASN B 95 -10.05 14.65 -54.53
N ILE B 96 -9.25 13.90 -53.77
CA ILE B 96 -8.82 14.32 -52.44
C ILE B 96 -7.42 13.78 -52.23
N SER B 97 -6.61 14.53 -51.49
CA SER B 97 -5.20 14.18 -51.37
C SER B 97 -5.04 12.88 -50.58
N VAL B 98 -3.80 12.40 -50.55
CA VAL B 98 -3.48 11.18 -49.81
C VAL B 98 -3.68 11.39 -48.31
N THR B 99 -3.13 12.48 -47.76
CA THR B 99 -3.23 12.71 -46.32
C THR B 99 -4.66 13.04 -45.92
N ASP B 100 -5.39 13.76 -46.78
CA ASP B 100 -6.80 13.99 -46.53
C ASP B 100 -7.55 12.67 -46.47
N ALA B 101 -7.09 11.68 -47.24
CA ALA B 101 -7.72 10.37 -47.31
C ALA B 101 -7.34 9.52 -46.11
N PHE B 102 -6.04 9.38 -45.83
CA PHE B 102 -5.59 8.66 -44.63
C PHE B 102 -6.29 9.21 -43.39
N PHE B 103 -6.45 10.53 -43.33
CA PHE B 103 -7.19 11.13 -42.23
C PHE B 103 -8.63 10.63 -42.23
N GLU B 104 -9.32 10.75 -43.36
CA GLU B 104 -10.72 10.32 -43.40
C GLU B 104 -10.84 8.82 -43.21
N SER B 105 -9.79 8.08 -43.56
CA SER B 105 -9.79 6.65 -43.30
C SER B 105 -9.71 6.38 -41.80
N PHE B 106 -8.73 6.99 -41.13
CA PHE B 106 -8.57 6.82 -39.69
C PHE B 106 -9.73 7.41 -38.92
N SER B 107 -10.11 8.65 -39.26
CA SER B 107 -11.23 9.31 -38.59
C SER B 107 -12.48 8.45 -38.62
N ALA B 108 -12.70 7.73 -39.72
CA ALA B 108 -13.85 6.84 -39.80
C ALA B 108 -13.65 5.61 -38.95
N LEU B 109 -12.55 4.89 -39.17
CA LEU B 109 -12.34 3.61 -38.49
C LEU B 109 -12.17 3.80 -36.99
N THR B 110 -11.44 4.83 -36.58
CA THR B 110 -11.24 5.20 -35.18
C THR B 110 -12.52 5.77 -34.54
N THR B 111 -13.63 5.80 -35.28
CA THR B 111 -14.91 6.34 -34.80
C THR B 111 -14.79 7.80 -34.38
N THR B 112 -13.81 8.51 -34.94
CA THR B 112 -13.62 9.90 -34.56
C THR B 112 -14.79 10.73 -35.07
N GLY B 113 -14.90 10.85 -36.39
CA GLY B 113 -15.93 11.64 -37.01
C GLY B 113 -15.47 12.98 -37.52
N ALA B 114 -14.16 13.22 -37.54
CA ALA B 114 -13.63 14.49 -38.02
C ALA B 114 -13.43 14.33 -39.52
N THR B 115 -14.07 15.18 -40.31
CA THR B 115 -14.08 15.02 -41.75
C THR B 115 -13.29 16.14 -42.41
N VAL B 116 -12.86 15.86 -43.65
CA VAL B 116 -12.07 16.80 -44.42
C VAL B 116 -12.62 16.90 -45.83
N ILE B 117 -13.88 16.50 -46.01
CA ILE B 117 -14.54 16.55 -47.32
C ILE B 117 -15.64 17.60 -47.25
N VAL B 118 -15.59 18.58 -48.15
CA VAL B 118 -16.55 19.67 -48.18
C VAL B 118 -17.73 19.28 -49.06
N GLY B 119 -18.93 19.61 -48.62
CA GLY B 119 -20.13 19.36 -49.41
C GLY B 119 -20.34 17.91 -49.77
N LEU B 120 -20.47 17.06 -48.76
CA LEU B 120 -20.70 15.64 -48.96
C LEU B 120 -22.17 15.29 -49.20
N ASP B 121 -23.08 16.28 -49.10
CA ASP B 121 -24.50 16.04 -49.38
C ASP B 121 -24.70 15.35 -50.72
N GLU B 122 -24.16 15.94 -51.78
CA GLU B 122 -24.37 15.45 -53.14
C GLU B 122 -23.29 14.47 -53.58
N LEU B 123 -22.37 14.09 -52.69
CA LEU B 123 -21.42 13.06 -53.04
C LEU B 123 -22.18 11.76 -53.36
N PRO B 124 -21.56 10.85 -54.12
CA PRO B 124 -22.24 9.60 -54.45
C PRO B 124 -22.73 8.86 -53.22
N LYS B 125 -23.81 8.11 -53.39
CA LYS B 125 -24.41 7.37 -52.30
C LYS B 125 -23.70 6.05 -52.02
N ALA B 126 -22.59 5.81 -52.72
CA ALA B 126 -21.76 4.63 -52.51
C ALA B 126 -20.58 4.91 -51.59
N ILE B 127 -19.87 6.01 -51.83
CA ILE B 127 -18.82 6.43 -50.90
C ILE B 127 -19.45 6.91 -49.60
N LEU B 128 -20.71 7.37 -49.66
CA LEU B 128 -21.40 7.82 -48.46
C LEU B 128 -21.77 6.67 -47.54
N PHE B 129 -21.92 5.48 -48.10
CA PHE B 129 -22.14 4.30 -47.25
C PHE B 129 -20.84 3.79 -46.65
N TYR B 130 -19.73 3.88 -47.39
CA TYR B 130 -18.46 3.35 -46.90
C TYR B 130 -17.93 4.13 -45.70
N ARG B 131 -18.08 5.47 -45.71
CA ARG B 131 -17.64 6.25 -44.57
C ARG B 131 -18.38 5.85 -43.30
N GLN B 132 -19.71 5.74 -43.38
CA GLN B 132 -20.50 5.36 -42.20
C GLN B 132 -20.25 3.91 -41.82
N PHE B 133 -19.98 3.05 -42.80
CA PHE B 133 -19.74 1.64 -42.52
C PHE B 133 -18.44 1.46 -41.74
N LEU B 134 -17.42 2.24 -42.07
CA LEU B 134 -16.14 2.14 -41.35
C LEU B 134 -16.29 2.51 -39.88
N GLN B 135 -17.21 3.43 -39.57
CA GLN B 135 -17.50 3.73 -38.17
C GLN B 135 -18.16 2.55 -37.48
N TRP B 136 -19.04 1.86 -38.19
CA TRP B 136 -19.66 0.65 -37.65
C TRP B 136 -18.61 -0.40 -37.33
N PHE B 137 -17.67 -0.60 -38.25
CA PHE B 137 -16.63 -1.61 -38.06
C PHE B 137 -15.73 -1.25 -36.88
N GLY B 138 -15.30 0.01 -36.80
CA GLY B 138 -14.59 0.43 -35.62
C GLY B 138 -15.45 0.51 -34.39
N GLY B 139 -16.77 0.60 -34.58
CA GLY B 139 -17.67 0.49 -33.45
C GLY B 139 -17.64 -0.90 -32.85
N MET B 140 -17.73 -1.93 -33.69
CA MET B 140 -17.57 -3.29 -33.20
C MET B 140 -16.17 -3.54 -32.66
N GLY B 141 -15.16 -2.94 -33.30
CA GLY B 141 -13.79 -3.20 -32.90
C GLY B 141 -13.52 -2.82 -31.46
N ILE B 142 -13.98 -1.63 -31.06
CA ILE B 142 -13.73 -1.15 -29.71
C ILE B 142 -14.40 -2.08 -28.68
N ILE B 143 -15.63 -2.53 -28.98
CA ILE B 143 -16.37 -3.38 -28.04
C ILE B 143 -15.64 -4.69 -27.81
N VAL B 144 -15.19 -5.37 -28.87
CA VAL B 144 -14.57 -6.68 -28.67
C VAL B 144 -13.25 -6.46 -27.92
N LEU B 145 -12.56 -5.36 -28.20
CA LEU B 145 -11.27 -5.12 -27.58
C LEU B 145 -11.43 -4.58 -26.16
N ALA B 146 -12.31 -3.59 -25.97
CA ALA B 146 -12.42 -2.95 -24.67
C ALA B 146 -12.83 -3.94 -23.60
N VAL B 147 -13.76 -4.84 -23.91
CA VAL B 147 -14.30 -5.74 -22.90
C VAL B 147 -13.56 -7.08 -22.85
N ALA B 148 -12.89 -7.48 -23.94
CA ALA B 148 -12.26 -8.80 -23.95
C ALA B 148 -10.74 -8.79 -24.02
N ILE B 149 -10.16 -8.56 -25.20
CA ILE B 149 -8.71 -8.71 -25.33
C ILE B 149 -7.97 -7.60 -24.58
N LEU B 150 -8.45 -6.36 -24.63
CA LEU B 150 -7.70 -5.27 -24.01
C LEU B 150 -7.58 -5.39 -22.49
N PRO B 151 -8.61 -5.78 -21.73
CA PRO B 151 -8.46 -5.80 -20.27
C PRO B 151 -7.34 -6.73 -19.81
N VAL B 152 -7.24 -7.90 -20.44
CA VAL B 152 -6.23 -8.88 -20.05
C VAL B 152 -4.84 -8.27 -20.17
N LEU B 153 -4.62 -7.49 -21.23
CA LEU B 153 -3.33 -6.86 -21.48
C LEU B 153 -2.83 -6.10 -20.25
N GLY B 154 -3.70 -5.33 -19.61
CA GLY B 154 -3.22 -4.45 -18.56
C GLY B 154 -3.79 -3.04 -18.52
N ILE B 155 -4.53 -2.63 -19.56
CA ILE B 155 -5.22 -1.35 -19.51
C ILE B 155 -6.69 -1.70 -19.61
N GLY B 156 -7.45 -1.43 -18.56
CA GLY B 156 -8.80 -1.93 -18.58
C GLY B 156 -9.83 -0.87 -18.94
N GLY B 157 -10.02 0.12 -18.08
CA GLY B 157 -11.11 1.04 -18.34
C GLY B 157 -12.38 0.22 -18.32
N MET B 158 -12.64 -0.51 -17.24
CA MET B 158 -13.83 -1.35 -17.22
C MET B 158 -14.29 -1.66 -15.80
N GLN B 159 -14.98 -0.72 -15.12
CA GLN B 159 -15.33 -0.88 -13.71
C GLN B 159 -14.02 -1.08 -12.96
N LEU B 160 -13.85 -2.17 -12.22
CA LEU B 160 -12.54 -2.50 -11.68
C LEU B 160 -11.89 -3.29 -12.82
N TYR B 161 -10.73 -2.84 -13.31
CA TYR B 161 -10.26 -3.38 -14.58
C TYR B 161 -8.84 -3.87 -14.67
N ARG B 162 -7.94 -3.55 -13.73
CA ARG B 162 -6.49 -3.55 -14.00
C ARG B 162 -6.07 -4.66 -14.97
N ALA B 163 -6.56 -5.88 -14.73
CA ALA B 163 -6.37 -7.03 -15.60
C ALA B 163 -7.27 -8.17 -15.15
N GLU B 164 -8.17 -7.88 -14.20
CA GLU B 164 -8.99 -8.89 -13.53
C GLU B 164 -10.48 -8.53 -13.60
N ILE B 165 -11.10 -8.73 -14.75
CA ILE B 165 -12.54 -8.52 -14.86
C ILE B 165 -13.18 -9.80 -15.38
N PRO B 166 -14.08 -10.42 -14.64
CA PRO B 166 -14.86 -11.53 -15.18
C PRO B 166 -16.19 -10.97 -15.62
N GLY B 167 -16.23 -9.64 -15.74
CA GLY B 167 -17.45 -8.87 -15.91
C GLY B 167 -18.21 -8.58 -14.63
N PRO B 168 -17.87 -9.26 -13.53
CA PRO B 168 -18.45 -9.02 -12.21
C PRO B 168 -19.92 -9.43 -12.20
N VAL B 169 -20.74 -8.73 -12.99
CA VAL B 169 -22.15 -9.08 -13.13
C VAL B 169 -22.29 -10.23 -14.11
N LYS B 170 -22.95 -11.30 -13.67
CA LYS B 170 -23.07 -12.54 -14.44
C LYS B 170 -21.74 -12.95 -15.06
N ASP B 171 -20.77 -13.24 -14.19
CA ASP B 171 -19.46 -13.73 -14.61
C ASP B 171 -19.54 -15.24 -14.82
N THR B 172 -20.17 -15.63 -15.93
CA THR B 172 -20.41 -17.03 -16.24
C THR B 172 -20.01 -17.33 -17.67
N LYS B 173 -19.45 -18.52 -17.87
CA LYS B 173 -19.04 -19.01 -19.20
C LYS B 173 -18.03 -18.06 -19.85
N MET B 174 -17.09 -17.55 -19.05
CA MET B 174 -16.14 -16.58 -19.57
C MET B 174 -14.92 -17.25 -20.17
N THR B 175 -14.85 -18.59 -20.12
CA THR B 175 -13.77 -19.43 -20.66
C THR B 175 -13.21 -18.79 -21.93
N PRO B 176 -14.02 -18.62 -23.02
CA PRO B 176 -13.42 -18.12 -24.27
C PRO B 176 -13.16 -16.62 -24.20
N ARG B 177 -11.91 -16.24 -23.94
CA ARG B 177 -11.59 -14.87 -23.54
C ARG B 177 -12.09 -13.85 -24.56
N ILE B 178 -12.16 -14.23 -25.83
CA ILE B 178 -12.66 -13.35 -26.89
C ILE B 178 -13.69 -14.02 -27.79
N ALA B 179 -13.76 -15.36 -27.82
CA ALA B 179 -14.63 -16.05 -28.77
C ALA B 179 -16.11 -16.02 -28.39
N GLU B 180 -16.46 -15.66 -27.15
CA GLU B 180 -17.87 -15.50 -26.83
C GLU B 180 -18.20 -14.07 -26.45
N THR B 181 -17.23 -13.16 -26.51
CA THR B 181 -17.56 -11.74 -26.44
C THR B 181 -17.78 -11.17 -27.83
N ALA B 182 -17.10 -11.70 -28.85
CA ALA B 182 -17.38 -11.25 -30.20
C ALA B 182 -18.73 -11.79 -30.69
N LYS B 183 -19.10 -12.99 -30.25
CA LYS B 183 -20.33 -13.61 -30.72
C LYS B 183 -21.55 -13.04 -30.00
N ALA B 184 -21.53 -13.05 -28.66
CA ALA B 184 -22.65 -12.57 -27.87
C ALA B 184 -22.88 -11.07 -28.03
N LEU B 185 -21.81 -10.27 -28.08
CA LEU B 185 -21.98 -8.82 -28.16
C LEU B 185 -22.56 -8.39 -29.50
N TRP B 186 -22.29 -9.16 -30.56
CA TRP B 186 -22.80 -8.77 -31.88
C TRP B 186 -24.32 -8.68 -31.87
N TYR B 187 -24.99 -9.61 -31.19
CA TYR B 187 -26.45 -9.56 -31.15
C TYR B 187 -26.94 -8.28 -30.51
N ILE B 188 -26.31 -7.85 -29.40
CA ILE B 188 -26.66 -6.56 -28.81
C ILE B 188 -26.38 -5.46 -29.82
N TYR B 189 -25.25 -5.56 -30.52
CA TYR B 189 -24.86 -4.56 -31.50
C TYR B 189 -25.89 -4.47 -32.62
N LEU B 190 -26.24 -5.62 -33.20
CA LEU B 190 -27.21 -5.64 -34.30
C LEU B 190 -28.61 -5.27 -33.82
N SER B 191 -29.00 -5.79 -32.65
CA SER B 191 -30.32 -5.46 -32.11
C SER B 191 -30.42 -4.01 -31.69
N LEU B 192 -29.29 -3.31 -31.58
CA LEU B 192 -29.31 -1.88 -31.28
C LEU B 192 -29.31 -1.04 -32.56
N THR B 193 -28.55 -1.46 -33.58
CA THR B 193 -28.50 -0.73 -34.83
C THR B 193 -29.85 -0.75 -35.56
N ILE B 194 -30.49 -1.93 -35.62
CA ILE B 194 -31.78 -2.05 -36.31
C ILE B 194 -32.86 -1.23 -35.60
N ALA B 195 -32.91 -1.29 -34.27
CA ALA B 195 -33.95 -0.59 -33.53
C ALA B 195 -33.96 0.90 -33.86
N CYS B 196 -32.79 1.54 -33.80
CA CYS B 196 -32.72 2.95 -34.16
C CYS B 196 -32.96 3.15 -35.66
N ALA B 197 -32.44 2.22 -36.49
CA ALA B 197 -32.57 2.38 -37.94
C ALA B 197 -34.04 2.44 -38.37
N VAL B 198 -34.85 1.50 -37.89
CA VAL B 198 -36.27 1.52 -38.22
C VAL B 198 -36.95 2.68 -37.50
N ALA B 199 -36.43 3.08 -36.33
CA ALA B 199 -36.97 4.24 -35.62
C ALA B 199 -36.80 5.51 -36.45
N PHE B 200 -35.67 5.65 -37.14
CA PHE B 200 -35.49 6.79 -38.03
C PHE B 200 -36.42 6.70 -39.22
N TRP B 201 -36.67 5.49 -39.71
CA TRP B 201 -37.70 5.30 -40.72
C TRP B 201 -39.07 5.74 -40.21
N LEU B 202 -39.37 5.45 -38.94
CA LEU B 202 -40.61 5.95 -38.35
C LEU B 202 -40.56 7.44 -38.07
N ALA B 203 -39.36 8.02 -38.03
CA ALA B 203 -39.23 9.48 -38.02
C ALA B 203 -39.50 10.05 -39.41
N GLY B 204 -39.17 9.31 -40.46
CA GLY B 204 -39.63 9.66 -41.79
C GLY B 204 -38.55 9.67 -42.85
N MET B 205 -37.29 9.59 -42.46
CA MET B 205 -36.27 9.83 -43.47
C MET B 205 -36.02 8.57 -44.30
N THR B 206 -35.32 8.79 -45.42
CA THR B 206 -35.08 7.75 -46.42
C THR B 206 -34.40 6.55 -45.79
N PRO B 207 -34.57 5.34 -46.38
CA PRO B 207 -33.89 4.16 -45.82
C PRO B 207 -32.40 4.36 -45.64
N PHE B 208 -31.74 4.92 -46.65
CA PHE B 208 -30.30 5.10 -46.60
C PHE B 208 -29.90 5.93 -45.38
N ASP B 209 -30.38 7.19 -45.32
CA ASP B 209 -30.11 8.04 -44.17
C ASP B 209 -30.62 7.42 -42.87
N ALA B 210 -31.69 6.63 -42.94
CA ALA B 210 -32.19 5.98 -41.74
C ALA B 210 -31.17 4.96 -41.22
N ILE B 211 -30.64 4.15 -42.13
CA ILE B 211 -29.71 3.09 -41.75
C ILE B 211 -28.31 3.66 -41.53
N SER B 212 -27.76 4.32 -42.55
CA SER B 212 -26.36 4.74 -42.48
C SER B 212 -26.12 5.79 -41.39
N HIS B 213 -27.18 6.32 -40.77
CA HIS B 213 -27.04 7.13 -39.57
C HIS B 213 -27.18 6.30 -38.29
N SER B 214 -27.65 5.06 -38.41
CA SER B 214 -27.63 4.16 -37.26
C SER B 214 -26.22 3.59 -37.07
N PHE B 215 -25.54 3.25 -38.17
CA PHE B 215 -24.13 2.87 -38.09
C PHE B 215 -23.35 3.94 -37.35
N SER B 216 -23.79 5.20 -37.45
CA SER B 216 -23.07 6.35 -36.91
C SER B 216 -23.44 6.67 -35.48
N THR B 217 -24.69 6.48 -35.07
CA THR B 217 -25.06 6.79 -33.69
C THR B 217 -24.85 5.64 -32.71
N ILE B 218 -24.99 4.38 -33.15
CA ILE B 218 -24.80 3.25 -32.23
C ILE B 218 -23.34 3.18 -31.82
N ALA B 219 -22.45 3.18 -32.79
CA ALA B 219 -21.05 3.37 -32.47
C ALA B 219 -20.90 4.84 -32.08
N ILE B 220 -19.80 5.19 -31.42
CA ILE B 220 -19.70 6.56 -30.94
C ILE B 220 -19.84 7.53 -32.12
N GLY B 221 -19.24 7.17 -33.24
CA GLY B 221 -19.48 7.86 -34.49
C GLY B 221 -19.28 9.35 -34.55
N GLY B 222 -20.28 10.02 -35.11
CA GLY B 222 -20.28 11.44 -35.39
C GLY B 222 -20.53 11.79 -36.84
N PHE B 223 -20.56 10.82 -37.76
CA PHE B 223 -20.60 11.11 -39.18
C PHE B 223 -22.03 11.37 -39.66
N SER B 224 -22.12 11.79 -40.92
CA SER B 224 -23.36 12.27 -41.49
C SER B 224 -23.24 12.13 -43.01
N THR B 225 -24.39 12.08 -43.66
CA THR B 225 -24.48 12.24 -45.09
C THR B 225 -24.84 13.67 -45.47
N HIS B 226 -24.97 14.55 -44.49
CA HIS B 226 -25.23 15.97 -44.68
C HIS B 226 -24.17 16.76 -43.93
N ASP B 227 -23.76 17.90 -44.52
CA ASP B 227 -22.74 18.73 -43.89
C ASP B 227 -23.09 19.05 -42.44
N ALA B 228 -24.32 19.46 -42.21
CA ALA B 228 -24.84 19.60 -40.85
C ALA B 228 -25.39 18.25 -40.40
N SER B 229 -25.01 17.86 -39.17
CA SER B 229 -25.24 16.50 -38.68
C SER B 229 -26.73 16.18 -38.67
N MET B 230 -27.49 16.83 -37.78
CA MET B 230 -28.90 16.57 -37.61
C MET B 230 -29.73 17.84 -37.69
N GLY B 231 -29.18 18.88 -38.31
CA GLY B 231 -29.96 20.04 -38.66
C GLY B 231 -30.62 19.88 -40.01
N TYR B 232 -30.31 18.79 -40.71
CA TYR B 232 -30.96 18.50 -41.97
C TYR B 232 -32.47 18.42 -41.82
N PHE B 233 -32.94 18.00 -40.64
CA PHE B 233 -34.37 17.91 -40.36
C PHE B 233 -34.50 18.27 -38.88
N ASP B 234 -34.82 19.53 -38.60
CA ASP B 234 -34.88 20.01 -37.20
C ASP B 234 -36.18 19.53 -36.53
N SER B 235 -36.30 18.21 -36.43
CA SER B 235 -37.48 17.56 -35.86
C SER B 235 -37.11 16.92 -34.54
N TYR B 236 -37.92 17.21 -33.52
CA TYR B 236 -37.67 16.76 -32.16
C TYR B 236 -37.52 15.24 -32.07
N ALA B 237 -38.23 14.50 -32.92
CA ALA B 237 -38.23 13.05 -32.82
C ALA B 237 -36.85 12.49 -33.11
N ILE B 238 -36.25 12.88 -34.24
CA ILE B 238 -34.94 12.39 -34.63
C ILE B 238 -33.92 12.71 -33.55
N ASN B 239 -33.98 13.93 -33.00
CA ASN B 239 -33.08 14.29 -31.92
C ASN B 239 -33.35 13.43 -30.70
N LEU B 240 -34.63 13.29 -30.35
CA LEU B 240 -34.97 12.57 -29.13
C LEU B 240 -34.72 11.08 -29.27
N ILE B 241 -34.60 10.57 -30.51
CA ILE B 241 -34.16 9.19 -30.70
C ILE B 241 -32.65 9.12 -30.67
N THR B 242 -31.98 10.06 -31.35
CA THR B 242 -30.52 10.09 -31.34
C THR B 242 -29.97 10.33 -29.95
N VAL B 243 -30.70 11.08 -29.11
CA VAL B 243 -30.29 11.28 -27.72
C VAL B 243 -30.36 9.95 -26.98
N VAL B 244 -31.50 9.26 -27.05
CA VAL B 244 -31.70 8.06 -26.24
C VAL B 244 -30.89 6.90 -26.79
N PHE B 245 -30.58 6.90 -28.08
CA PHE B 245 -29.74 5.85 -28.66
C PHE B 245 -28.25 6.15 -28.56
N LEU B 246 -27.88 7.32 -28.05
CA LEU B 246 -26.51 7.56 -27.64
C LEU B 246 -26.31 7.26 -26.16
N LEU B 247 -27.27 7.62 -25.32
CA LEU B 247 -27.18 7.26 -23.90
C LEU B 247 -27.22 5.75 -23.71
N ILE B 248 -28.09 5.07 -24.46
CA ILE B 248 -28.20 3.61 -24.33
C ILE B 248 -26.97 2.93 -24.91
N SER B 249 -26.42 3.47 -26.01
CA SER B 249 -25.26 2.86 -26.66
C SER B 249 -23.94 3.27 -26.03
N ALA B 250 -23.93 4.29 -25.18
CA ALA B 250 -22.68 4.81 -24.63
C ALA B 250 -22.22 4.03 -23.41
N CYS B 251 -23.12 3.38 -22.69
CA CYS B 251 -22.68 2.81 -21.42
C CYS B 251 -22.16 1.38 -21.58
N ASN B 252 -21.65 0.84 -20.48
CA ASN B 252 -21.00 -0.47 -20.46
C ASN B 252 -21.88 -1.53 -21.11
N PHE B 253 -21.31 -2.24 -22.08
CA PHE B 253 -22.09 -3.26 -22.77
C PHE B 253 -22.27 -4.51 -21.94
N THR B 254 -21.35 -4.78 -21.02
CA THR B 254 -21.60 -5.83 -20.04
C THR B 254 -22.76 -5.49 -19.12
N LEU B 255 -23.22 -4.24 -19.12
CA LEU B 255 -24.48 -3.94 -18.47
C LEU B 255 -25.64 -4.13 -19.43
N HIS B 256 -25.41 -3.97 -20.74
CA HIS B 256 -26.33 -4.45 -21.74
C HIS B 256 -26.35 -5.97 -21.82
N PHE B 257 -25.45 -6.64 -21.09
CA PHE B 257 -25.51 -8.07 -20.90
C PHE B 257 -26.51 -8.47 -19.82
N ALA B 258 -27.34 -7.54 -19.38
CA ALA B 258 -28.46 -7.80 -18.49
C ALA B 258 -29.72 -8.19 -19.25
N ALA B 259 -29.63 -8.37 -20.57
CA ALA B 259 -30.73 -8.83 -21.39
C ALA B 259 -30.54 -10.21 -21.99
N PHE B 260 -29.30 -10.62 -22.25
CA PHE B 260 -29.02 -11.94 -22.83
C PHE B 260 -28.78 -13.02 -21.79
N ALA B 261 -28.91 -12.72 -20.50
CA ALA B 261 -28.73 -13.70 -19.43
C ALA B 261 -30.05 -13.82 -18.67
N SER B 262 -30.90 -14.76 -19.09
CA SER B 262 -32.19 -15.04 -18.45
C SER B 262 -33.15 -13.85 -18.54
N GLY B 263 -33.23 -13.25 -19.73
CA GLY B 263 -34.26 -12.27 -20.00
C GLY B 263 -34.06 -10.93 -19.33
N GLY B 264 -35.12 -10.12 -19.37
CA GLY B 264 -35.05 -8.73 -18.98
C GLY B 264 -35.18 -8.43 -17.50
N VAL B 265 -34.06 -8.52 -16.78
CA VAL B 265 -34.00 -8.21 -15.35
C VAL B 265 -33.11 -6.98 -15.20
N HIS B 266 -33.29 -6.01 -16.11
CA HIS B 266 -32.39 -4.87 -16.30
C HIS B 266 -32.14 -4.08 -15.02
N PRO B 267 -33.15 -3.41 -14.44
CA PRO B 267 -32.87 -2.32 -13.50
C PRO B 267 -31.88 -2.63 -12.37
N LYS B 268 -31.84 -3.86 -11.86
CA LYS B 268 -30.88 -4.18 -10.81
C LYS B 268 -29.46 -4.13 -11.35
N TYR B 269 -29.22 -4.75 -12.52
CA TYR B 269 -27.87 -4.73 -13.10
C TYR B 269 -27.41 -3.33 -13.40
N TYR B 270 -28.27 -2.51 -14.02
CA TYR B 270 -27.87 -1.16 -14.39
C TYR B 270 -27.56 -0.30 -13.18
N TRP B 271 -28.56 -0.09 -12.32
CA TRP B 271 -28.41 0.95 -11.31
C TRP B 271 -27.40 0.58 -10.24
N LYS B 272 -27.16 -0.70 -10.02
CA LYS B 272 -26.19 -1.11 -9.00
C LYS B 272 -24.76 -1.07 -9.50
N ASP B 273 -24.54 -0.61 -10.73
CA ASP B 273 -23.21 -0.37 -11.25
C ASP B 273 -22.84 1.09 -11.06
N PRO B 274 -21.86 1.43 -10.24
CA PRO B 274 -21.58 2.86 -9.95
C PRO B 274 -21.19 3.67 -11.16
N GLU B 275 -20.67 3.04 -12.22
CA GLU B 275 -20.32 3.79 -13.42
C GLU B 275 -21.57 4.34 -14.11
N PHE B 276 -22.61 3.52 -14.22
CA PHE B 276 -23.87 3.97 -14.79
C PHE B 276 -24.57 4.96 -13.87
N ARG B 277 -24.39 4.81 -12.56
CA ARG B 277 -24.95 5.75 -11.60
C ARG B 277 -24.28 7.11 -11.68
N ALA B 278 -23.04 7.18 -12.19
CA ALA B 278 -22.35 8.44 -12.42
C ALA B 278 -22.47 8.92 -13.85
N PHE B 279 -22.68 8.00 -14.81
CA PHE B 279 -22.96 8.40 -16.19
C PHE B 279 -24.24 9.22 -16.29
N ILE B 280 -25.27 8.88 -15.50
CA ILE B 280 -26.52 9.63 -15.53
C ILE B 280 -26.34 11.00 -14.91
N PHE B 281 -25.78 11.03 -13.69
CA PHE B 281 -25.62 12.29 -12.99
C PHE B 281 -24.74 13.28 -13.75
N ILE B 282 -23.63 12.81 -14.31
CA ILE B 282 -22.79 13.69 -15.12
C ILE B 282 -23.54 14.14 -16.37
N GLN B 283 -24.38 13.25 -16.93
CA GLN B 283 -25.13 13.61 -18.12
C GLN B 283 -26.25 14.61 -17.80
N VAL B 284 -26.91 14.44 -16.65
CA VAL B 284 -28.00 15.30 -16.25
C VAL B 284 -27.48 16.68 -15.86
N LEU B 285 -26.50 16.71 -14.95
CA LEU B 285 -25.93 17.97 -14.49
C LEU B 285 -25.40 18.81 -15.65
N LEU B 286 -24.81 18.16 -16.66
CA LEU B 286 -24.36 18.89 -17.84
C LEU B 286 -25.52 19.57 -18.54
N PHE B 287 -26.46 18.77 -19.05
CA PHE B 287 -27.61 19.33 -19.75
C PHE B 287 -28.38 20.31 -18.85
N LEU B 288 -28.42 20.04 -17.54
CA LEU B 288 -29.17 20.92 -16.65
C LEU B 288 -28.54 22.30 -16.62
N VAL B 289 -27.21 22.36 -16.46
CA VAL B 289 -26.54 23.66 -16.44
C VAL B 289 -26.46 24.24 -17.85
N CYS B 290 -26.37 23.39 -18.88
CA CYS B 290 -26.39 23.90 -20.25
C CYS B 290 -27.77 24.36 -20.68
N PHE B 291 -28.80 24.01 -19.90
CA PHE B 291 -30.16 24.49 -20.14
C PHE B 291 -30.43 25.82 -19.46
N LEU B 292 -30.10 25.94 -18.17
CA LEU B 292 -30.34 27.20 -17.46
C LEU B 292 -29.54 28.33 -18.06
N LEU B 293 -28.37 28.04 -18.64
CA LEU B 293 -27.60 29.10 -19.28
C LEU B 293 -28.20 29.50 -20.61
N LEU B 294 -28.98 28.62 -21.25
CA LEU B 294 -29.66 29.00 -22.48
C LEU B 294 -30.94 29.77 -22.18
N LEU B 295 -31.66 29.37 -21.12
CA LEU B 295 -32.90 30.05 -20.77
C LEU B 295 -32.63 31.45 -20.23
N LYS B 296 -31.54 31.61 -19.47
CA LYS B 296 -31.19 32.92 -18.96
C LYS B 296 -30.71 33.85 -20.06
N HIS B 297 -30.23 33.28 -21.17
CA HIS B 297 -29.70 34.06 -22.27
C HIS B 297 -30.70 34.35 -23.37
N HIS B 298 -31.88 33.74 -23.32
CA HIS B 298 -32.87 33.85 -24.41
C HIS B 298 -32.19 33.60 -25.75
N SER B 299 -31.42 32.51 -25.81
CA SER B 299 -30.77 32.16 -27.06
C SER B 299 -31.77 31.62 -28.04
N TYR B 300 -32.85 31.01 -27.54
CA TYR B 300 -33.88 30.42 -28.37
C TYR B 300 -35.24 30.92 -27.90
N THR B 301 -36.14 31.10 -28.86
CA THR B 301 -37.39 31.82 -28.60
C THR B 301 -38.29 31.04 -27.65
N SER B 302 -38.42 29.73 -27.88
CA SER B 302 -39.29 28.89 -27.09
C SER B 302 -38.48 27.83 -26.36
N PRO B 303 -38.67 27.68 -25.04
CA PRO B 303 -37.85 26.73 -24.28
C PRO B 303 -37.96 25.28 -24.75
N TYR B 304 -38.84 24.96 -25.70
CA TYR B 304 -38.83 23.62 -26.26
C TYR B 304 -37.65 23.45 -27.21
N ASP B 305 -37.38 24.46 -28.05
CA ASP B 305 -36.18 24.42 -28.88
C ASP B 305 -34.92 24.41 -28.03
N ALA B 306 -34.87 25.28 -27.01
CA ALA B 306 -33.71 25.31 -26.14
C ALA B 306 -33.50 23.95 -25.47
N PHE B 307 -34.60 23.36 -24.99
CA PHE B 307 -34.53 22.01 -24.44
C PHE B 307 -34.03 21.03 -25.49
N ASP B 308 -34.59 21.10 -26.69
CA ASP B 308 -34.18 20.21 -27.78
C ASP B 308 -32.70 20.39 -28.10
N GLN B 309 -32.29 21.64 -28.32
CA GLN B 309 -30.93 21.92 -28.75
C GLN B 309 -29.91 21.58 -27.65
N ALA B 310 -30.18 21.98 -26.42
CA ALA B 310 -29.25 21.70 -25.33
C ALA B 310 -29.16 20.20 -25.07
N LEU B 311 -30.29 19.57 -24.71
CA LEU B 311 -30.29 18.16 -24.33
C LEU B 311 -29.69 17.28 -25.41
N PHE B 312 -29.59 17.77 -26.64
CA PHE B 312 -28.91 16.98 -27.66
C PHE B 312 -27.42 17.29 -27.66
N GLN B 313 -27.04 18.55 -27.47
CA GLN B 313 -25.63 18.93 -27.60
C GLN B 313 -24.81 18.42 -26.42
N THR B 314 -25.36 18.44 -25.20
CA THR B 314 -24.62 17.92 -24.06
C THR B 314 -24.43 16.41 -24.16
N VAL B 315 -25.44 15.71 -24.72
CA VAL B 315 -25.39 14.26 -24.85
C VAL B 315 -24.81 13.82 -26.18
N SER B 316 -24.50 14.75 -27.08
CA SER B 316 -23.75 14.43 -28.29
C SER B 316 -22.28 14.84 -28.18
N ILE B 317 -21.93 15.64 -27.18
CA ILE B 317 -20.56 16.09 -27.01
C ILE B 317 -19.89 15.44 -25.79
N SER B 318 -20.63 15.17 -24.72
CA SER B 318 -20.02 14.55 -23.55
C SER B 318 -19.91 13.04 -23.69
N THR B 319 -20.63 12.47 -24.65
CA THR B 319 -20.55 11.05 -24.92
C THR B 319 -19.53 10.76 -26.02
N THR B 320 -18.84 11.79 -26.52
CA THR B 320 -17.84 11.69 -27.58
C THR B 320 -18.52 11.44 -28.92
N ALA B 321 -19.84 11.63 -28.99
CA ALA B 321 -20.59 11.32 -30.21
C ALA B 321 -20.18 12.23 -31.36
N GLY B 322 -20.11 13.54 -31.11
CA GLY B 322 -19.65 14.45 -32.14
C GLY B 322 -20.69 15.00 -33.08
N PHE B 323 -21.98 14.96 -32.72
CA PHE B 323 -23.02 15.42 -33.62
C PHE B 323 -23.34 16.89 -33.34
N THR B 324 -23.38 17.68 -34.39
CA THR B 324 -23.64 19.10 -34.32
C THR B 324 -24.97 19.35 -35.02
N THR B 325 -26.01 19.69 -34.24
CA THR B 325 -27.28 20.12 -34.80
C THR B 325 -27.49 21.62 -34.59
N THR B 326 -26.39 22.37 -34.52
CA THR B 326 -26.48 23.80 -34.35
C THR B 326 -25.13 24.41 -34.73
N GLY B 327 -25.06 25.73 -34.63
CA GLY B 327 -23.86 26.46 -34.95
C GLY B 327 -23.43 27.30 -33.76
N PHE B 328 -24.03 27.03 -32.59
CA PHE B 328 -23.77 27.80 -31.38
C PHE B 328 -23.89 29.30 -31.63
N ALA B 329 -24.80 29.68 -32.54
CA ALA B 329 -24.94 31.07 -32.93
C ALA B 329 -25.28 31.96 -31.73
N ASP B 330 -26.42 31.71 -31.10
CA ASP B 330 -26.87 32.51 -29.96
C ASP B 330 -26.29 32.01 -28.64
N TRP B 331 -25.48 30.96 -28.68
CA TRP B 331 -24.82 30.43 -27.51
C TRP B 331 -23.63 31.30 -27.10
N PRO B 332 -23.41 31.50 -25.80
CA PRO B 332 -22.21 32.23 -25.36
C PRO B 332 -20.96 31.50 -25.82
N LEU B 333 -19.89 32.26 -26.07
CA LEU B 333 -18.61 31.62 -26.38
C LEU B 333 -18.28 30.62 -25.30
N PHE B 334 -18.73 30.89 -24.09
CA PHE B 334 -18.47 30.16 -22.86
C PHE B 334 -19.21 28.82 -22.81
N LEU B 335 -20.01 28.47 -23.83
CA LEU B 335 -20.67 27.16 -23.83
C LEU B 335 -19.91 26.13 -24.66
N PRO B 336 -19.45 26.45 -25.88
CA PRO B 336 -18.63 25.47 -26.62
C PRO B 336 -17.36 25.08 -25.89
N VAL B 337 -16.78 26.00 -25.10
CA VAL B 337 -15.60 25.67 -24.32
C VAL B 337 -15.95 24.66 -23.23
N LEU B 338 -17.01 24.94 -22.46
CA LEU B 338 -17.43 24.03 -21.40
C LEU B 338 -17.78 22.65 -21.95
N LEU B 339 -18.46 22.61 -23.09
CA LEU B 339 -18.81 21.33 -23.70
C LEU B 339 -17.56 20.57 -24.14
N LEU B 340 -16.55 21.28 -24.64
CA LEU B 340 -15.33 20.61 -25.05
C LEU B 340 -14.61 20.00 -23.84
N PHE B 341 -14.64 20.69 -22.70
CA PHE B 341 -14.08 20.12 -21.47
C PHE B 341 -14.86 18.88 -21.04
N SER B 342 -16.17 18.87 -21.29
CA SER B 342 -17.01 17.73 -20.98
C SER B 342 -16.76 16.56 -21.91
N SER B 343 -16.03 16.78 -23.02
CA SER B 343 -15.71 15.71 -23.94
C SER B 343 -14.81 14.67 -23.29
N PHE B 344 -13.99 15.08 -22.33
CA PHE B 344 -13.08 14.15 -21.69
C PHE B 344 -13.84 13.05 -20.95
N ILE B 345 -14.96 13.40 -20.32
CA ILE B 345 -15.80 12.44 -19.61
C ILE B 345 -16.71 11.72 -20.59
N GLY B 346 -16.14 10.90 -21.48
CA GLY B 346 -16.94 10.28 -22.51
C GLY B 346 -17.70 9.08 -21.98
N GLY B 347 -18.18 8.25 -22.91
CA GLY B 347 -19.14 7.21 -22.58
C GLY B 347 -18.60 6.22 -21.56
N CYS B 348 -19.50 5.53 -20.86
CA CYS B 348 -19.03 4.65 -19.80
C CYS B 348 -18.08 3.62 -20.39
N ALA B 349 -17.15 3.16 -19.55
CA ALA B 349 -16.07 2.31 -20.01
C ALA B 349 -16.62 1.00 -20.57
N GLY B 350 -15.83 0.36 -21.42
CA GLY B 350 -16.27 -0.88 -22.04
C GLY B 350 -17.26 -0.68 -23.17
N SER B 351 -17.32 0.52 -23.73
CA SER B 351 -18.26 0.86 -24.78
C SER B 351 -17.58 1.86 -25.70
N THR B 352 -18.20 2.10 -26.85
CA THR B 352 -17.71 3.14 -27.75
C THR B 352 -17.64 4.44 -26.94
N GLY B 353 -16.47 5.05 -26.88
CA GLY B 353 -16.09 5.76 -25.67
C GLY B 353 -15.16 6.93 -25.91
N GLY B 354 -15.09 7.80 -24.91
CA GLY B 354 -14.30 9.02 -24.97
C GLY B 354 -12.92 8.85 -24.38
N GLY B 355 -12.25 9.99 -24.18
CA GLY B 355 -10.85 9.96 -23.79
C GLY B 355 -10.63 9.42 -22.38
N MET B 356 -11.34 9.96 -21.40
CA MET B 356 -11.29 9.46 -20.03
C MET B 356 -12.66 8.99 -19.63
N LYS B 357 -12.85 7.68 -19.53
CA LYS B 357 -14.19 7.18 -19.31
C LYS B 357 -14.67 7.64 -17.93
N VAL B 358 -15.98 7.58 -17.73
CA VAL B 358 -16.63 8.03 -16.50
C VAL B 358 -15.89 7.58 -15.24
N ILE B 359 -15.47 6.31 -15.21
CA ILE B 359 -14.76 5.82 -14.04
C ILE B 359 -13.46 6.59 -13.84
N ARG B 360 -12.67 6.74 -14.91
CA ARG B 360 -11.44 7.51 -14.80
C ARG B 360 -11.72 8.86 -14.16
N ILE B 361 -12.85 9.48 -14.50
CA ILE B 361 -13.23 10.73 -13.87
C ILE B 361 -13.83 10.45 -12.51
N LEU B 362 -14.64 9.41 -12.42
CA LEU B 362 -15.26 9.04 -11.15
C LEU B 362 -14.20 8.67 -10.12
N LEU B 363 -13.31 7.74 -10.49
CA LEU B 363 -12.17 7.45 -9.64
C LEU B 363 -11.38 8.71 -9.32
N LEU B 364 -11.24 9.60 -10.30
CA LEU B 364 -10.47 10.82 -10.06
C LEU B 364 -11.14 11.73 -9.04
N THR B 365 -12.46 11.90 -9.14
CA THR B 365 -13.15 12.76 -8.18
C THR B 365 -13.18 12.11 -6.80
N LEU B 366 -13.43 10.81 -6.73
CA LEU B 366 -13.38 10.09 -5.46
C LEU B 366 -12.04 10.29 -4.77
N GLN B 367 -10.95 9.92 -5.44
CA GLN B 367 -9.62 9.98 -4.84
C GLN B 367 -9.19 11.41 -4.53
N GLY B 368 -9.58 12.37 -5.36
CA GLY B 368 -9.18 13.74 -5.12
C GLY B 368 -9.78 14.34 -3.86
N ALA B 369 -10.97 13.87 -3.48
CA ALA B 369 -11.61 14.36 -2.26
C ALA B 369 -11.05 13.69 -1.03
N ARG B 370 -10.67 12.41 -1.13
CA ARG B 370 -9.95 11.75 -0.04
C ARG B 370 -8.67 12.51 0.31
N GLU B 371 -7.92 12.94 -0.71
CA GLU B 371 -6.75 13.76 -0.47
C GLU B 371 -7.10 15.09 0.17
N LEU B 372 -8.35 15.54 0.07
CA LEU B 372 -8.75 16.75 0.77
C LEU B 372 -9.12 16.47 2.22
N LYS B 373 -9.67 15.28 2.49
CA LYS B 373 -10.02 14.92 3.86
C LYS B 373 -8.77 14.62 4.69
N ARG B 374 -7.86 13.79 4.16
CA ARG B 374 -6.66 13.41 4.88
C ARG B 374 -5.87 14.62 5.37
N LEU B 375 -6.04 15.76 4.71
CA LEU B 375 -5.30 16.96 5.09
C LEU B 375 -5.66 17.43 6.49
N VAL B 376 -6.85 17.10 6.98
CA VAL B 376 -7.30 17.49 8.30
C VAL B 376 -7.15 16.34 9.30
N HIS B 377 -7.40 15.10 8.85
CA HIS B 377 -7.29 13.92 9.70
C HIS B 377 -6.14 13.10 9.15
N PRO B 378 -4.89 13.47 9.42
CA PRO B 378 -3.76 12.80 8.78
C PRO B 378 -3.63 11.35 9.18
N ARG B 379 -4.00 11.03 10.41
CA ARG B 379 -3.84 9.69 10.96
C ARG B 379 -5.06 8.81 10.75
N ALA B 380 -5.99 9.22 9.89
CA ALA B 380 -7.17 8.42 9.58
C ALA B 380 -6.88 7.47 8.43
N VAL B 381 -7.72 6.44 8.30
CA VAL B 381 -7.63 5.45 7.24
C VAL B 381 -8.84 5.61 6.33
N TYR B 382 -8.59 5.89 5.05
CA TYR B 382 -9.64 6.14 4.07
C TYR B 382 -9.55 5.11 2.95
N THR B 383 -10.69 4.89 2.30
CA THR B 383 -10.80 3.90 1.23
C THR B 383 -11.68 4.46 0.13
N ILE B 384 -11.77 3.73 -0.97
CA ILE B 384 -12.56 4.11 -2.12
C ILE B 384 -13.82 3.28 -2.17
N LYS B 385 -14.93 3.92 -2.52
CA LYS B 385 -16.27 3.39 -2.38
C LYS B 385 -16.85 2.77 -3.65
N VAL B 386 -16.21 2.98 -4.81
CA VAL B 386 -16.89 2.84 -6.11
C VAL B 386 -17.67 1.52 -6.20
N GLY B 387 -16.99 0.39 -6.05
CA GLY B 387 -17.60 -0.91 -6.22
C GLY B 387 -18.13 -1.49 -4.93
N GLY B 388 -18.26 -2.82 -4.93
CA GLY B 388 -18.52 -3.51 -3.67
C GLY B 388 -17.35 -3.42 -2.70
N SER B 389 -16.15 -3.75 -3.17
CA SER B 389 -14.94 -3.69 -2.37
C SER B 389 -14.04 -2.56 -2.86
N ALA B 390 -13.34 -1.95 -1.91
CA ALA B 390 -12.45 -0.84 -2.22
C ALA B 390 -11.39 -1.25 -3.25
N LEU B 391 -10.87 -0.26 -3.95
CA LEU B 391 -9.99 -0.61 -5.06
C LEU B 391 -8.58 -0.99 -4.60
N PRO B 392 -7.91 -1.86 -5.35
CA PRO B 392 -6.50 -2.12 -5.09
C PRO B 392 -5.65 -0.93 -5.50
N GLN B 393 -4.57 -0.70 -4.76
CA GLN B 393 -3.70 0.44 -5.05
C GLN B 393 -3.14 0.39 -6.46
N ARG B 394 -3.18 -0.78 -7.11
CA ARG B 394 -2.79 -0.87 -8.51
C ARG B 394 -3.70 -0.03 -9.41
N VAL B 395 -5.02 -0.14 -9.21
CA VAL B 395 -5.97 0.55 -10.08
C VAL B 395 -5.93 2.06 -9.86
N VAL B 396 -5.89 2.50 -8.60
CA VAL B 396 -5.80 3.94 -8.33
C VAL B 396 -4.56 4.52 -9.00
N ASP B 397 -3.46 3.77 -9.03
CA ASP B 397 -2.27 4.23 -9.74
C ASP B 397 -2.51 4.23 -11.25
N ALA B 398 -3.26 3.25 -11.75
CA ALA B 398 -3.50 3.14 -13.18
C ALA B 398 -4.49 4.18 -13.69
N VAL B 399 -5.16 4.91 -12.81
CA VAL B 399 -5.94 6.07 -13.21
C VAL B 399 -5.07 7.31 -13.23
N TRP B 400 -4.29 7.51 -12.17
CA TRP B 400 -3.46 8.71 -12.01
C TRP B 400 -2.22 8.70 -12.88
N GLY B 401 -1.77 7.54 -13.34
CA GLY B 401 -0.74 7.54 -14.37
C GLY B 401 -1.33 7.76 -15.74
N PHE B 402 -2.62 7.47 -15.89
CA PHE B 402 -3.33 7.69 -17.14
C PHE B 402 -3.63 9.16 -17.36
N PHE B 403 -3.98 9.89 -16.28
CA PHE B 403 -4.13 11.34 -16.38
C PHE B 403 -2.81 12.00 -16.77
N SER B 404 -1.70 11.54 -16.17
CA SER B 404 -0.40 12.12 -16.47
C SER B 404 -0.02 11.91 -17.92
N ALA B 405 -0.11 10.66 -18.39
CA ALA B 405 0.19 10.37 -19.79
C ALA B 405 -0.72 11.15 -20.71
N TYR B 406 -1.99 11.33 -20.32
CA TYR B 406 -2.95 12.05 -21.15
C TYR B 406 -2.51 13.50 -21.36
N ALA B 407 -2.26 14.21 -20.27
CA ALA B 407 -1.75 15.58 -20.31
C ALA B 407 -0.26 15.64 -20.65
N LEU B 408 0.39 14.50 -20.86
CA LEU B 408 1.72 14.54 -21.46
C LEU B 408 1.63 14.48 -22.97
N VAL B 409 0.75 13.64 -23.52
CA VAL B 409 0.56 13.58 -24.96
C VAL B 409 -0.10 14.86 -25.44
N PHE B 410 -1.16 15.27 -24.74
CA PHE B 410 -1.94 16.43 -25.16
C PHE B 410 -1.11 17.70 -25.25
N VAL B 411 0.00 17.78 -24.52
CA VAL B 411 0.87 18.95 -24.58
C VAL B 411 1.93 18.77 -25.66
N VAL B 412 2.48 17.56 -25.80
CA VAL B 412 3.43 17.30 -26.88
C VAL B 412 2.71 17.35 -28.24
N CYS B 413 1.52 16.76 -28.33
CA CYS B 413 0.74 16.86 -29.56
C CYS B 413 0.28 18.28 -29.84
N MET B 414 0.32 19.17 -28.86
CA MET B 414 -0.08 20.55 -29.05
C MET B 414 1.06 21.41 -29.58
N LEU B 415 2.25 21.29 -28.96
CA LEU B 415 3.44 21.99 -29.44
C LEU B 415 3.99 21.38 -30.70
N GLY B 416 3.26 20.40 -31.24
CA GLY B 416 3.58 19.79 -32.52
C GLY B 416 2.66 20.33 -33.59
N LEU B 417 1.42 20.67 -33.21
CA LEU B 417 0.53 21.37 -34.11
C LEU B 417 0.85 22.85 -34.21
N ILE B 418 1.34 23.46 -33.13
CA ILE B 418 1.68 24.87 -33.17
C ILE B 418 2.78 25.11 -34.19
N ALA B 419 3.80 24.24 -34.18
CA ALA B 419 4.95 24.43 -35.06
C ALA B 419 4.55 24.42 -36.52
N THR B 420 3.55 23.61 -36.89
CA THR B 420 3.15 23.52 -38.28
C THR B 420 2.34 24.73 -38.75
N GLY B 421 2.31 25.81 -37.97
CA GLY B 421 1.69 27.04 -38.41
C GLY B 421 0.32 27.31 -37.85
N MET B 422 -0.24 26.41 -37.04
CA MET B 422 -1.53 26.69 -36.47
C MET B 422 -1.36 27.65 -35.29
N ASP B 423 -2.48 28.00 -34.66
CA ASP B 423 -2.46 28.90 -33.54
C ASP B 423 -2.77 28.11 -32.28
N GLU B 424 -2.36 28.67 -31.14
CA GLU B 424 -2.54 28.00 -29.86
C GLU B 424 -3.98 27.53 -29.68
N LEU B 425 -4.94 28.39 -29.98
CA LEU B 425 -6.33 28.05 -29.71
C LEU B 425 -6.81 26.92 -30.62
N SER B 426 -6.51 27.01 -31.92
CA SER B 426 -6.98 25.97 -32.84
C SER B 426 -6.33 24.61 -32.57
N ALA B 427 -5.07 24.60 -32.13
CA ALA B 427 -4.43 23.33 -31.77
C ALA B 427 -5.19 22.66 -30.64
N PHE B 428 -5.37 23.39 -29.55
CA PHE B 428 -6.16 22.91 -28.41
C PHE B 428 -7.53 22.43 -28.88
N SER B 429 -8.20 23.23 -29.72
CA SER B 429 -9.52 22.81 -30.22
C SER B 429 -9.43 21.54 -31.06
N ALA B 430 -8.26 21.24 -31.63
CA ALA B 430 -8.10 20.07 -32.50
C ALA B 430 -7.75 18.81 -31.71
N VAL B 431 -6.69 18.86 -30.88
CA VAL B 431 -6.24 17.65 -30.19
C VAL B 431 -7.24 17.23 -29.12
N ALA B 432 -7.88 18.19 -28.45
CA ALA B 432 -8.93 17.83 -27.51
C ALA B 432 -10.11 17.20 -28.23
N ALA B 433 -10.25 17.47 -29.53
CA ALA B 433 -11.29 16.87 -30.33
C ALA B 433 -10.88 15.52 -30.91
N THR B 434 -9.58 15.27 -31.06
CA THR B 434 -9.12 14.02 -31.64
C THR B 434 -8.64 13.01 -30.61
N LEU B 435 -7.94 13.48 -29.56
CA LEU B 435 -7.55 12.59 -28.47
C LEU B 435 -8.77 11.97 -27.81
N ASN B 436 -9.85 12.74 -27.68
CA ASN B 436 -11.10 12.23 -27.10
C ASN B 436 -11.98 11.51 -28.11
N ASN B 437 -11.66 11.57 -29.40
CA ASN B 437 -12.46 10.96 -30.47
C ASN B 437 -13.78 11.73 -30.67
N LEU B 438 -13.68 13.05 -30.73
CA LEU B 438 -14.83 13.89 -31.03
C LEU B 438 -14.53 14.74 -32.26
N GLY B 439 -15.27 14.48 -33.35
CA GLY B 439 -14.97 15.10 -34.62
C GLY B 439 -15.02 16.61 -34.63
N PRO B 440 -16.03 17.25 -34.04
CA PRO B 440 -16.16 18.70 -34.12
C PRO B 440 -14.99 19.47 -33.51
N GLY B 441 -14.68 20.62 -34.12
CA GLY B 441 -13.65 21.48 -33.55
C GLY B 441 -14.13 22.10 -32.25
N LEU B 442 -15.40 22.51 -32.22
CA LEU B 442 -16.06 23.01 -31.02
C LEU B 442 -15.51 24.33 -30.49
N GLY B 443 -15.93 25.41 -31.14
CA GLY B 443 -15.63 26.77 -30.73
C GLY B 443 -16.78 27.59 -31.29
N GLU B 444 -16.82 28.89 -30.94
CA GLU B 444 -17.83 29.71 -31.57
C GLU B 444 -17.61 29.73 -33.07
N VAL B 445 -16.36 29.86 -33.49
CA VAL B 445 -15.98 29.70 -34.89
C VAL B 445 -15.34 28.32 -34.92
N ALA B 446 -15.89 27.42 -35.72
CA ALA B 446 -15.43 26.06 -35.63
C ALA B 446 -14.06 25.91 -36.28
N LEU B 447 -13.39 24.82 -35.96
CA LEU B 447 -12.28 24.37 -36.76
C LEU B 447 -12.89 23.53 -37.86
N HIS B 448 -12.49 23.81 -39.09
CA HIS B 448 -12.92 23.03 -40.23
C HIS B 448 -11.66 22.32 -40.69
N PHE B 449 -11.70 20.99 -40.70
CA PHE B 449 -10.46 20.23 -40.76
C PHE B 449 -9.82 20.23 -42.14
N GLY B 450 -10.48 20.81 -43.13
CA GLY B 450 -9.81 21.06 -44.39
C GLY B 450 -8.70 22.07 -44.26
N ASP B 451 -8.95 23.15 -43.49
CA ASP B 451 -7.97 24.21 -43.32
C ASP B 451 -6.71 23.71 -42.61
N VAL B 452 -6.81 22.56 -41.92
CA VAL B 452 -5.67 22.06 -41.17
C VAL B 452 -4.54 21.74 -42.14
N ASN B 453 -3.32 22.00 -41.71
CA ASN B 453 -2.14 21.82 -42.54
C ASN B 453 -1.92 20.34 -42.79
N ASP B 454 -1.18 20.01 -43.85
CA ASP B 454 -0.94 18.60 -44.16
C ASP B 454 -0.18 17.89 -43.03
N LYS B 455 0.88 18.52 -42.51
CA LYS B 455 1.66 17.83 -41.49
C LYS B 455 0.85 17.66 -40.21
N ALA B 456 0.03 18.65 -39.86
CA ALA B 456 -0.85 18.50 -38.70
C ALA B 456 -1.84 17.35 -38.92
N LYS B 457 -2.44 17.27 -40.11
CA LYS B 457 -3.39 16.19 -40.38
C LYS B 457 -2.80 14.81 -40.12
N TRP B 458 -1.46 14.71 -40.09
CA TRP B 458 -0.79 13.50 -39.64
C TRP B 458 -0.77 13.41 -38.12
N VAL B 459 -0.36 14.50 -37.46
CA VAL B 459 -0.33 14.50 -35.99
C VAL B 459 -1.71 14.22 -35.44
N LEU B 460 -2.76 14.68 -36.12
CA LEU B 460 -4.12 14.38 -35.68
C LEU B 460 -4.38 12.88 -35.78
N ILE B 461 -3.98 12.25 -36.88
CA ILE B 461 -4.06 10.79 -37.00
C ILE B 461 -3.27 10.13 -35.87
N VAL B 462 -2.02 10.56 -35.67
CA VAL B 462 -1.20 10.04 -34.57
C VAL B 462 -1.96 10.16 -33.26
N SER B 463 -2.72 11.25 -33.09
CA SER B 463 -3.38 11.53 -31.83
C SER B 463 -4.66 10.71 -31.66
N MET B 464 -5.50 10.65 -32.70
CA MET B 464 -6.77 9.95 -32.56
C MET B 464 -6.57 8.47 -32.27
N LEU B 465 -5.46 7.89 -32.72
CA LEU B 465 -5.09 6.56 -32.25
C LEU B 465 -4.85 6.56 -30.75
N PHE B 466 -4.00 7.47 -30.27
CA PHE B 466 -3.69 7.57 -28.85
C PHE B 466 -4.93 7.54 -27.96
N GLY B 467 -6.04 8.08 -28.45
CA GLY B 467 -7.25 8.14 -27.67
C GLY B 467 -8.02 6.84 -27.81
N ARG B 468 -7.96 6.26 -29.01
CA ARG B 468 -8.72 5.05 -29.31
C ARG B 468 -8.11 3.82 -28.65
N LEU B 469 -6.84 3.54 -28.95
CA LEU B 469 -6.06 2.75 -28.03
C LEU B 469 -6.05 3.47 -26.69
N GLU B 470 -6.16 2.72 -25.60
CA GLU B 470 -5.86 3.37 -24.34
C GLU B 470 -4.44 3.87 -24.45
N ILE B 471 -4.26 5.15 -24.15
CA ILE B 471 -3.06 5.92 -24.47
C ILE B 471 -1.78 5.11 -24.21
N PHE B 472 -1.76 4.33 -23.13
CA PHE B 472 -0.56 3.56 -22.80
C PHE B 472 -0.24 2.53 -23.88
N THR B 473 -1.28 1.93 -24.49
CA THR B 473 -1.07 0.83 -25.43
C THR B 473 -0.05 1.23 -26.47
N LEU B 474 -0.12 2.46 -26.97
CA LEU B 474 0.84 2.94 -27.96
C LEU B 474 2.02 3.65 -27.32
N LEU B 475 1.84 4.22 -26.12
CA LEU B 475 2.94 4.90 -25.43
C LEU B 475 4.07 3.94 -25.05
N ILE B 476 3.76 2.69 -24.72
CA ILE B 476 4.82 1.76 -24.34
C ILE B 476 5.57 1.25 -25.55
N LEU B 477 5.00 1.39 -26.76
CA LEU B 477 5.68 0.98 -27.98
C LEU B 477 7.08 1.59 -28.08
N LEU B 478 7.24 2.84 -27.64
CA LEU B 478 8.51 3.54 -27.72
C LEU B 478 9.28 3.48 -26.42
N THR B 479 8.95 2.55 -25.57
CA THR B 479 9.73 2.35 -24.36
C THR B 479 10.92 1.42 -24.64
N PRO B 480 12.01 1.54 -23.87
CA PRO B 480 13.13 0.62 -24.05
C PRO B 480 12.84 -0.75 -23.45
N THR B 481 12.01 -0.79 -22.40
CA THR B 481 11.75 -2.06 -21.73
C THR B 481 10.91 -2.99 -22.60
N PHE B 482 9.99 -2.43 -23.40
CA PHE B 482 9.17 -3.26 -24.27
C PHE B 482 10.00 -3.93 -25.35
N TRP B 483 10.88 -3.17 -25.98
CA TRP B 483 11.82 -3.74 -26.94
C TRP B 483 13.14 -4.10 -26.25
N ILE C 4 23.15 10.50 27.86
CA ILE C 4 22.31 10.05 26.76
C ILE C 4 21.51 8.78 27.03
N ILE C 5 20.22 8.88 26.76
CA ILE C 5 19.26 7.82 27.02
C ILE C 5 19.05 7.11 25.70
N LEU C 6 19.28 5.79 25.69
CA LEU C 6 19.02 4.99 24.51
C LEU C 6 17.60 4.44 24.47
N GLY C 7 16.68 5.03 25.22
CA GLY C 7 15.31 4.57 25.19
C GLY C 7 14.35 5.71 25.37
N ALA C 8 13.17 5.57 24.77
CA ALA C 8 12.04 6.45 25.01
C ALA C 8 10.89 5.70 25.68
N GLY C 9 11.21 4.71 26.51
CA GLY C 9 10.22 3.96 27.22
C GLY C 9 9.81 4.66 28.49
N GLN C 10 8.99 3.97 29.28
CA GLN C 10 8.50 4.53 30.54
C GLN C 10 9.65 4.94 31.44
N VAL C 11 10.75 4.19 31.41
CA VAL C 11 11.98 4.60 32.10
C VAL C 11 12.54 5.87 31.48
N GLY C 12 12.85 5.82 30.19
CA GLY C 12 13.43 6.99 29.53
C GLY C 12 12.50 8.19 29.53
N GLY C 13 11.20 7.95 29.33
CA GLY C 13 10.25 9.04 29.38
C GLY C 13 10.11 9.66 30.75
N THR C 14 10.08 8.82 31.80
CA THR C 14 9.95 9.34 33.15
C THR C 14 11.19 10.14 33.55
N LEU C 15 12.37 9.64 33.22
CA LEU C 15 13.58 10.46 33.34
C LEU C 15 13.44 11.74 32.52
N ALA C 16 13.32 11.59 31.20
CA ALA C 16 13.28 12.75 30.29
C ALA C 16 12.34 13.84 30.79
N GLU C 17 11.31 13.47 31.54
CA GLU C 17 10.45 14.47 32.17
C GLU C 17 11.08 14.97 33.46
N ASN C 18 11.55 14.06 34.31
CA ASN C 18 11.99 14.43 35.66
C ASN C 18 13.32 15.16 35.67
N LEU C 19 14.29 14.74 34.87
CA LEU C 19 15.65 15.25 35.06
C LEU C 19 15.81 16.67 34.51
N VAL C 20 15.03 17.06 33.51
CA VAL C 20 15.25 18.33 32.82
C VAL C 20 14.62 19.47 33.63
N GLY C 21 15.47 20.27 34.26
CA GLY C 21 15.11 21.58 34.78
C GLY C 21 16.05 22.67 34.26
N GLU C 22 16.69 22.39 33.12
CA GLU C 22 17.77 23.19 32.54
C GLU C 22 19.03 23.06 33.40
N ASN C 23 18.90 22.39 34.55
CA ASN C 23 20.05 22.08 35.38
C ASN C 23 21.02 21.16 34.65
N ASN C 24 20.49 20.18 33.93
CA ASN C 24 21.26 19.22 33.14
C ASN C 24 20.68 19.09 31.73
N ASP C 25 21.54 18.75 30.78
CA ASP C 25 21.18 18.64 29.37
C ASP C 25 21.51 17.24 28.87
N ILE C 26 20.61 16.66 28.07
CA ILE C 26 20.77 15.29 27.58
C ILE C 26 20.20 15.16 26.16
N THR C 27 20.41 13.99 25.57
CA THR C 27 19.95 13.66 24.23
C THR C 27 19.51 12.19 24.23
N ILE C 28 18.26 11.93 23.86
CA ILE C 28 17.72 10.58 23.95
C ILE C 28 17.69 9.96 22.55
N VAL C 29 17.70 8.62 22.50
CA VAL C 29 17.77 7.88 21.24
C VAL C 29 16.62 6.87 21.23
N ASP C 30 15.91 6.80 20.11
CA ASP C 30 14.81 5.86 19.96
C ASP C 30 14.40 5.73 18.50
N ASN C 31 14.19 4.48 18.07
CA ASN C 31 13.72 4.18 16.72
C ASN C 31 12.20 4.32 16.59
N ASN C 32 11.48 4.47 17.70
CA ASN C 32 10.01 4.56 17.71
C ASN C 32 9.61 6.03 17.66
N ALA C 33 9.32 6.52 16.46
CA ALA C 33 9.09 7.95 16.25
C ALA C 33 7.86 8.42 17.03
N ASP C 34 6.72 7.74 16.86
CA ASP C 34 5.48 8.19 17.51
C ASP C 34 5.65 8.30 19.02
N ARG C 35 6.46 7.43 19.62
CA ARG C 35 6.72 7.52 21.05
C ARG C 35 7.83 8.52 21.36
N LEU C 36 8.80 8.66 20.45
CA LEU C 36 9.92 9.56 20.71
C LEU C 36 9.48 11.02 20.70
N ARG C 37 8.87 11.47 19.60
CA ARG C 37 8.42 12.85 19.56
C ARG C 37 7.29 13.08 20.56
N GLU C 38 6.69 12.00 21.06
CA GLU C 38 5.84 12.09 22.24
C GLU C 38 6.70 12.31 23.48
N LEU C 39 7.78 11.53 23.61
CA LEU C 39 8.73 11.74 24.70
C LEU C 39 9.51 13.03 24.53
N GLN C 40 9.53 13.60 23.32
CA GLN C 40 10.17 14.88 23.06
C GLN C 40 9.43 16.06 23.69
N ASP C 41 8.28 15.83 24.31
CA ASP C 41 7.58 16.91 25.02
C ASP C 41 8.15 17.10 26.42
N LYS C 42 8.11 16.04 27.22
CA LYS C 42 8.64 16.05 28.59
C LYS C 42 8.05 17.19 29.44
N LEU C 45 16.22 16.20 25.39
CA LEU C 45 15.13 16.67 24.53
C LEU C 45 15.52 16.56 23.06
N ARG C 46 16.81 16.72 22.79
CA ARG C 46 17.31 16.51 21.44
C ARG C 46 17.16 15.04 21.09
N VAL C 47 16.64 14.77 19.89
CA VAL C 47 16.34 13.40 19.46
C VAL C 47 17.36 12.99 18.41
N VAL C 48 17.89 11.77 18.56
CA VAL C 48 18.80 11.18 17.59
C VAL C 48 18.31 9.77 17.25
N ASN C 49 17.28 9.67 16.41
CA ASN C 49 16.69 8.35 16.14
C ASN C 49 17.74 7.37 15.68
N GLY C 50 17.70 6.17 16.27
CA GLY C 50 18.88 5.34 16.30
C GLY C 50 18.64 3.97 15.73
N HIS C 51 19.44 3.60 14.73
CA HIS C 51 19.32 2.31 14.05
C HIS C 51 20.15 1.25 14.77
N ALA C 52 19.52 0.60 15.74
CA ALA C 52 20.06 -0.54 16.49
C ALA C 52 21.41 -0.25 17.16
N SER C 53 21.54 0.96 17.73
CA SER C 53 22.70 1.36 18.52
C SER C 53 24.01 1.31 17.73
N HIS C 54 23.95 1.64 16.44
CA HIS C 54 25.17 1.68 15.65
C HIS C 54 25.99 2.91 16.06
N PRO C 55 27.30 2.91 15.83
CA PRO C 55 28.14 4.00 16.37
C PRO C 55 27.75 5.40 15.92
N ASP C 56 27.34 5.60 14.66
CA ASP C 56 27.09 6.96 14.18
C ASP C 56 26.10 7.67 15.09
N VAL C 57 25.05 6.98 15.51
CA VAL C 57 24.13 7.53 16.49
C VAL C 57 24.87 7.81 17.78
N LEU C 58 25.42 6.76 18.40
CA LEU C 58 25.85 6.81 19.80
C LEU C 58 26.90 7.89 20.05
N HIS C 59 28.06 7.79 19.38
CA HIS C 59 29.13 8.73 19.70
C HIS C 59 28.80 10.14 19.22
N GLU C 60 28.24 10.28 18.01
CA GLU C 60 27.91 11.62 17.52
C GLU C 60 26.83 12.26 18.38
N ALA C 61 25.82 11.49 18.77
CA ALA C 61 24.77 12.07 19.59
C ALA C 61 25.34 12.54 20.91
N GLY C 62 26.26 11.75 21.48
CA GLY C 62 26.89 12.00 22.76
C GLY C 62 28.34 12.39 22.67
N ALA C 63 29.20 11.43 22.31
CA ALA C 63 30.61 11.49 22.70
C ALA C 63 31.29 12.75 22.18
N GLN C 64 30.87 13.26 21.02
CA GLN C 64 31.40 14.53 20.55
C GLN C 64 30.99 15.67 21.48
N ASP C 65 29.70 15.72 21.83
CA ASP C 65 29.25 16.69 22.83
C ASP C 65 29.70 16.31 24.24
N ALA C 66 29.70 15.00 24.55
CA ALA C 66 30.16 14.43 25.82
C ALA C 66 29.18 14.62 26.98
N ASP C 67 28.53 13.52 27.40
CA ASP C 67 27.70 13.49 28.59
C ASP C 67 27.40 12.05 28.96
N MET C 68 26.88 11.87 30.18
CA MET C 68 26.63 10.54 30.74
C MET C 68 25.66 9.71 29.88
N LEU C 69 25.96 8.41 29.80
CA LEU C 69 25.27 7.47 28.92
C LEU C 69 24.40 6.51 29.73
N VAL C 70 23.12 6.43 29.39
CA VAL C 70 22.20 5.46 29.99
C VAL C 70 21.47 4.68 28.89
N ALA C 71 21.64 3.35 28.89
CA ALA C 71 21.10 2.46 27.88
C ALA C 71 20.05 1.51 28.47
N VAL C 72 18.81 1.64 27.98
CA VAL C 72 17.67 0.85 28.45
C VAL C 72 16.79 0.43 27.26
N THR C 73 17.24 -0.54 26.46
CA THR C 73 16.54 -0.84 25.20
C THR C 73 16.28 -2.33 25.02
N ASN C 74 15.00 -2.73 25.14
CA ASN C 74 14.58 -4.07 24.72
C ASN C 74 15.33 -5.18 25.44
N THR C 75 16.63 -5.32 25.16
CA THR C 75 17.45 -6.38 25.72
C THR C 75 18.64 -5.81 26.48
N ASP C 76 19.25 -6.69 27.27
CA ASP C 76 20.46 -6.36 28.01
C ASP C 76 21.68 -6.26 27.10
N GLU C 77 21.99 -7.35 26.41
CA GLU C 77 23.11 -7.39 25.49
C GLU C 77 22.92 -6.43 24.32
N MET C 80 24.79 -3.67 26.65
CA MET C 80 26.21 -3.87 26.87
C MET C 80 27.01 -3.40 25.66
N ALA C 81 26.58 -3.84 24.47
CA ALA C 81 27.30 -3.52 23.24
C ALA C 81 27.43 -2.02 23.06
N ALA C 82 26.39 -1.25 23.41
CA ALA C 82 26.43 0.19 23.24
C ALA C 82 27.35 0.87 24.24
N CYS C 83 27.42 0.36 25.47
CA CYS C 83 28.34 0.93 26.45
C CYS C 83 29.80 0.64 26.07
N GLN C 84 30.03 -0.50 25.42
CA GLN C 84 31.37 -0.81 24.92
C GLN C 84 31.71 0.04 23.71
N VAL C 85 30.74 0.27 22.81
CA VAL C 85 30.98 1.17 21.68
C VAL C 85 31.29 2.58 22.19
N ALA C 86 30.75 2.95 23.35
CA ALA C 86 31.03 4.28 23.92
C ALA C 86 32.37 4.31 24.64
N PHE C 87 32.80 3.17 25.19
CA PHE C 87 34.03 3.05 25.95
C PHE C 87 35.23 2.76 25.07
N THR C 88 35.04 2.01 23.98
CA THR C 88 36.17 1.56 23.17
C THR C 88 36.81 2.69 22.39
N LEU C 89 36.02 3.40 21.59
CA LEU C 89 36.57 4.35 20.64
C LEU C 89 36.29 5.80 20.98
N PHE C 90 35.49 6.07 22.00
CA PHE C 90 35.24 7.44 22.41
C PHE C 90 35.67 7.76 23.84
N ASN C 91 35.66 6.78 24.74
CA ASN C 91 35.95 6.95 26.16
C ASN C 91 35.01 7.95 26.85
N THR C 92 33.71 7.68 26.73
CA THR C 92 32.71 8.46 27.47
C THR C 92 32.61 7.93 28.91
N PRO C 93 32.40 8.81 29.91
CA PRO C 93 32.40 8.37 31.32
C PRO C 93 31.03 8.18 31.96
N ASN C 94 31.02 7.54 33.13
CA ASN C 94 29.82 7.34 33.97
C ASN C 94 28.67 6.72 33.18
N ARG C 95 28.93 5.52 32.69
CA ARG C 95 27.97 4.79 31.85
C ARG C 95 27.12 3.87 32.72
N VAL C 96 25.80 4.02 32.61
CA VAL C 96 24.85 3.21 33.36
C VAL C 96 23.99 2.47 32.36
N ALA C 97 23.85 1.16 32.55
CA ALA C 97 23.16 0.30 31.60
C ALA C 97 22.34 -0.72 32.37
N ARG C 98 21.04 -0.73 32.15
CA ARG C 98 20.18 -1.72 32.78
C ARG C 98 20.46 -3.11 32.24
N ILE C 99 20.54 -4.09 33.16
CA ILE C 99 20.77 -5.48 32.80
C ILE C 99 19.81 -6.33 33.63
N ARG C 100 18.91 -7.04 32.95
CA ARG C 100 17.85 -7.80 33.62
C ARG C 100 18.18 -9.27 33.79
N SER C 101 18.63 -9.94 32.73
CA SER C 101 18.82 -11.38 32.72
C SER C 101 19.77 -11.83 33.84
N PRO C 102 19.36 -12.74 34.72
CA PRO C 102 20.21 -13.12 35.86
C PRO C 102 21.62 -13.56 35.48
N GLU C 103 21.81 -14.36 34.42
CA GLU C 103 23.12 -14.93 34.17
C GLU C 103 24.18 -13.84 34.06
N TYR C 104 23.78 -12.66 33.58
CA TYR C 104 24.70 -11.53 33.55
C TYR C 104 24.90 -10.93 34.94
N LEU C 105 23.98 -11.18 35.87
CA LEU C 105 24.15 -10.83 37.28
C LEU C 105 24.87 -11.91 38.07
N ALA C 106 24.43 -13.17 37.92
CA ALA C 106 24.98 -14.26 38.71
C ALA C 106 26.50 -14.37 38.62
N GLU C 107 27.07 -14.01 37.47
CA GLU C 107 28.51 -13.96 37.29
C GLU C 107 29.05 -12.53 37.22
N LYS C 108 28.30 -11.57 37.76
CA LYS C 108 28.74 -10.17 37.76
C LYS C 108 30.15 -10.02 38.31
N GLU C 109 30.46 -10.68 39.42
CA GLU C 109 31.79 -10.54 40.03
C GLU C 109 32.89 -10.94 39.06
N ALA C 110 32.78 -12.14 38.47
CA ALA C 110 33.77 -12.55 37.47
C ALA C 110 33.87 -11.54 36.34
N LEU C 111 32.71 -11.20 35.76
CA LEU C 111 32.68 -10.30 34.61
C LEU C 111 33.01 -8.86 35.01
N PHE C 112 32.24 -8.29 35.95
CA PHE C 112 32.22 -6.85 36.16
C PHE C 112 33.34 -6.34 37.07
N LYS C 113 33.68 -7.08 38.12
CA LYS C 113 34.81 -6.63 38.93
C LYS C 113 36.15 -6.97 38.31
N SER C 114 36.13 -7.64 37.15
CA SER C 114 37.30 -7.72 36.29
C SER C 114 37.36 -6.55 35.31
N GLY C 115 36.38 -5.65 35.32
CA GLY C 115 36.37 -4.53 34.39
C GLY C 115 36.14 -4.87 32.93
N ALA C 116 35.82 -6.11 32.60
CA ALA C 116 35.65 -6.51 31.20
C ALA C 116 34.57 -5.68 30.50
N ILE C 117 33.35 -5.73 31.01
CA ILE C 117 32.21 -4.99 30.45
C ILE C 117 32.26 -3.58 31.01
N PRO C 118 31.88 -2.53 30.24
CA PRO C 118 32.16 -1.16 30.69
C PRO C 118 31.05 -0.50 31.50
N VAL C 119 30.21 -1.28 32.17
CA VAL C 119 29.14 -0.67 32.95
C VAL C 119 29.75 -0.04 34.20
N ASP C 120 29.63 1.29 34.31
CA ASP C 120 30.13 1.97 35.51
C ASP C 120 29.20 1.72 36.69
N HIS C 121 27.89 1.67 36.44
CA HIS C 121 26.89 1.45 37.47
C HIS C 121 25.80 0.58 36.87
N LEU C 122 25.36 -0.43 37.60
CA LEU C 122 24.28 -1.30 37.15
C LEU C 122 22.93 -0.88 37.71
N ILE C 123 21.89 -1.20 36.92
CA ILE C 123 20.50 -1.05 37.35
C ILE C 123 19.81 -2.37 37.04
N ALA C 124 19.92 -3.33 37.94
CA ALA C 124 19.38 -4.68 37.76
C ALA C 124 17.97 -4.73 38.32
N PRO C 125 16.93 -4.64 37.47
CA PRO C 125 15.56 -4.49 38.01
C PRO C 125 15.12 -5.63 38.92
N GLU C 126 15.38 -6.89 38.54
CA GLU C 126 14.94 -8.00 39.37
C GLU C 126 15.56 -7.90 40.75
N GLU C 127 16.81 -7.44 40.81
CA GLU C 127 17.51 -7.27 42.07
C GLU C 127 16.86 -6.19 42.93
N LEU C 128 16.54 -5.04 42.31
CA LEU C 128 16.01 -3.91 43.07
C LEU C 128 14.62 -4.22 43.65
N VAL C 129 13.73 -4.78 42.83
CA VAL C 129 12.38 -5.08 43.29
C VAL C 129 12.41 -6.14 44.39
N THR C 130 13.18 -7.21 44.19
CA THR C 130 13.19 -8.30 45.18
C THR C 130 13.81 -7.83 46.50
N SER C 131 14.84 -6.99 46.45
CA SER C 131 15.39 -6.41 47.67
C SER C 131 14.37 -5.52 48.35
N TYR C 132 13.65 -4.74 47.54
CA TYR C 132 12.63 -3.81 48.06
C TYR C 132 11.53 -4.56 48.80
N ILE C 133 11.03 -5.66 48.23
CA ILE C 133 9.92 -6.39 48.84
C ILE C 133 10.34 -6.93 50.20
N GLU C 134 11.59 -7.41 50.30
CA GLU C 134 12.08 -7.86 51.60
C GLU C 134 12.17 -6.71 52.59
N ARG C 135 12.35 -5.48 52.09
CA ARG C 135 12.42 -4.32 52.98
C ARG C 135 11.06 -3.96 53.58
N LEU C 136 9.96 -4.25 52.89
CA LEU C 136 8.63 -4.05 53.47
C LEU C 136 8.27 -5.14 54.47
N ILE C 137 8.61 -6.39 54.14
CA ILE C 137 8.29 -7.50 55.05
C ILE C 137 8.94 -7.28 56.40
N GLN C 138 10.14 -6.68 56.41
CA GLN C 138 10.93 -6.55 57.62
C GLN C 138 10.24 -5.62 58.64
N TYR C 139 9.52 -4.60 58.17
CA TYR C 139 8.79 -3.68 59.04
C TYR C 139 7.30 -3.95 58.86
N PRO C 140 6.70 -4.85 59.63
CA PRO C 140 5.28 -5.15 59.44
C PRO C 140 4.42 -3.92 59.65
N GLY C 141 3.35 -3.81 58.86
CA GLY C 141 2.49 -2.65 58.90
C GLY C 141 2.87 -1.52 57.97
N ALA C 142 3.97 -1.63 57.24
CA ALA C 142 4.42 -0.56 56.37
C ALA C 142 3.83 -0.78 54.98
N LEU C 143 3.09 0.21 54.49
CA LEU C 143 2.53 0.13 53.14
C LEU C 143 3.62 0.31 52.09
N GLN C 144 4.33 1.43 52.17
CA GLN C 144 5.38 1.79 51.23
C GLN C 144 6.54 2.37 52.03
N VAL C 145 7.76 2.09 51.57
CA VAL C 145 8.96 2.71 52.14
C VAL C 145 9.62 3.54 51.04
N VAL C 146 9.96 4.78 51.38
CA VAL C 146 10.53 5.75 50.46
C VAL C 146 12.02 5.88 50.74
N SER C 147 12.82 5.82 49.69
CA SER C 147 14.28 5.93 49.78
C SER C 147 14.73 7.14 48.98
N PHE C 148 15.60 7.95 49.59
CA PHE C 148 16.18 9.11 48.94
C PHE C 148 17.62 8.80 48.51
N ALA C 149 18.26 9.81 47.92
CA ALA C 149 19.66 9.67 47.55
C ALA C 149 20.53 9.47 48.78
N GLU C 150 20.20 10.14 49.88
CA GLU C 150 20.94 9.99 51.12
C GLU C 150 20.41 8.75 51.85
N GLN C 151 21.26 7.74 52.07
CA GLN C 151 20.80 6.52 52.71
C GLN C 151 20.25 6.75 54.11
N LYS C 152 20.59 7.87 54.75
CA LYS C 152 20.32 8.06 56.17
C LYS C 152 18.85 8.33 56.43
N VAL C 153 18.19 9.06 55.53
CA VAL C 153 16.80 9.45 55.73
C VAL C 153 15.92 8.61 54.81
N SER C 154 14.70 8.37 55.26
CA SER C 154 13.74 7.56 54.53
C SER C 154 12.36 7.79 55.13
N LEU C 155 11.33 7.69 54.30
CA LEU C 155 9.97 7.81 54.78
C LEU C 155 9.35 6.43 54.96
N VAL C 156 8.47 6.32 55.95
CA VAL C 156 7.72 5.09 56.18
C VAL C 156 6.25 5.48 56.25
N ALA C 157 5.42 4.75 55.49
CA ALA C 157 4.02 5.08 55.37
C ALA C 157 3.20 4.03 56.12
N VAL C 158 2.10 4.48 56.69
CA VAL C 158 1.18 3.62 57.42
C VAL C 158 -0.23 3.93 56.96
N LYS C 159 -1.17 3.12 57.45
CA LYS C 159 -2.56 3.19 57.06
C LYS C 159 -3.40 3.51 58.29
N ALA C 160 -4.20 4.57 58.20
CA ALA C 160 -5.00 4.98 59.35
C ALA C 160 -6.38 4.36 59.22
N TYR C 161 -6.80 3.65 60.27
CA TYR C 161 -8.09 2.98 60.32
C TYR C 161 -8.90 3.47 61.51
N TYR C 162 -10.13 2.99 61.59
CA TYR C 162 -10.93 3.14 62.81
C TYR C 162 -10.34 2.32 63.94
N GLY C 163 -10.18 2.94 65.10
CA GLY C 163 -9.50 2.32 66.20
C GLY C 163 -8.01 2.54 66.22
N GLY C 164 -7.46 3.27 65.25
CA GLY C 164 -6.05 3.56 65.22
C GLY C 164 -5.70 4.70 66.14
N PRO C 165 -4.45 4.70 66.63
CA PRO C 165 -4.01 5.81 67.49
C PRO C 165 -3.93 7.15 66.79
N LEU C 166 -4.02 7.18 65.46
CA LEU C 166 -3.79 8.40 64.69
C LEU C 166 -5.02 8.96 64.00
N VAL C 167 -6.20 8.37 64.18
CA VAL C 167 -7.39 8.84 63.47
C VAL C 167 -8.02 9.97 64.27
N GLY C 168 -8.37 11.04 63.55
CA GLY C 168 -9.05 12.19 64.13
C GLY C 168 -8.20 13.05 65.04
N ASN C 169 -7.07 12.55 65.49
CA ASN C 169 -6.20 13.33 66.36
C ASN C 169 -5.62 14.53 65.62
N ALA C 170 -5.38 15.60 66.37
CA ALA C 170 -4.74 16.78 65.82
C ALA C 170 -3.26 16.48 65.59
N LEU C 171 -2.74 16.94 64.46
CA LEU C 171 -1.34 16.71 64.13
C LEU C 171 -0.42 17.21 65.25
N SER C 172 -0.53 18.49 65.60
CA SER C 172 0.27 19.06 66.67
C SER C 172 0.03 18.39 68.01
N ALA C 173 -1.13 17.73 68.18
CA ALA C 173 -1.41 17.07 69.46
C ALA C 173 -0.44 15.93 69.71
N LEU C 174 0.13 15.36 68.65
CA LEU C 174 1.22 14.40 68.77
C LEU C 174 2.57 15.07 68.87
N ARG C 175 2.69 16.32 68.44
CA ARG C 175 3.94 17.06 68.50
C ARG C 175 4.25 17.64 69.88
N GLU C 176 3.38 17.47 70.86
CA GLU C 176 3.67 17.98 72.19
C GLU C 176 4.61 17.06 72.97
N HIS C 177 4.59 15.75 72.68
CA HIS C 177 5.56 14.83 73.23
C HIS C 177 6.54 14.40 72.14
N MET C 178 7.82 14.31 72.54
CA MET C 178 8.91 13.91 71.66
C MET C 178 9.59 12.69 72.26
N PRO C 179 8.93 11.52 72.20
CA PRO C 179 9.40 10.37 72.98
C PRO C 179 10.50 9.64 72.23
N HIS C 180 11.64 9.45 72.89
CA HIS C 180 12.74 8.68 72.34
C HIS C 180 13.10 9.23 70.96
N ILE C 181 13.06 8.38 69.93
CA ILE C 181 13.21 8.89 68.57
C ILE C 181 11.89 9.49 68.11
N ASP C 182 11.96 10.56 67.33
CA ASP C 182 10.79 11.33 66.96
C ASP C 182 10.50 11.19 65.48
N THR C 183 9.31 11.62 65.10
CA THR C 183 8.87 11.55 63.70
C THR C 183 8.27 12.87 63.24
N ARG C 184 7.71 12.86 62.04
CA ARG C 184 6.99 13.99 61.48
C ARG C 184 6.28 13.54 60.23
N VAL C 185 5.08 14.05 60.01
CA VAL C 185 4.25 13.65 58.88
C VAL C 185 4.64 14.54 57.70
N ALA C 186 5.33 13.96 56.72
CA ALA C 186 5.77 14.70 55.55
C ALA C 186 4.75 14.72 54.44
N ALA C 187 3.83 13.76 54.40
CA ALA C 187 2.85 13.69 53.33
C ALA C 187 1.60 12.97 53.83
N ILE C 188 0.47 13.26 53.19
CA ILE C 188 -0.79 12.59 53.50
C ILE C 188 -1.50 12.34 52.17
N PHE C 189 -1.63 11.07 51.79
CA PHE C 189 -2.36 10.67 50.60
C PHE C 189 -3.70 10.06 50.96
N ARG C 190 -4.77 10.59 50.38
CA ARG C 190 -6.10 10.07 50.65
C ARG C 190 -6.90 10.13 49.36
N GLN C 191 -7.66 9.06 49.09
CA GLN C 191 -8.51 8.93 47.91
C GLN C 191 -7.73 9.05 46.61
N GLY C 192 -6.40 8.87 46.65
CA GLY C 192 -5.58 9.02 45.47
C GLY C 192 -5.01 10.42 45.29
N ARG C 193 -5.62 11.44 45.89
CA ARG C 193 -5.12 12.78 45.67
C ARG C 193 -4.36 13.28 46.91
N PRO C 194 -3.40 14.20 46.71
CA PRO C 194 -2.49 14.54 47.81
C PRO C 194 -3.00 15.67 48.69
N ILE C 195 -2.87 15.47 49.99
CA ILE C 195 -3.10 16.52 50.98
C ILE C 195 -1.76 16.80 51.66
N ARG C 196 -1.30 18.03 51.54
CA ARG C 196 -0.11 18.45 52.24
C ARG C 196 -0.45 18.61 53.73
N PRO C 197 0.46 18.23 54.62
CA PRO C 197 0.15 18.32 56.05
C PRO C 197 0.13 19.77 56.52
N GLN C 198 -0.88 20.10 57.32
CA GLN C 198 -0.98 21.40 57.95
C GLN C 198 -1.37 21.20 59.41
N GLY C 199 -1.30 22.28 60.18
CA GLY C 199 -1.74 22.22 61.56
C GLY C 199 -3.22 22.00 61.68
N THR C 200 -3.98 22.48 60.69
CA THR C 200 -5.44 22.40 60.65
C THR C 200 -5.94 21.06 60.15
N THR C 201 -5.07 20.23 59.58
CA THR C 201 -5.50 18.97 58.98
C THR C 201 -5.70 17.90 60.04
N ILE C 202 -6.71 17.06 59.82
CA ILE C 202 -7.09 15.98 60.72
C ILE C 202 -6.89 14.67 59.98
N ILE C 203 -6.46 13.63 60.69
CA ILE C 203 -6.15 12.35 60.07
C ILE C 203 -7.45 11.55 60.00
N GLU C 204 -8.04 11.49 58.81
CA GLU C 204 -9.26 10.72 58.61
C GLU C 204 -8.92 9.27 58.31
N ALA C 205 -9.95 8.43 58.20
CA ALA C 205 -9.76 7.00 58.03
C ALA C 205 -9.31 6.68 56.61
N ASP C 206 -8.58 5.57 56.48
CA ASP C 206 -8.03 5.11 55.20
C ASP C 206 -7.15 6.18 54.55
N ASP C 207 -6.17 6.66 55.30
CA ASP C 207 -5.18 7.59 54.79
C ASP C 207 -3.82 6.90 54.67
N GLU C 208 -2.98 7.46 53.81
CA GLU C 208 -1.57 7.07 53.73
C GLU C 208 -0.80 8.16 54.49
N VAL C 209 -0.57 7.92 55.77
CA VAL C 209 0.20 8.82 56.61
C VAL C 209 1.66 8.45 56.43
N PHE C 210 2.43 9.34 55.81
CA PHE C 210 3.84 9.11 55.51
C PHE C 210 4.66 9.75 56.62
N PHE C 211 5.19 8.91 57.51
CA PHE C 211 6.04 9.41 58.57
C PHE C 211 7.47 9.52 58.08
N VAL C 212 8.19 10.44 58.66
CA VAL C 212 9.63 10.58 58.42
C VAL C 212 10.33 9.76 59.49
N ALA C 213 11.48 9.20 59.13
CA ALA C 213 12.22 8.37 60.08
C ALA C 213 13.65 8.22 59.58
N ALA C 214 14.60 8.30 60.51
CA ALA C 214 15.99 8.02 60.19
C ALA C 214 16.11 6.55 59.78
N SER C 215 16.82 6.31 58.67
CA SER C 215 16.88 4.95 58.12
C SER C 215 17.34 3.94 59.16
N ASN C 216 18.21 4.37 60.08
CA ASN C 216 18.70 3.45 61.09
C ASN C 216 17.56 2.98 61.98
N HIS C 217 16.78 3.91 62.50
CA HIS C 217 15.72 3.62 63.45
C HIS C 217 14.35 3.84 62.80
N ILE C 218 13.93 2.87 62.00
CA ILE C 218 12.59 2.87 61.43
C ILE C 218 11.66 2.04 62.27
N ARG C 219 12.10 0.82 62.62
CA ARG C 219 11.28 -0.05 63.46
C ARG C 219 10.96 0.63 64.78
N SER C 220 11.95 1.35 65.34
CA SER C 220 11.74 2.08 66.58
C SER C 220 10.65 3.11 66.43
N VAL C 221 10.55 3.77 65.27
CA VAL C 221 9.54 4.80 65.11
C VAL C 221 8.15 4.16 65.17
N MET C 222 7.95 3.10 64.38
CA MET C 222 6.65 2.45 64.27
C MET C 222 6.20 1.78 65.57
N SER C 223 7.11 1.34 66.44
CA SER C 223 6.66 0.77 67.71
C SER C 223 6.25 1.84 68.71
N GLU C 224 6.87 3.02 68.67
CA GLU C 224 6.43 4.15 69.51
C GLU C 224 5.06 4.68 69.09
N LEU C 225 4.67 4.50 67.83
CA LEU C 225 3.30 4.85 67.45
C LEU C 225 2.35 3.65 67.51
N GLN C 226 2.78 2.55 68.14
CA GLN C 226 1.94 1.38 68.38
C GLN C 226 1.49 0.69 67.09
N ARG C 227 2.26 0.83 66.03
CA ARG C 227 1.88 0.26 64.74
C ARG C 227 2.77 -0.88 64.28
N LEU C 228 3.77 -1.27 65.06
CA LEU C 228 4.67 -2.34 64.67
C LEU C 228 4.06 -3.67 65.09
N GLU C 229 3.30 -4.28 64.19
CA GLU C 229 2.60 -5.50 64.54
C GLU C 229 3.61 -6.63 64.74
N LYS C 230 3.11 -7.82 65.02
CA LYS C 230 4.01 -8.94 65.23
C LYS C 230 4.76 -9.24 63.93
N PRO C 231 6.03 -9.65 64.01
CA PRO C 231 6.78 -9.96 62.80
C PRO C 231 6.06 -11.00 61.95
N TYR C 232 6.17 -10.84 60.62
CA TYR C 232 5.58 -11.83 59.73
C TYR C 232 6.29 -13.16 59.90
N ARG C 233 5.52 -14.23 59.86
CA ARG C 233 6.06 -15.57 59.98
C ARG C 233 5.85 -16.40 58.73
N ARG C 234 4.62 -16.46 58.22
CA ARG C 234 4.27 -17.33 57.10
C ARG C 234 3.97 -16.48 55.88
N ILE C 235 4.69 -16.73 54.79
CA ILE C 235 4.58 -15.93 53.58
C ILE C 235 4.07 -16.84 52.47
N MET C 236 3.40 -16.25 51.49
CA MET C 236 2.96 -16.99 50.32
C MET C 236 3.25 -16.14 49.08
N ILE C 237 3.75 -16.78 48.03
CA ILE C 237 4.10 -16.10 46.80
C ILE C 237 3.27 -16.74 45.68
N VAL C 238 3.32 -16.16 44.49
CA VAL C 238 2.51 -16.66 43.38
C VAL C 238 3.26 -16.62 42.04
N GLY C 239 4.46 -16.07 42.03
CA GLY C 239 5.24 -15.96 40.80
C GLY C 239 6.42 -16.92 40.80
N GLY C 240 6.64 -17.56 39.66
CA GLY C 240 7.80 -18.41 39.45
C GLY C 240 8.87 -17.81 38.59
N GLY C 241 8.74 -16.55 38.19
CA GLY C 241 9.66 -15.89 37.31
C GLY C 241 10.89 -15.37 38.04
N ASN C 242 11.54 -14.39 37.41
CA ASN C 242 12.82 -13.89 37.89
C ASN C 242 12.70 -13.31 39.29
N ILE C 243 11.57 -12.65 39.59
CA ILE C 243 11.38 -12.05 40.91
C ILE C 243 10.90 -13.10 41.91
N GLY C 244 10.08 -14.06 41.46
CA GLY C 244 9.57 -15.07 42.38
C GLY C 244 10.66 -15.95 42.97
N ALA C 245 11.59 -16.41 42.12
CA ALA C 245 12.69 -17.23 42.61
C ALA C 245 13.65 -16.43 43.48
N SER C 246 13.97 -15.20 43.05
CA SER C 246 14.89 -14.37 43.84
C SER C 246 14.32 -14.12 45.21
N LEU C 247 13.02 -13.81 45.30
CA LEU C 247 12.40 -13.56 46.60
C LEU C 247 12.43 -14.82 47.46
N ALA C 248 12.11 -15.97 46.86
CA ALA C 248 12.16 -17.23 47.61
C ALA C 248 13.57 -17.52 48.09
N LYS C 249 14.56 -17.39 47.20
CA LYS C 249 15.95 -17.62 47.60
C LYS C 249 16.41 -16.67 48.69
N ARG C 250 15.66 -15.58 48.93
CA ARG C 250 15.98 -14.64 49.99
C ARG C 250 15.16 -14.85 51.26
N LEU C 251 13.99 -15.50 51.17
CA LEU C 251 13.10 -15.61 52.32
C LEU C 251 13.05 -16.99 52.94
N GLU C 252 13.45 -18.03 52.22
CA GLU C 252 13.36 -19.37 52.78
C GLU C 252 14.26 -19.54 53.99
N GLN C 253 15.27 -18.69 54.13
CA GLN C 253 16.17 -18.80 55.26
C GLN C 253 15.59 -18.15 56.50
N THR C 254 14.74 -17.14 56.35
CA THR C 254 14.19 -16.41 57.48
C THR C 254 12.68 -16.54 57.65
N TYR C 255 11.93 -16.88 56.60
CA TYR C 255 10.47 -16.94 56.67
C TYR C 255 9.98 -18.26 56.09
N SER C 256 8.80 -18.69 56.53
CA SER C 256 8.19 -19.92 56.03
C SER C 256 7.51 -19.63 54.70
N VAL C 257 8.15 -20.02 53.60
CA VAL C 257 7.72 -19.65 52.26
C VAL C 257 6.89 -20.78 51.68
N LYS C 258 5.91 -20.39 50.87
CA LYS C 258 5.20 -21.27 49.95
C LYS C 258 5.08 -20.53 48.63
N LEU C 259 5.25 -21.27 47.54
CA LEU C 259 5.21 -20.69 46.21
C LEU C 259 4.16 -21.39 45.37
N ILE C 260 3.67 -20.72 44.34
CA ILE C 260 2.67 -21.31 43.45
C ILE C 260 3.11 -20.97 42.03
N GLU C 261 3.50 -21.99 41.27
CA GLU C 261 3.96 -21.84 39.90
C GLU C 261 3.13 -22.75 39.00
N ARG C 262 2.63 -22.22 37.89
CA ARG C 262 1.69 -22.97 37.05
C ARG C 262 2.35 -23.64 35.85
N ASP C 263 3.68 -23.58 35.72
CA ASP C 263 4.38 -24.27 34.64
C ASP C 263 5.28 -25.32 35.27
N TYR C 264 4.96 -26.60 35.03
CA TYR C 264 5.64 -27.70 35.71
C TYR C 264 7.15 -27.66 35.49
N GLN C 265 7.59 -27.62 34.23
CA GLN C 265 9.02 -27.70 33.95
C GLN C 265 9.78 -26.59 34.67
N ARG C 266 9.13 -25.46 34.93
CA ARG C 266 9.70 -24.42 35.78
C ARG C 266 9.46 -24.71 37.25
N ALA C 267 8.35 -25.39 37.60
CA ALA C 267 8.13 -25.74 39.00
C ALA C 267 9.16 -26.74 39.52
N GLU C 268 9.72 -27.58 38.64
CA GLU C 268 10.76 -28.51 39.10
C GLU C 268 12.06 -27.79 39.44
N LYS C 269 12.53 -26.91 38.55
CA LYS C 269 13.77 -26.21 38.81
C LYS C 269 13.64 -25.34 40.06
N LEU C 270 12.45 -24.78 40.28
CA LEU C 270 12.23 -24.06 41.53
C LEU C 270 12.33 -25.01 42.72
N SER C 271 11.96 -26.27 42.54
CA SER C 271 12.19 -27.24 43.62
C SER C 271 13.67 -27.56 43.76
N GLU C 272 14.42 -27.51 42.65
CA GLU C 272 15.86 -27.77 42.70
C GLU C 272 16.61 -26.55 43.24
N GLN C 273 16.29 -25.36 42.73
CA GLN C 273 17.01 -24.15 43.10
C GLN C 273 16.73 -23.71 44.53
N LEU C 274 15.54 -24.02 45.05
CA LEU C 274 15.14 -23.60 46.40
C LEU C 274 15.17 -24.84 47.27
N GLU C 275 16.14 -24.88 48.20
CA GLU C 275 16.34 -26.04 49.06
C GLU C 275 15.29 -26.12 50.16
N ASN C 276 15.01 -25.00 50.81
CA ASN C 276 14.19 -24.98 52.02
C ASN C 276 12.81 -24.37 51.77
N THR C 277 12.35 -24.38 50.52
CA THR C 277 11.07 -23.78 50.14
C THR C 277 10.13 -24.85 49.58
N ILE C 278 8.84 -24.60 49.69
CA ILE C 278 7.82 -25.47 49.11
C ILE C 278 7.24 -24.73 47.92
N VAL C 279 7.55 -25.21 46.73
CA VAL C 279 7.01 -24.68 45.49
C VAL C 279 5.92 -25.64 45.05
N PHE C 280 4.94 -25.12 44.34
CA PHE C 280 3.78 -25.92 43.99
C PHE C 280 3.60 -25.88 42.48
N CYS C 281 2.53 -26.52 42.02
CA CYS C 281 2.10 -26.43 40.63
C CYS C 281 0.60 -26.21 40.66
N GLY C 282 0.18 -24.99 40.36
CA GLY C 282 -1.23 -24.67 40.37
C GLY C 282 -1.49 -23.30 39.82
N ASP C 283 -2.75 -23.06 39.51
CA ASP C 283 -3.21 -21.73 39.12
C ASP C 283 -3.46 -20.90 40.38
N ALA C 284 -3.32 -19.59 40.24
CA ALA C 284 -3.42 -18.68 41.39
C ALA C 284 -4.83 -18.67 42.00
N ALA C 285 -5.86 -18.83 41.18
CA ALA C 285 -7.23 -18.79 41.66
C ALA C 285 -7.77 -20.17 42.05
N ASP C 286 -6.91 -21.18 42.14
CA ASP C 286 -7.34 -22.52 42.53
C ASP C 286 -7.74 -22.49 43.99
N GLN C 287 -9.03 -22.29 44.26
CA GLN C 287 -9.51 -22.14 45.63
C GLN C 287 -9.12 -23.33 46.49
N GLU C 288 -9.13 -24.52 45.90
CA GLU C 288 -8.78 -25.74 46.64
C GLU C 288 -7.37 -25.66 47.16
N LEU C 289 -6.43 -25.29 46.28
CA LEU C 289 -5.02 -25.24 46.68
C LEU C 289 -4.79 -24.22 47.79
N LEU C 290 -5.47 -23.07 47.72
CA LEU C 290 -5.26 -22.05 48.75
C LEU C 290 -5.82 -22.51 50.09
N THR C 291 -7.01 -23.12 50.09
CA THR C 291 -7.58 -23.66 51.33
C THR C 291 -6.79 -24.89 51.80
N GLU C 292 -6.51 -25.82 50.87
CA GLU C 292 -5.82 -27.05 51.24
C GLU C 292 -4.47 -26.77 51.88
N GLU C 293 -3.80 -25.70 51.47
CA GLU C 293 -2.48 -25.34 51.96
C GLU C 293 -2.52 -24.19 52.97
N ASN C 294 -3.60 -24.10 53.76
CA ASN C 294 -3.65 -23.26 54.96
C ASN C 294 -3.39 -21.78 54.62
N ILE C 295 -4.31 -21.21 53.83
CA ILE C 295 -4.18 -19.79 53.50
C ILE C 295 -4.79 -18.90 54.57
N ASP C 296 -5.71 -19.42 55.39
CA ASP C 296 -6.27 -18.62 56.46
C ASP C 296 -5.25 -18.25 57.52
N GLN C 297 -4.05 -18.85 57.47
CA GLN C 297 -2.96 -18.52 58.38
C GLN C 297 -1.82 -17.80 57.66
N VAL C 298 -2.02 -17.33 56.42
CA VAL C 298 -1.01 -16.57 55.70
C VAL C 298 -0.95 -15.15 56.26
N ASP C 299 0.27 -14.63 56.41
CA ASP C 299 0.47 -13.27 56.87
C ASP C 299 0.63 -12.26 55.74
N VAL C 300 1.17 -12.67 54.60
CA VAL C 300 1.28 -11.82 53.42
C VAL C 300 1.28 -12.72 52.18
N PHE C 301 0.64 -12.22 51.12
CA PHE C 301 0.36 -13.01 49.93
C PHE C 301 0.94 -12.26 48.73
N ILE C 302 2.28 -12.25 48.62
CA ILE C 302 2.91 -11.55 47.53
C ILE C 302 2.47 -12.20 46.22
N ALA C 303 2.05 -11.39 45.26
CA ALA C 303 1.70 -11.88 43.93
C ALA C 303 2.63 -11.23 42.92
N LEU C 304 3.36 -12.06 42.16
CA LEU C 304 4.40 -11.61 41.24
C LEU C 304 4.21 -12.34 39.91
N THR C 305 3.24 -11.90 39.11
CA THR C 305 3.04 -12.56 37.82
C THR C 305 3.44 -11.65 36.66
N ASN C 306 3.10 -12.09 35.44
CA ASN C 306 3.29 -11.27 34.24
C ASN C 306 2.14 -10.29 34.03
N GLU C 307 0.91 -10.73 34.24
CA GLU C 307 -0.26 -9.91 33.95
C GLU C 307 -0.71 -9.27 35.24
N ASP C 308 -0.86 -7.94 35.23
CA ASP C 308 -1.27 -7.23 36.44
C ASP C 308 -2.68 -7.64 36.81
N GLU C 309 -3.49 -8.00 35.81
CA GLU C 309 -4.84 -8.41 36.08
C GLU C 309 -4.84 -9.66 36.95
N THR C 310 -3.93 -10.61 36.68
CA THR C 310 -3.88 -11.84 37.45
C THR C 310 -3.44 -11.59 38.89
N ASN C 311 -2.43 -10.73 39.10
CA ASN C 311 -2.01 -10.40 40.47
C ASN C 311 -3.17 -9.88 41.29
N ILE C 312 -3.98 -9.00 40.71
CA ILE C 312 -5.07 -8.40 41.47
C ILE C 312 -6.14 -9.46 41.77
N MET C 313 -6.61 -10.15 40.73
CA MET C 313 -7.73 -11.06 40.88
C MET C 313 -7.40 -12.28 41.72
N SER C 314 -6.14 -12.51 42.03
CA SER C 314 -5.73 -13.55 42.97
C SER C 314 -5.44 -12.99 44.34
N ALA C 315 -4.74 -11.84 44.42
CA ALA C 315 -4.54 -11.20 45.71
C ALA C 315 -5.84 -10.63 46.27
N MET C 316 -6.84 -10.37 45.43
CA MET C 316 -8.15 -10.04 45.96
C MET C 316 -8.83 -11.26 46.55
N LEU C 317 -8.62 -12.42 45.91
CA LEU C 317 -9.18 -13.67 46.42
C LEU C 317 -8.57 -14.05 47.76
N ALA C 318 -7.26 -13.85 47.91
CA ALA C 318 -6.55 -14.34 49.07
C ALA C 318 -6.51 -13.36 50.24
N LYS C 319 -7.18 -12.22 50.19
CA LYS C 319 -7.64 -11.63 51.45
C LYS C 319 -9.06 -12.03 51.79
N ARG C 320 -9.84 -12.46 50.80
CA ARG C 320 -11.20 -12.92 51.09
C ARG C 320 -11.14 -14.22 51.87
N MET C 321 -10.20 -15.10 51.49
CA MET C 321 -10.05 -16.37 52.19
C MET C 321 -9.52 -16.18 53.60
N GLY C 322 -8.58 -15.26 53.80
CA GLY C 322 -8.00 -15.14 55.13
C GLY C 322 -6.57 -14.69 55.31
N ALA C 323 -5.88 -14.24 54.25
CA ALA C 323 -4.52 -13.78 54.46
C ALA C 323 -4.55 -12.48 55.26
N LYS C 324 -3.55 -12.32 56.13
CA LYS C 324 -3.45 -11.12 56.93
C LYS C 324 -3.17 -9.89 56.06
N LYS C 325 -2.41 -10.09 54.98
CA LYS C 325 -2.05 -9.01 54.07
C LYS C 325 -1.96 -9.57 52.65
N VAL C 326 -1.79 -8.67 51.69
CA VAL C 326 -1.65 -9.00 50.28
C VAL C 326 -0.76 -7.97 49.61
N MET C 327 -0.01 -8.43 48.60
CA MET C 327 0.80 -7.55 47.76
C MET C 327 0.75 -8.03 46.32
N VAL C 328 0.68 -7.06 45.40
CA VAL C 328 0.63 -7.36 43.98
C VAL C 328 1.90 -6.78 43.35
N LEU C 329 2.04 -6.92 42.04
CA LEU C 329 3.15 -6.29 41.31
C LEU C 329 2.59 -5.68 40.02
N ILE C 330 2.09 -4.44 40.10
CA ILE C 330 1.57 -3.74 38.94
C ILE C 330 2.74 -3.36 38.03
N GLN C 331 2.90 -4.10 36.92
CA GLN C 331 4.15 -4.02 36.16
C GLN C 331 4.43 -2.61 35.66
N ARG C 332 3.53 -2.05 34.87
CA ARG C 332 3.69 -0.66 34.46
C ARG C 332 3.57 0.18 35.73
N GLY C 333 4.48 1.14 35.93
CA GLY C 333 4.49 1.85 37.19
C GLY C 333 3.64 3.09 37.38
N ALA C 334 2.87 3.48 36.38
CA ALA C 334 2.06 4.70 36.36
C ALA C 334 0.70 4.53 37.04
N TYR C 335 0.46 3.37 37.66
CA TYR C 335 -0.87 3.00 38.11
C TYR C 335 -1.01 2.86 39.62
N VAL C 336 0.11 2.89 40.36
CA VAL C 336 0.22 2.18 41.64
C VAL C 336 -0.86 2.64 42.61
N ASP C 337 -1.01 3.95 42.77
CA ASP C 337 -1.89 4.56 43.78
C ASP C 337 -3.37 4.30 43.52
N LEU C 338 -3.71 3.64 42.41
CA LEU C 338 -5.08 3.44 41.98
C LEU C 338 -5.67 2.11 42.42
N VAL C 339 -4.82 1.09 42.60
CA VAL C 339 -5.26 -0.19 43.15
C VAL C 339 -4.87 -0.32 44.62
N GLN C 340 -3.91 0.47 45.09
CA GLN C 340 -3.46 0.40 46.48
C GLN C 340 -4.60 0.77 47.42
N GLY C 341 -4.37 0.51 48.71
CA GLY C 341 -5.39 0.75 49.72
C GLY C 341 -6.64 -0.09 49.58
N GLY C 342 -7.49 -0.06 50.60
CA GLY C 342 -8.71 -0.85 50.56
C GLY C 342 -8.39 -2.33 50.68
N VAL C 343 -8.92 -3.12 49.75
CA VAL C 343 -8.82 -4.57 49.84
C VAL C 343 -7.36 -5.01 49.67
N ILE C 344 -6.69 -4.50 48.64
CA ILE C 344 -5.28 -4.81 48.41
C ILE C 344 -4.44 -3.82 49.21
N ASP C 345 -3.62 -4.33 50.13
CA ASP C 345 -2.87 -3.45 51.02
C ASP C 345 -1.73 -2.73 50.28
N VAL C 346 -0.98 -3.45 49.44
CA VAL C 346 0.24 -2.90 48.86
C VAL C 346 0.34 -3.30 47.39
N ALA C 347 0.80 -2.36 46.56
CA ALA C 347 1.06 -2.57 45.15
C ALA C 347 2.45 -2.07 44.85
N ILE C 348 3.24 -2.89 44.16
CA ILE C 348 4.65 -2.60 43.92
C ILE C 348 4.83 -2.41 42.42
N SER C 349 5.76 -1.53 42.04
CA SER C 349 6.04 -1.29 40.63
C SER C 349 7.54 -1.40 40.38
N PRO C 350 7.95 -2.16 39.36
CA PRO C 350 9.38 -2.23 39.03
C PRO C 350 9.84 -1.00 38.25
N GLN C 351 8.95 -0.43 37.44
CA GLN C 351 9.28 0.76 36.66
C GLN C 351 9.01 2.04 37.43
N GLN C 352 8.69 1.93 38.72
CA GLN C 352 8.77 3.05 39.63
C GLN C 352 9.87 2.83 40.65
N ALA C 353 10.61 1.73 40.52
CA ALA C 353 11.81 1.40 41.28
C ALA C 353 13.07 1.40 40.44
N THR C 354 12.99 0.94 39.18
CA THR C 354 14.11 1.10 38.25
C THR C 354 14.40 2.58 38.02
N ILE C 355 13.35 3.39 37.85
CA ILE C 355 13.49 4.83 37.68
C ILE C 355 13.93 5.48 38.98
N SER C 356 13.57 4.88 40.11
CA SER C 356 13.96 5.41 41.41
C SER C 356 15.48 5.39 41.59
N ALA C 357 16.14 4.34 41.07
CA ALA C 357 17.60 4.27 41.17
C ALA C 357 18.29 5.15 40.13
N LEU C 358 17.69 5.30 38.95
CA LEU C 358 18.28 6.14 37.90
C LEU C 358 18.30 7.62 38.29
N LEU C 359 17.32 8.07 39.07
CA LEU C 359 17.31 9.44 39.54
C LEU C 359 18.16 9.66 40.79
N THR C 360 18.89 8.63 41.24
CA THR C 360 19.89 8.80 42.29
C THR C 360 21.32 8.85 41.74
N HIS C 361 21.56 8.26 40.57
CA HIS C 361 22.84 8.46 39.89
C HIS C 361 22.87 9.75 39.10
N VAL C 362 21.85 9.98 38.27
CA VAL C 362 21.79 11.17 37.42
C VAL C 362 21.86 12.44 38.26
N ARG C 363 21.03 12.49 39.30
CA ARG C 363 20.93 13.68 40.13
C ARG C 363 22.10 13.85 41.08
N ARG C 364 23.08 12.95 41.05
CA ARG C 364 24.19 13.00 42.00
C ARG C 364 24.92 14.32 41.89
N ALA C 365 25.13 14.96 43.04
CA ALA C 365 25.77 16.26 43.24
C ALA C 365 24.90 17.40 42.72
N ASP C 366 23.73 17.12 42.16
CA ASP C 366 22.88 18.16 41.61
C ASP C 366 22.08 18.82 42.73
N ILE C 367 21.23 19.79 42.34
CA ILE C 367 20.50 20.59 43.31
C ILE C 367 19.35 19.79 43.92
N VAL C 368 18.66 18.98 43.12
CA VAL C 368 17.52 18.22 43.59
C VAL C 368 17.73 16.74 43.31
N ASN C 369 17.30 15.91 44.24
CA ASN C 369 17.27 14.47 44.09
C ASN C 369 15.80 14.08 44.23
N VAL C 370 15.27 13.43 43.22
CA VAL C 370 13.85 13.07 43.16
C VAL C 370 13.69 11.77 43.93
N SER C 371 12.81 11.77 44.93
CA SER C 371 12.70 10.62 45.80
C SER C 371 12.03 9.47 45.06
N SER C 372 11.89 8.37 45.78
CA SER C 372 11.09 7.25 45.31
C SER C 372 9.60 7.52 45.46
N LEU C 373 9.21 8.48 46.30
CA LEU C 373 7.80 8.83 46.45
C LEU C 373 7.39 9.80 45.34
N ARG C 374 7.25 9.24 44.15
CA ARG C 374 6.55 9.91 43.06
C ARG C 374 5.31 9.09 42.76
N ARG C 375 4.14 9.68 42.98
CA ARG C 375 2.87 9.12 42.58
C ARG C 375 1.96 10.26 42.14
N GLY C 376 1.47 10.19 40.90
CA GLY C 376 0.75 11.29 40.32
C GLY C 376 1.61 12.53 40.22
N ALA C 377 1.00 13.70 40.49
CA ALA C 377 1.73 14.96 40.42
C ALA C 377 2.65 15.14 41.60
N ALA C 378 2.29 14.58 42.74
CA ALA C 378 3.11 14.72 43.94
C ALA C 378 4.41 13.95 43.80
N GLU C 379 5.47 14.50 44.37
CA GLU C 379 6.73 13.79 44.49
C GLU C 379 7.50 14.42 45.64
N ALA C 380 8.18 13.59 46.42
CA ALA C 380 9.06 14.07 47.46
C ALA C 380 10.44 14.28 46.85
N ILE C 381 11.14 15.32 47.30
CA ILE C 381 12.43 15.66 46.74
C ILE C 381 13.38 15.96 47.89
N GLU C 382 14.67 15.97 47.56
CA GLU C 382 15.73 16.27 48.53
C GLU C 382 16.62 17.36 47.92
N ALA C 383 16.61 18.54 48.52
CA ALA C 383 17.33 19.68 47.97
C ALA C 383 18.57 20.00 48.79
N VAL C 384 19.65 20.40 48.13
CA VAL C 384 20.94 20.64 48.74
C VAL C 384 21.21 22.14 48.79
N ALA C 385 21.62 22.63 49.95
CA ALA C 385 21.84 24.06 50.17
C ALA C 385 23.34 24.28 50.25
N HIS C 386 23.90 24.94 49.22
CA HIS C 386 25.32 25.20 49.15
C HIS C 386 25.59 26.66 49.50
N GLY C 387 26.80 26.91 49.97
CA GLY C 387 27.22 28.29 50.16
C GLY C 387 26.84 28.82 51.52
N ASP C 388 27.71 29.67 52.06
CA ASP C 388 27.45 30.36 53.31
C ASP C 388 26.35 31.40 53.12
N GLU C 389 26.07 32.14 54.20
CA GLU C 389 24.96 33.09 54.19
C GLU C 389 25.14 34.20 53.16
N THR C 390 26.31 34.32 52.52
CA THR C 390 26.54 35.41 51.58
C THR C 390 26.11 35.06 50.16
N THR C 391 26.10 33.78 49.80
CA THR C 391 25.78 33.36 48.43
C THR C 391 24.64 32.34 48.43
N SER C 392 23.63 32.56 49.26
CA SER C 392 22.50 31.64 49.33
C SER C 392 21.34 32.31 50.03
N LYS C 393 20.15 32.19 49.44
CA LYS C 393 18.94 32.76 50.00
C LYS C 393 18.37 31.94 51.16
N VAL C 394 18.76 30.66 51.27
CA VAL C 394 18.06 29.72 52.13
C VAL C 394 18.91 29.24 53.30
N VAL C 395 20.11 29.79 53.50
CA VAL C 395 21.01 29.31 54.53
C VAL C 395 20.93 30.23 55.74
N GLY C 396 20.87 29.64 56.92
CA GLY C 396 20.73 30.41 58.15
C GLY C 396 19.29 30.78 58.41
N ARG C 397 18.49 30.94 57.36
CA ARG C 397 17.12 31.35 57.57
C ARG C 397 16.33 30.18 58.16
N ALA C 398 15.58 30.46 59.21
CA ALA C 398 14.81 29.42 59.88
C ALA C 398 13.77 28.85 58.91
N ILE C 399 13.41 27.58 59.13
CA ILE C 399 12.52 26.89 58.21
C ILE C 399 11.21 27.66 58.08
N GLY C 400 10.67 28.13 59.20
CA GLY C 400 9.42 28.87 59.20
C GLY C 400 9.49 30.19 58.44
N ASP C 401 10.68 30.63 58.04
CA ASP C 401 10.85 31.94 57.40
C ASP C 401 11.24 31.82 55.93
N ILE C 402 11.04 30.65 55.31
CA ILE C 402 11.38 30.45 53.91
C ILE C 402 10.10 30.50 53.08
N LYS C 403 10.11 31.32 52.02
CA LYS C 403 8.92 31.53 51.20
C LYS C 403 8.84 30.44 50.14
N LEU C 404 8.59 29.22 50.61
CA LEU C 404 8.59 28.06 49.72
C LEU C 404 7.41 28.11 48.75
N PRO C 405 7.56 27.51 47.57
CA PRO C 405 6.46 27.48 46.60
C PRO C 405 5.25 26.73 47.18
N PRO C 406 4.06 26.92 46.61
CA PRO C 406 2.85 26.36 47.23
C PRO C 406 2.84 24.84 47.26
N GLY C 407 2.35 24.29 48.36
CA GLY C 407 2.27 22.86 48.56
C GLY C 407 3.52 22.22 49.14
N THR C 408 4.67 22.88 48.99
CA THR C 408 5.92 22.33 49.47
C THR C 408 6.03 22.52 50.99
N THR C 409 6.47 21.47 51.67
CA THR C 409 6.60 21.51 53.11
C THR C 409 7.83 20.68 53.49
N ILE C 410 8.74 21.30 54.24
CA ILE C 410 9.96 20.62 54.66
C ILE C 410 9.60 19.63 55.76
N GLY C 411 10.12 18.41 55.66
CA GLY C 411 9.86 17.39 56.65
C GLY C 411 11.06 17.03 57.49
N ALA C 412 12.26 17.18 56.95
CA ALA C 412 13.46 16.82 57.69
C ALA C 412 14.68 17.50 57.07
N VAL C 413 15.80 17.40 57.78
CA VAL C 413 17.09 17.91 57.33
C VAL C 413 18.14 16.85 57.67
N VAL C 414 18.94 16.50 56.67
CA VAL C 414 20.02 15.54 56.84
C VAL C 414 21.32 16.33 56.82
N ARG C 415 22.14 16.12 57.84
CA ARG C 415 23.40 16.83 58.00
C ARG C 415 24.49 15.81 58.20
N GLY C 416 25.36 15.67 57.20
CA GLY C 416 26.39 14.67 57.27
C GLY C 416 25.75 13.31 57.47
N GLU C 417 25.79 12.83 58.71
CA GLU C 417 25.24 11.52 59.04
C GLU C 417 24.24 11.56 60.19
N GLU C 418 23.47 12.64 60.34
CA GLU C 418 22.47 12.66 61.39
C GLU C 418 21.23 13.40 60.88
N VAL C 419 20.06 12.92 61.29
CA VAL C 419 18.78 13.38 60.77
C VAL C 419 18.11 14.25 61.82
N LEU C 420 17.97 15.53 61.48
CA LEU C 420 17.21 16.49 62.27
C LEU C 420 15.83 16.59 61.65
N ILE C 421 14.82 16.25 62.45
CA ILE C 421 13.45 16.41 62.00
C ILE C 421 13.18 17.89 61.82
N ALA C 422 12.48 18.24 60.75
CA ALA C 422 12.22 19.65 60.54
C ALA C 422 11.28 20.15 61.62
N HIS C 423 11.70 21.19 62.32
CA HIS C 423 10.80 21.92 63.20
C HIS C 423 10.83 23.36 62.73
N ASP C 424 9.73 24.06 62.98
CA ASP C 424 9.61 25.44 62.55
C ASP C 424 10.75 26.30 63.10
N ARG C 425 11.34 25.88 64.22
CA ARG C 425 12.38 26.61 64.91
C ARG C 425 13.79 26.17 64.52
N THR C 426 13.94 25.43 63.42
CA THR C 426 15.24 24.89 63.03
C THR C 426 15.93 25.82 62.05
N VAL C 427 17.26 25.75 62.03
CA VAL C 427 18.10 26.57 61.17
C VAL C 427 18.74 25.68 60.11
N ILE C 428 18.68 26.10 58.86
CA ILE C 428 19.30 25.36 57.76
C ILE C 428 20.74 25.81 57.64
N GLU C 429 21.68 24.88 57.81
CA GLU C 429 23.09 25.19 57.68
C GLU C 429 23.57 24.79 56.29
N GLN C 430 24.81 25.17 55.99
CA GLN C 430 25.38 24.97 54.67
C GLN C 430 25.68 23.50 54.40
N ASP C 431 25.49 23.11 53.13
CA ASP C 431 25.71 21.74 52.66
C ASP C 431 24.75 20.77 53.36
N ASP C 432 23.50 21.18 53.48
CA ASP C 432 22.47 20.34 54.04
C ASP C 432 21.70 19.66 52.92
N HIS C 433 21.12 18.51 53.22
CA HIS C 433 20.26 17.76 52.31
C HIS C 433 18.85 17.85 52.90
N VAL C 434 18.08 18.82 52.43
CA VAL C 434 16.75 19.06 52.98
C VAL C 434 15.76 18.13 52.27
N VAL C 435 14.91 17.49 53.05
CA VAL C 435 13.92 16.54 52.56
C VAL C 435 12.55 17.19 52.70
N MET C 436 11.84 17.30 51.58
CA MET C 436 10.55 17.96 51.59
C MET C 436 9.59 17.30 50.61
N PHE C 437 8.32 17.66 50.76
CA PHE C 437 7.20 17.07 50.05
C PHE C 437 6.56 18.10 49.14
N LEU C 438 6.62 17.87 47.84
CA LEU C 438 5.94 18.70 46.86
C LEU C 438 4.59 18.07 46.54
N VAL C 439 3.52 18.86 46.69
CA VAL C 439 2.23 18.36 46.27
C VAL C 439 2.12 18.46 44.76
N ASP C 440 2.75 19.47 44.16
CA ASP C 440 2.67 19.70 42.73
C ASP C 440 4.09 19.76 42.18
N LYS C 441 4.38 18.94 41.17
CA LYS C 441 5.75 18.83 40.69
C LYS C 441 6.10 19.91 39.67
N LYS C 442 5.16 20.78 39.30
CA LYS C 442 5.47 21.84 38.34
C LYS C 442 6.29 22.96 38.96
N TYR C 443 6.59 22.87 40.27
CA TYR C 443 7.28 23.92 41.01
C TYR C 443 8.76 23.68 41.22
N VAL C 444 9.34 22.59 40.70
CA VAL C 444 10.74 22.26 41.01
C VAL C 444 11.71 23.39 40.67
N PRO C 445 11.76 23.92 39.42
CA PRO C 445 12.70 25.02 39.14
C PRO C 445 12.44 26.30 39.92
N ASP C 446 11.38 26.34 40.73
CA ASP C 446 11.28 27.38 41.76
C ASP C 446 12.13 27.01 42.96
N VAL C 447 11.95 25.80 43.50
CA VAL C 447 12.84 25.29 44.54
C VAL C 447 14.27 25.20 44.01
N GLU C 448 14.44 24.63 42.82
CA GLU C 448 15.77 24.53 42.22
C GLU C 448 16.45 25.89 42.07
N ALA C 449 15.67 26.97 42.00
CA ALA C 449 16.21 28.31 41.96
C ALA C 449 16.32 28.95 43.33
N LEU C 450 15.53 28.48 44.31
CA LEU C 450 15.61 29.02 45.66
C LEU C 450 16.86 28.53 46.39
N PHE C 451 17.01 27.21 46.52
CA PHE C 451 18.14 26.66 47.27
C PHE C 451 19.47 26.85 46.56
N GLN C 452 19.45 26.91 45.23
CA GLN C 452 20.69 26.95 44.47
C GLN C 452 21.50 28.19 44.84
N PRO C 453 22.80 28.06 45.08
CA PRO C 453 23.59 29.23 45.46
C PRO C 453 23.68 30.22 44.30
N SER C 454 23.64 31.50 44.66
CA SER C 454 23.89 32.60 43.74
C SER C 454 25.31 32.42 43.18
N PRO C 455 25.68 33.12 42.11
CA PRO C 455 27.06 33.01 41.61
C PRO C 455 28.08 33.20 42.72
N PHE C 456 29.17 32.46 42.62
CA PHE C 456 30.17 32.39 43.69
C PHE C 456 31.18 33.53 43.66
N ILE D 4 -18.94 -31.77 -8.89
CA ILE D 4 -18.60 -30.49 -8.26
C ILE D 4 -17.47 -30.72 -7.28
N ILE D 5 -16.37 -29.98 -7.45
CA ILE D 5 -15.23 -30.11 -6.56
C ILE D 5 -15.18 -28.89 -5.66
N LEU D 6 -14.22 -28.85 -4.74
CA LEU D 6 -13.96 -27.63 -3.97
C LEU D 6 -12.45 -27.45 -3.76
N GLY D 7 -11.64 -27.98 -4.67
CA GLY D 7 -10.20 -27.83 -4.54
C GLY D 7 -9.50 -27.60 -5.86
N ALA D 8 -8.42 -26.81 -5.78
CA ALA D 8 -7.46 -26.63 -6.85
C ALA D 8 -6.09 -27.14 -6.43
N GLY D 9 -6.05 -28.10 -5.52
CA GLY D 9 -4.80 -28.68 -5.08
C GLY D 9 -4.40 -29.86 -5.94
N GLN D 10 -3.35 -30.57 -5.50
CA GLN D 10 -2.88 -31.72 -6.26
C GLN D 10 -3.99 -32.74 -6.49
N VAL D 11 -4.91 -32.88 -5.53
CA VAL D 11 -6.10 -33.71 -5.75
C VAL D 11 -6.98 -33.08 -6.81
N GLY D 12 -7.44 -31.86 -6.57
CA GLY D 12 -8.33 -31.22 -7.52
C GLY D 12 -7.68 -30.98 -8.86
N GLY D 13 -6.41 -30.57 -8.86
CA GLY D 13 -5.70 -30.37 -10.12
C GLY D 13 -5.48 -31.66 -10.89
N THR D 14 -5.09 -32.73 -10.20
CA THR D 14 -4.86 -33.99 -10.90
C THR D 14 -6.17 -34.56 -11.44
N LEU D 15 -7.24 -34.51 -10.64
CA LEU D 15 -8.56 -34.84 -11.17
C LEU D 15 -8.91 -33.95 -12.34
N ALA D 16 -9.00 -32.63 -12.11
CA ALA D 16 -9.38 -31.68 -13.16
C ALA D 16 -8.62 -31.93 -14.45
N GLU D 17 -7.39 -32.45 -14.36
CA GLU D 17 -6.64 -32.83 -15.55
C GLU D 17 -7.08 -34.20 -16.07
N ASN D 18 -7.22 -35.18 -15.17
CA ASN D 18 -7.44 -36.57 -15.59
C ASN D 18 -8.86 -36.78 -16.08
N LEU D 19 -9.86 -36.22 -15.41
CA LEU D 19 -11.24 -36.63 -15.65
C LEU D 19 -11.82 -36.04 -16.94
N VAL D 20 -11.37 -34.86 -17.38
CA VAL D 20 -12.00 -34.19 -18.51
C VAL D 20 -11.47 -34.77 -19.83
N GLY D 21 -12.32 -35.55 -20.50
CA GLY D 21 -12.12 -35.92 -21.89
C GLY D 21 -13.34 -35.56 -22.73
N GLU D 22 -14.12 -34.60 -22.25
CA GLU D 22 -15.44 -34.23 -22.78
C GLU D 22 -16.46 -35.33 -22.46
N ASN D 23 -15.97 -36.44 -21.91
CA ASN D 23 -16.84 -37.51 -21.45
C ASN D 23 -17.71 -37.05 -20.28
N ASN D 24 -17.12 -36.30 -19.34
CA ASN D 24 -17.80 -35.78 -18.17
C ASN D 24 -17.51 -34.29 -17.96
N ASP D 25 -18.45 -33.62 -17.31
CA ASP D 25 -18.41 -32.18 -17.08
C ASP D 25 -18.50 -31.89 -15.59
N ILE D 26 -17.69 -30.94 -15.12
CA ILE D 26 -17.62 -30.58 -13.70
C ILE D 26 -17.33 -29.10 -13.49
N THR D 27 -17.35 -28.66 -12.23
CA THR D 27 -17.06 -27.27 -11.86
C THR D 27 -16.31 -27.25 -10.54
N ILE D 28 -15.12 -26.64 -10.52
CA ILE D 28 -14.26 -26.67 -9.35
C ILE D 28 -14.36 -25.32 -8.63
N VAL D 29 -14.11 -25.32 -7.33
CA VAL D 29 -14.26 -24.13 -6.49
C VAL D 29 -12.98 -23.94 -5.69
N ASP D 30 -12.46 -22.71 -5.68
CA ASP D 30 -11.31 -22.43 -4.82
C ASP D 30 -11.07 -20.93 -4.69
N ASN D 31 -10.81 -20.49 -3.46
CA ASN D 31 -10.55 -19.08 -3.19
C ASN D 31 -9.15 -18.66 -3.61
N ASN D 32 -8.31 -19.61 -4.01
CA ASN D 32 -6.92 -19.33 -4.37
C ASN D 32 -6.90 -19.10 -5.87
N ALA D 33 -6.98 -17.83 -6.26
CA ALA D 33 -7.13 -17.45 -7.66
C ALA D 33 -5.92 -17.86 -8.49
N ASP D 34 -4.72 -17.49 -8.04
CA ASP D 34 -3.51 -17.79 -8.81
C ASP D 34 -3.36 -19.28 -9.06
N ARG D 35 -3.81 -20.11 -8.12
CA ARG D 35 -3.79 -21.55 -8.32
C ARG D 35 -5.01 -22.04 -9.10
N LEU D 36 -6.16 -21.38 -8.91
CA LEU D 36 -7.40 -21.85 -9.56
C LEU D 36 -7.38 -21.62 -11.08
N ARG D 37 -7.21 -20.37 -11.52
CA ARG D 37 -7.17 -20.13 -12.95
C ARG D 37 -5.93 -20.75 -13.59
N GLU D 38 -4.93 -21.12 -12.80
CA GLU D 38 -3.86 -21.98 -13.29
C GLU D 38 -4.39 -23.40 -13.45
N LEU D 39 -5.10 -23.89 -12.43
CA LEU D 39 -5.75 -25.19 -12.51
C LEU D 39 -6.92 -25.19 -13.47
N GLN D 40 -7.45 -24.01 -13.82
CA GLN D 40 -8.53 -23.93 -14.80
C GLN D 40 -8.06 -24.27 -16.21
N ASP D 41 -6.76 -24.48 -16.41
CA ASP D 41 -6.25 -24.91 -17.71
C ASP D 41 -6.37 -26.43 -17.85
N LYS D 42 -5.76 -27.16 -16.93
CA LYS D 42 -5.80 -28.63 -16.90
C LYS D 42 -5.32 -29.24 -18.22
N LEU D 45 -13.50 -27.27 -15.01
CA LEU D 45 -13.66 -26.42 -16.18
C LEU D 45 -14.11 -25.02 -15.77
N ARG D 46 -15.43 -24.84 -15.66
CA ARG D 46 -15.96 -23.58 -15.18
C ARG D 46 -15.54 -23.39 -13.72
N VAL D 47 -15.20 -22.18 -13.34
CA VAL D 47 -14.70 -21.91 -12.00
C VAL D 47 -15.68 -20.99 -11.27
N VAL D 48 -16.21 -21.48 -10.15
CA VAL D 48 -16.97 -20.67 -9.20
C VAL D 48 -16.05 -20.26 -8.07
N ASN D 49 -15.66 -18.99 -8.00
CA ASN D 49 -14.90 -18.56 -6.83
C ASN D 49 -15.79 -18.74 -5.61
N GLY D 50 -15.25 -19.34 -4.56
CA GLY D 50 -16.07 -19.71 -3.43
C GLY D 50 -15.42 -19.40 -2.10
N HIS D 51 -16.28 -19.11 -1.13
CA HIS D 51 -15.91 -18.89 0.26
C HIS D 51 -16.53 -20.01 1.09
N ALA D 52 -15.69 -20.82 1.75
CA ALA D 52 -16.13 -21.97 2.53
C ALA D 52 -17.16 -22.79 1.78
N SER D 53 -18.16 -23.31 2.50
CA SER D 53 -19.24 -24.11 1.93
C SER D 53 -20.53 -23.31 1.84
N HIS D 54 -20.42 -21.99 1.70
CA HIS D 54 -21.59 -21.13 1.70
C HIS D 54 -22.51 -21.56 0.55
N PRO D 55 -23.83 -21.59 0.76
CA PRO D 55 -24.72 -22.10 -0.29
C PRO D 55 -24.66 -21.36 -1.62
N ASP D 56 -24.50 -20.02 -1.60
CA ASP D 56 -24.39 -19.26 -2.83
C ASP D 56 -23.48 -19.96 -3.85
N VAL D 57 -22.26 -20.28 -3.44
CA VAL D 57 -21.31 -20.91 -4.36
C VAL D 57 -21.65 -22.38 -4.52
N LEU D 58 -21.71 -23.12 -3.42
CA LEU D 58 -21.94 -24.57 -3.48
C LEU D 58 -23.33 -24.87 -4.01
N HIS D 59 -24.36 -24.37 -3.31
CA HIS D 59 -25.70 -24.85 -3.54
C HIS D 59 -26.24 -24.39 -4.90
N GLU D 60 -25.97 -23.12 -5.26
CA GLU D 60 -26.47 -22.62 -6.54
C GLU D 60 -25.78 -23.30 -7.72
N ALA D 61 -24.49 -23.60 -7.58
CA ALA D 61 -23.76 -24.27 -8.65
C ALA D 61 -24.30 -25.68 -8.89
N GLY D 62 -24.84 -26.32 -7.85
CA GLY D 62 -25.16 -27.73 -7.94
C GLY D 62 -26.41 -28.01 -8.77
N ALA D 63 -27.48 -27.24 -8.54
CA ALA D 63 -28.75 -27.44 -9.24
C ALA D 63 -29.06 -26.30 -10.20
N GLN D 64 -29.33 -26.66 -11.46
CA GLN D 64 -29.70 -25.87 -12.64
C GLN D 64 -28.45 -25.36 -13.38
N ASP D 65 -27.26 -25.76 -12.97
CA ASP D 65 -26.05 -25.33 -13.68
C ASP D 65 -25.11 -26.50 -13.91
N LEU D 69 -20.50 -34.82 -5.80
CA LEU D 69 -19.84 -33.83 -4.94
C LEU D 69 -18.47 -34.30 -4.46
N VAL D 70 -17.46 -33.44 -4.59
CA VAL D 70 -16.13 -33.72 -4.08
C VAL D 70 -15.65 -32.48 -3.33
N ALA D 71 -15.20 -32.66 -2.09
CA ALA D 71 -14.92 -31.52 -1.22
C ALA D 71 -13.58 -31.74 -0.53
N VAL D 72 -12.58 -30.97 -0.96
CA VAL D 72 -11.17 -31.22 -0.67
C VAL D 72 -10.56 -29.91 -0.20
N THR D 73 -10.93 -29.48 1.00
CA THR D 73 -10.33 -28.28 1.57
C THR D 73 -9.02 -28.66 2.25
N ASN D 74 -8.51 -27.71 3.05
CA ASN D 74 -7.52 -28.07 4.05
C ASN D 74 -8.13 -28.92 5.18
N THR D 75 -9.37 -28.65 5.57
CA THR D 75 -9.97 -29.33 6.71
C THR D 75 -11.14 -30.26 6.34
N ASP D 76 -11.34 -31.23 7.22
CA ASP D 76 -12.44 -32.17 7.16
C ASP D 76 -13.75 -31.51 7.57
N GLU D 77 -13.72 -30.72 8.64
CA GLU D 77 -14.92 -30.12 9.19
C GLU D 77 -15.63 -29.23 8.17
N THR D 78 -14.87 -28.45 7.40
CA THR D 78 -15.47 -27.66 6.35
C THR D 78 -16.11 -28.55 5.29
N ASN D 79 -15.44 -29.66 4.97
CA ASN D 79 -15.93 -30.62 3.98
C ASN D 79 -17.25 -31.25 4.41
N MET D 80 -17.39 -31.61 5.69
CA MET D 80 -18.63 -32.22 6.13
C MET D 80 -19.79 -31.24 5.98
N ALA D 81 -19.56 -29.97 6.32
CA ALA D 81 -20.62 -28.98 6.21
C ALA D 81 -21.12 -28.87 4.77
N ALA D 82 -20.18 -28.89 3.81
CA ALA D 82 -20.52 -28.77 2.39
C ALA D 82 -21.40 -29.91 1.89
N CYS D 83 -21.15 -31.14 2.34
CA CYS D 83 -21.99 -32.26 1.92
C CYS D 83 -23.36 -32.19 2.56
N GLN D 84 -23.45 -31.65 3.77
CA GLN D 84 -24.74 -31.47 4.42
C GLN D 84 -25.52 -30.32 3.79
N VAL D 85 -24.84 -29.21 3.45
CA VAL D 85 -25.53 -28.09 2.80
C VAL D 85 -26.09 -28.52 1.45
N ALA D 86 -25.40 -29.42 0.74
CA ALA D 86 -25.88 -29.85 -0.57
C ALA D 86 -26.97 -30.90 -0.45
N PHE D 87 -26.94 -31.69 0.63
CA PHE D 87 -27.92 -32.74 0.88
C PHE D 87 -29.18 -32.21 1.55
N THR D 88 -29.05 -31.20 2.40
CA THR D 88 -30.19 -30.66 3.12
C THR D 88 -31.11 -29.86 2.20
N LEU D 89 -30.54 -28.96 1.39
CA LEU D 89 -31.33 -27.97 0.70
C LEU D 89 -31.57 -28.24 -0.78
N PHE D 90 -30.81 -29.16 -1.42
CA PHE D 90 -31.12 -29.59 -2.78
C PHE D 90 -31.30 -31.09 -2.95
N ASN D 91 -30.74 -31.92 -2.07
CA ASN D 91 -30.77 -33.38 -2.23
C ASN D 91 -30.04 -33.77 -3.52
N THR D 92 -28.73 -33.48 -3.52
CA THR D 92 -27.78 -33.76 -4.58
C THR D 92 -27.32 -35.22 -4.53
N PRO D 93 -27.00 -35.82 -5.68
CA PRO D 93 -26.58 -37.23 -5.70
C PRO D 93 -25.09 -37.44 -5.45
N ASN D 94 -24.75 -38.70 -5.14
CA ASN D 94 -23.38 -39.14 -4.82
C ASN D 94 -22.95 -38.35 -3.57
N ARG D 95 -21.80 -37.66 -3.60
CA ARG D 95 -21.16 -36.91 -2.51
C ARG D 95 -20.02 -37.67 -1.84
N VAL D 96 -18.83 -37.57 -2.43
CA VAL D 96 -17.60 -38.12 -1.87
C VAL D 96 -16.83 -36.96 -1.24
N ALA D 97 -16.46 -37.10 0.04
CA ALA D 97 -15.78 -36.03 0.76
C ALA D 97 -14.65 -36.64 1.57
N ARG D 98 -13.44 -36.16 1.33
CA ARG D 98 -12.28 -36.61 2.07
C ARG D 98 -12.32 -36.19 3.54
N ILE D 99 -11.97 -37.13 4.42
CA ILE D 99 -11.93 -36.90 5.86
C ILE D 99 -10.65 -37.54 6.39
N ARG D 100 -9.76 -36.72 6.96
CA ARG D 100 -8.44 -37.18 7.36
C ARG D 100 -8.34 -37.49 8.85
N SER D 101 -8.86 -36.62 9.71
CA SER D 101 -8.67 -36.76 11.15
C SER D 101 -9.17 -38.12 11.64
N PRO D 102 -8.32 -38.89 12.33
CA PRO D 102 -8.68 -40.27 12.68
C PRO D 102 -10.00 -40.46 13.40
N GLU D 103 -10.34 -39.62 14.39
CA GLU D 103 -11.51 -39.93 15.21
C GLU D 103 -12.78 -39.97 14.38
N TYR D 104 -12.81 -39.26 13.24
CA TYR D 104 -13.97 -39.33 12.38
C TYR D 104 -14.09 -40.71 11.73
N LEU D 105 -13.01 -41.49 11.71
CA LEU D 105 -13.03 -42.90 11.36
C LEU D 105 -13.37 -43.78 12.55
N ALA D 106 -12.74 -43.52 13.71
CA ALA D 106 -12.93 -44.36 14.89
C ALA D 106 -14.40 -44.51 15.26
N GLU D 107 -15.20 -43.48 15.02
CA GLU D 107 -16.65 -43.55 15.20
C GLU D 107 -17.41 -43.50 13.88
N LYS D 108 -16.74 -43.79 12.76
CA LYS D 108 -17.39 -43.76 11.46
C LYS D 108 -18.67 -44.60 11.44
N GLU D 109 -18.61 -45.83 11.97
CA GLU D 109 -19.79 -46.68 11.96
C GLU D 109 -20.96 -46.04 12.71
N ALA D 110 -20.71 -45.57 13.92
CA ALA D 110 -21.74 -44.86 14.68
C ALA D 110 -22.28 -43.68 13.88
N LEU D 111 -21.39 -42.83 13.37
CA LEU D 111 -21.79 -41.63 12.66
C LEU D 111 -22.36 -41.97 11.27
N PHE D 112 -21.56 -42.66 10.45
CA PHE D 112 -21.84 -42.74 9.02
C PHE D 112 -22.84 -43.84 8.67
N LYS D 113 -22.77 -44.99 9.33
CA LYS D 113 -23.78 -46.01 9.09
C LYS D 113 -25.08 -45.74 9.82
N SER D 114 -25.14 -44.64 10.59
CA SER D 114 -26.41 -44.10 11.03
C SER D 114 -27.00 -43.12 10.01
N GLY D 115 -26.28 -42.87 8.90
CA GLY D 115 -26.73 -41.93 7.89
C GLY D 115 -26.76 -40.48 8.29
N ALA D 116 -26.28 -40.13 9.48
CA ALA D 116 -26.34 -38.75 9.95
C ALA D 116 -25.61 -37.81 8.99
N ILE D 117 -24.32 -38.05 8.78
CA ILE D 117 -23.49 -37.25 7.88
C ILE D 117 -23.72 -37.77 6.46
N PRO D 118 -23.74 -36.90 5.43
CA PRO D 118 -24.21 -37.36 4.11
C PRO D 118 -23.12 -37.86 3.18
N VAL D 119 -22.00 -38.34 3.69
CA VAL D 119 -20.96 -38.81 2.78
C VAL D 119 -21.40 -40.14 2.17
N ASP D 120 -21.56 -40.17 0.85
CA ASP D 120 -21.93 -41.41 0.18
C ASP D 120 -20.74 -42.36 0.12
N HIS D 121 -19.54 -41.81 -0.08
CA HIS D 121 -18.32 -42.58 -0.19
C HIS D 121 -17.24 -41.79 0.52
N LEU D 122 -16.43 -42.45 1.34
CA LEU D 122 -15.33 -41.81 2.04
C LEU D 122 -14.00 -42.02 1.34
N ILE D 123 -13.11 -41.04 1.52
CA ILE D 123 -11.72 -41.12 1.06
C ILE D 123 -10.86 -40.73 2.26
N ALA D 124 -10.56 -41.69 3.11
CA ALA D 124 -9.78 -41.47 4.33
C ALA D 124 -8.31 -41.69 4.00
N PRO D 125 -7.53 -40.63 3.76
CA PRO D 125 -6.16 -40.82 3.23
C PRO D 125 -5.27 -41.65 4.11
N GLU D 126 -5.30 -41.44 5.44
CA GLU D 126 -4.39 -42.17 6.32
C GLU D 126 -4.64 -43.67 6.21
N GLU D 127 -5.91 -44.05 6.05
CA GLU D 127 -6.27 -45.46 5.90
C GLU D 127 -5.78 -46.05 4.58
N LEU D 128 -5.94 -45.31 3.48
CA LEU D 128 -5.58 -45.84 2.16
C LEU D 128 -4.09 -46.12 2.02
N VAL D 129 -3.24 -45.19 2.45
CA VAL D 129 -1.80 -45.38 2.36
C VAL D 129 -1.36 -46.55 3.25
N THR D 130 -1.87 -46.60 4.48
CA THR D 130 -1.46 -47.64 5.42
C THR D 130 -1.90 -49.02 4.96
N SER D 131 -3.09 -49.13 4.36
CA SER D 131 -3.49 -50.40 3.77
C SER D 131 -2.57 -50.74 2.61
N TYR D 132 -2.23 -49.74 1.80
CA TYR D 132 -1.35 -49.92 0.66
C TYR D 132 0.02 -50.43 1.09
N ILE D 133 0.60 -49.81 2.12
CA ILE D 133 1.94 -50.18 2.57
C ILE D 133 1.95 -51.63 3.03
N GLU D 134 0.88 -52.05 3.69
CA GLU D 134 0.74 -53.45 4.09
C GLU D 134 0.63 -54.35 2.87
N ARG D 135 0.11 -53.81 1.76
CA ARG D 135 -0.04 -54.59 0.54
C ARG D 135 1.31 -54.89 -0.13
N LEU D 136 2.30 -54.01 0.04
CA LEU D 136 3.63 -54.32 -0.46
C LEU D 136 4.37 -55.31 0.42
N ILE D 137 4.25 -55.16 1.74
CA ILE D 137 4.93 -56.08 2.66
C ILE D 137 4.49 -57.51 2.40
N GLN D 138 3.22 -57.69 2.03
CA GLN D 138 2.67 -59.03 1.86
C GLN D 138 3.33 -59.78 0.72
N TYR D 139 3.73 -59.06 -0.34
CA TYR D 139 4.44 -59.64 -1.48
C TYR D 139 5.88 -59.14 -1.48
N PRO D 140 6.79 -59.81 -0.78
CA PRO D 140 8.17 -59.30 -0.72
C PRO D 140 8.80 -59.27 -2.12
N GLY D 141 9.62 -58.25 -2.35
CA GLY D 141 10.23 -58.05 -3.65
C GLY D 141 9.46 -57.16 -4.60
N ALA D 142 8.28 -56.69 -4.22
CA ALA D 142 7.45 -55.87 -5.09
C ALA D 142 7.76 -54.41 -4.83
N LEU D 143 8.16 -53.68 -5.86
CA LEU D 143 8.44 -52.26 -5.73
C LEU D 143 7.14 -51.47 -5.55
N GLN D 144 6.22 -51.63 -6.50
CA GLN D 144 4.95 -50.93 -6.51
C GLN D 144 3.88 -51.93 -6.90
N VAL D 145 2.69 -51.78 -6.32
CA VAL D 145 1.53 -52.57 -6.71
C VAL D 145 0.48 -51.61 -7.26
N VAL D 146 -0.05 -51.94 -8.43
CA VAL D 146 -1.00 -51.09 -9.15
C VAL D 146 -2.39 -51.69 -9.02
N SER D 147 -3.36 -50.83 -8.70
CA SER D 147 -4.75 -51.22 -8.52
C SER D 147 -5.61 -50.47 -9.52
N PHE D 148 -6.51 -51.20 -10.19
CA PHE D 148 -7.46 -50.63 -11.12
C PHE D 148 -8.84 -50.54 -10.49
N ALA D 149 -9.81 -50.05 -11.28
CA ALA D 149 -11.19 -50.01 -10.82
C ALA D 149 -11.71 -51.42 -10.58
N GLU D 150 -11.30 -52.37 -11.41
CA GLU D 150 -11.71 -53.76 -11.22
C GLU D 150 -10.76 -54.40 -10.21
N GLN D 151 -11.28 -54.84 -9.06
CA GLN D 151 -10.40 -55.42 -8.05
C GLN D 151 -9.66 -56.65 -8.55
N LYS D 152 -10.13 -57.29 -9.61
CA LYS D 152 -9.64 -58.61 -9.98
C LYS D 152 -8.26 -58.52 -10.62
N VAL D 153 -8.01 -57.47 -11.39
CA VAL D 153 -6.77 -57.35 -12.13
C VAL D 153 -5.89 -56.34 -11.41
N SER D 154 -4.58 -56.53 -11.52
CA SER D 154 -3.63 -55.65 -10.85
C SER D 154 -2.25 -55.90 -11.44
N LEU D 155 -1.44 -54.85 -11.45
CA LEU D 155 -0.07 -54.98 -11.90
C LEU D 155 0.85 -55.11 -10.70
N VAL D 156 1.92 -55.87 -10.87
CA VAL D 156 2.94 -56.02 -9.84
C VAL D 156 4.27 -55.69 -10.50
N ALA D 157 5.04 -54.83 -9.87
CA ALA D 157 6.28 -54.35 -10.44
C ALA D 157 7.44 -54.98 -9.69
N VAL D 158 8.51 -55.27 -10.43
CA VAL D 158 9.71 -55.88 -9.87
C VAL D 158 10.91 -55.09 -10.39
N LYS D 159 12.08 -55.43 -9.87
CA LYS D 159 13.31 -54.75 -10.19
C LYS D 159 14.29 -55.75 -10.80
N ALA D 160 14.79 -55.46 -12.00
CA ALA D 160 15.70 -56.34 -12.70
C ALA D 160 17.13 -55.94 -12.39
N TYR D 161 17.93 -56.89 -11.93
CA TYR D 161 19.33 -56.66 -11.57
C TYR D 161 20.24 -57.61 -12.37
N TYR D 162 21.54 -57.43 -12.18
CA TYR D 162 22.51 -58.40 -12.66
C TYR D 162 22.36 -59.70 -11.87
N GLY D 163 22.29 -60.83 -12.58
CA GLY D 163 21.99 -62.07 -11.91
C GLY D 163 20.53 -62.40 -11.76
N GLY D 164 19.64 -61.52 -12.25
CA GLY D 164 18.22 -61.80 -12.17
C GLY D 164 17.81 -62.71 -13.30
N PRO D 165 16.74 -63.48 -13.10
CA PRO D 165 16.26 -64.36 -14.18
C PRO D 165 15.74 -63.60 -15.38
N LEU D 166 15.53 -62.28 -15.25
CA LEU D 166 14.87 -61.50 -16.29
C LEU D 166 15.78 -60.50 -16.98
N VAL D 167 17.07 -60.45 -16.64
CA VAL D 167 17.98 -59.47 -17.22
C VAL D 167 18.50 -60.02 -18.54
N GLY D 168 18.48 -59.17 -19.57
CA GLY D 168 19.02 -59.51 -20.86
C GLY D 168 18.22 -60.54 -21.64
N ASN D 169 17.34 -61.28 -20.97
CA ASN D 169 16.54 -62.25 -21.69
C ASN D 169 15.57 -61.55 -22.64
N ALA D 170 15.28 -62.20 -23.76
CA ALA D 170 14.30 -61.70 -24.70
C ALA D 170 12.90 -61.87 -24.13
N LEU D 171 12.06 -60.86 -24.31
CA LEU D 171 10.70 -60.91 -23.81
C LEU D 171 9.99 -62.16 -24.32
N SER D 172 9.92 -62.33 -25.63
CA SER D 172 9.28 -63.51 -26.21
C SER D 172 9.97 -64.79 -25.78
N ALA D 173 11.24 -64.72 -25.38
CA ALA D 173 11.92 -65.93 -24.93
C ALA D 173 11.30 -66.46 -23.64
N LEU D 174 10.67 -65.57 -22.87
CA LEU D 174 9.88 -65.96 -21.71
C LEU D 174 8.45 -66.33 -22.07
N ARG D 175 7.94 -65.88 -23.23
CA ARG D 175 6.59 -66.19 -23.68
C ARG D 175 6.45 -67.57 -24.32
N GLU D 176 7.52 -68.37 -24.43
CA GLU D 176 7.38 -69.69 -25.04
C GLU D 176 6.79 -70.72 -24.08
N HIS D 177 6.99 -70.56 -22.78
CA HIS D 177 6.33 -71.40 -21.79
C HIS D 177 5.24 -70.63 -21.06
N MET D 178 4.13 -71.32 -20.80
CA MET D 178 2.97 -70.78 -20.11
C MET D 178 2.78 -71.65 -18.86
N PRO D 179 3.67 -71.51 -17.87
CA PRO D 179 3.68 -72.49 -16.78
C PRO D 179 2.68 -72.12 -15.71
N HIS D 180 1.78 -73.05 -15.37
CA HIS D 180 0.87 -72.84 -14.26
C HIS D 180 0.12 -71.53 -14.46
N ILE D 181 0.23 -70.58 -13.52
CA ILE D 181 -0.30 -69.25 -13.75
C ILE D 181 0.67 -68.45 -14.62
N ASP D 182 0.14 -67.61 -15.48
CA ASP D 182 0.95 -66.90 -16.47
C ASP D 182 0.94 -65.41 -16.18
N THR D 183 1.89 -64.71 -16.82
CA THR D 183 2.03 -63.27 -16.62
C THR D 183 2.17 -62.57 -17.95
N ARG D 184 2.46 -61.26 -17.90
CA ARG D 184 2.76 -60.47 -19.09
C ARG D 184 3.28 -59.11 -18.65
N VAL D 185 4.24 -58.59 -19.39
CA VAL D 185 4.88 -57.31 -19.06
C VAL D 185 4.04 -56.24 -19.74
N ALA D 186 3.31 -55.46 -18.94
CA ALA D 186 2.48 -54.39 -19.47
C ALA D 186 3.22 -53.08 -19.58
N ALA D 187 4.28 -52.89 -18.80
CA ALA D 187 5.01 -51.63 -18.82
C ALA D 187 6.46 -51.89 -18.42
N ILE D 188 7.34 -50.99 -18.85
CA ILE D 188 8.76 -51.06 -18.49
C ILE D 188 9.22 -49.63 -18.24
N PHE D 189 9.57 -49.32 -17.00
CA PHE D 189 10.11 -48.01 -16.64
C PHE D 189 11.60 -48.13 -16.38
N ARG D 190 12.37 -47.31 -17.09
CA ARG D 190 13.82 -47.32 -16.95
C ARG D 190 14.34 -45.90 -17.04
N GLN D 191 15.30 -45.59 -16.16
CA GLN D 191 15.95 -44.28 -16.09
C GLN D 191 14.95 -43.16 -15.79
N GLY D 192 13.77 -43.49 -15.30
CA GLY D 192 12.74 -42.51 -15.07
C GLY D 192 11.79 -42.32 -16.23
N ARG D 193 12.20 -42.69 -17.44
CA ARG D 193 11.36 -42.50 -18.61
C ARG D 193 10.78 -43.83 -19.09
N PRO D 194 9.64 -43.80 -19.77
CA PRO D 194 8.91 -45.04 -20.05
C PRO D 194 9.33 -45.72 -21.35
N ILE D 195 9.50 -47.04 -21.27
CA ILE D 195 9.69 -47.88 -22.45
C ILE D 195 8.48 -48.81 -22.53
N ARG D 196 7.74 -48.69 -23.62
CA ARG D 196 6.65 -49.62 -23.85
C ARG D 196 7.22 -50.98 -24.23
N PRO D 197 6.61 -52.07 -23.79
CA PRO D 197 7.18 -53.39 -24.08
C PRO D 197 6.98 -53.77 -25.54
N GLN D 198 8.05 -54.29 -26.15
CA GLN D 198 8.01 -54.80 -27.51
C GLN D 198 8.71 -56.15 -27.55
N GLY D 199 8.54 -56.84 -28.67
CA GLY D 199 9.25 -58.09 -28.87
C GLY D 199 10.74 -57.87 -29.02
N THR D 200 11.12 -56.71 -29.56
CA THR D 200 12.50 -56.34 -29.81
C THR D 200 13.20 -55.80 -28.57
N THR D 201 12.44 -55.47 -27.53
CA THR D 201 13.01 -54.88 -26.34
C THR D 201 13.63 -55.96 -25.44
N ILE D 202 14.75 -55.60 -24.83
CA ILE D 202 15.50 -56.49 -23.95
C ILE D 202 15.47 -55.88 -22.56
N ILE D 203 15.41 -56.73 -21.54
CA ILE D 203 15.28 -56.26 -20.16
C ILE D 203 16.68 -55.97 -19.64
N GLU D 204 17.04 -54.69 -19.60
CA GLU D 204 18.34 -54.29 -19.07
C GLU D 204 18.28 -54.17 -17.56
N ALA D 205 19.43 -53.89 -16.95
CA ALA D 205 19.55 -53.89 -15.51
C ALA D 205 18.91 -52.64 -14.92
N ASP D 206 18.44 -52.76 -13.68
CA ASP D 206 17.79 -51.69 -12.93
C ASP D 206 16.60 -51.10 -13.70
N ASP D 207 15.68 -51.99 -14.07
CA ASP D 207 14.43 -51.59 -14.68
C ASP D 207 13.27 -51.83 -13.73
N GLU D 208 12.17 -51.11 -13.97
CA GLU D 208 10.92 -51.36 -13.28
C GLU D 208 10.07 -52.17 -14.25
N VAL D 209 10.16 -53.50 -14.14
CA VAL D 209 9.40 -54.41 -14.99
C VAL D 209 8.04 -54.60 -14.32
N PHE D 210 6.99 -54.11 -14.97
CA PHE D 210 5.63 -54.17 -14.45
C PHE D 210 4.93 -55.39 -15.02
N PHE D 211 4.82 -56.43 -14.19
CA PHE D 211 4.11 -57.63 -14.61
C PHE D 211 2.63 -57.49 -14.32
N VAL D 212 1.84 -58.15 -15.15
CA VAL D 212 0.40 -58.25 -14.95
C VAL D 212 0.13 -59.50 -14.14
N ALA D 213 -0.91 -59.46 -13.30
CA ALA D 213 -1.25 -60.60 -12.47
C ALA D 213 -2.67 -60.44 -11.97
N ALA D 214 -3.41 -61.54 -11.96
CA ALA D 214 -4.73 -61.54 -11.36
C ALA D 214 -4.59 -61.26 -9.88
N SER D 215 -5.40 -60.32 -9.36
CA SER D 215 -5.25 -59.89 -7.97
C SER D 215 -5.27 -61.05 -7.00
N ASN D 216 -6.02 -62.11 -7.32
CA ASN D 216 -6.09 -63.27 -6.44
C ASN D 216 -4.73 -63.94 -6.35
N HIS D 217 -4.11 -64.22 -7.49
CA HIS D 217 -2.86 -64.95 -7.57
C HIS D 217 -1.72 -64.00 -7.97
N ILE D 218 -1.25 -63.20 -7.02
CA ILE D 218 -0.09 -62.35 -7.23
C ILE D 218 1.17 -63.04 -6.72
N ARG D 219 1.11 -63.60 -5.50
CA ARG D 219 2.26 -64.30 -4.96
C ARG D 219 2.67 -65.45 -5.87
N SER D 220 1.68 -66.14 -6.43
CA SER D 220 1.97 -67.24 -7.35
C SER D 220 2.77 -66.74 -8.55
N VAL D 221 2.48 -65.54 -9.04
CA VAL D 221 3.19 -65.06 -10.22
C VAL D 221 4.66 -64.87 -9.86
N MET D 222 4.93 -64.13 -8.80
CA MET D 222 6.29 -63.79 -8.40
C MET D 222 7.13 -65.01 -8.01
N SER D 223 6.50 -66.08 -7.49
CA SER D 223 7.30 -67.27 -7.18
C SER D 223 7.62 -68.10 -8.43
N GLU D 224 6.75 -68.09 -9.44
CA GLU D 224 7.08 -68.72 -10.73
C GLU D 224 8.18 -67.97 -11.47
N LEU D 225 8.34 -66.67 -11.22
CA LEU D 225 9.51 -65.98 -11.74
C LEU D 225 10.67 -65.95 -10.75
N GLN D 226 10.59 -66.72 -9.66
CA GLN D 226 11.70 -66.87 -8.72
C GLN D 226 12.06 -65.57 -8.02
N ARG D 227 11.11 -64.65 -7.87
CA ARG D 227 11.37 -63.35 -7.28
C ARG D 227 10.71 -63.15 -5.93
N LEU D 228 10.02 -64.15 -5.41
CA LEU D 228 9.35 -64.04 -4.11
C LEU D 228 10.33 -64.38 -3.00
N GLU D 229 10.98 -63.36 -2.45
CA GLU D 229 12.00 -63.61 -1.45
C GLU D 229 11.34 -64.12 -0.17
N LYS D 230 12.15 -64.33 0.86
CA LYS D 230 11.62 -64.85 2.11
C LYS D 230 10.66 -63.82 2.71
N PRO D 231 9.59 -64.26 3.36
CA PRO D 231 8.65 -63.31 3.97
C PRO D 231 9.37 -62.39 4.93
N TYR D 232 8.94 -61.13 4.97
CA TYR D 232 9.54 -60.19 5.91
C TYR D 232 9.20 -60.61 7.33
N ARG D 233 10.16 -60.45 8.22
CA ARG D 233 10.01 -60.76 9.63
C ARG D 233 10.14 -59.52 10.49
N ARG D 234 11.21 -58.74 10.32
CA ARG D 234 11.50 -57.62 11.22
C ARG D 234 11.32 -56.32 10.43
N ILE D 235 10.48 -55.45 10.95
CA ILE D 235 10.13 -54.20 10.29
C ILE D 235 10.60 -53.06 11.18
N MET D 236 10.89 -51.92 10.58
CA MET D 236 11.24 -50.74 11.34
C MET D 236 10.53 -49.55 10.72
N ILE D 237 9.99 -48.69 11.58
CA ILE D 237 9.24 -47.52 11.13
C ILE D 237 9.96 -46.29 11.69
N VAL D 238 9.51 -45.10 11.28
CA VAL D 238 10.18 -43.88 11.73
C VAL D 238 9.19 -42.74 12.00
N GLY D 239 7.93 -42.95 11.68
CA GLY D 239 6.91 -41.92 11.87
C GLY D 239 5.99 -42.27 13.03
N GLY D 240 5.71 -41.28 13.87
CA GLY D 240 4.76 -41.43 14.95
C GLY D 240 3.44 -40.77 14.69
N GLY D 241 3.23 -40.26 13.48
CA GLY D 241 2.02 -39.56 13.10
C GLY D 241 0.91 -40.50 12.72
N ASN D 242 -0.04 -39.97 11.94
CA ASN D 242 -1.27 -40.69 11.63
C ASN D 242 -0.99 -41.97 10.85
N ILE D 243 -0.02 -41.95 9.94
CA ILE D 243 0.29 -43.16 9.18
C ILE D 243 1.17 -44.10 10.01
N GLY D 244 2.08 -43.54 10.82
CA GLY D 244 2.97 -44.38 11.59
C GLY D 244 2.25 -45.22 12.63
N ALA D 245 1.31 -44.61 13.36
CA ALA D 245 0.56 -45.35 14.36
C ALA D 245 -0.38 -46.36 13.73
N SER D 246 -1.08 -45.97 12.65
CA SER D 246 -1.99 -46.89 11.99
C SER D 246 -1.25 -48.12 11.49
N LEU D 247 -0.07 -47.93 10.89
CA LEU D 247 0.69 -49.06 10.38
C LEU D 247 1.14 -49.97 11.51
N ALA D 248 1.59 -49.39 12.63
CA ALA D 248 1.99 -50.19 13.79
C ALA D 248 0.82 -51.00 14.31
N LYS D 249 -0.35 -50.36 14.48
CA LYS D 249 -1.52 -51.09 14.94
C LYS D 249 -1.94 -52.19 13.98
N ARG D 250 -1.41 -52.19 12.76
CA ARG D 250 -1.71 -53.25 11.79
C ARG D 250 -0.62 -54.31 11.72
N LEU D 251 0.62 -53.99 12.13
CA LEU D 251 1.73 -54.91 11.94
C LEU D 251 2.21 -55.58 13.20
N GLU D 252 1.93 -55.03 14.37
CA GLU D 252 2.44 -55.63 15.60
C GLU D 252 1.87 -57.02 15.82
N GLN D 253 0.74 -57.34 15.20
CA GLN D 253 0.15 -58.65 15.39
C GLN D 253 0.79 -59.70 14.51
N THR D 254 1.36 -59.31 13.36
CA THR D 254 1.95 -60.26 12.44
C THR D 254 3.46 -60.09 12.22
N TYR D 255 4.03 -58.92 12.49
CA TYR D 255 5.44 -58.66 12.22
C TYR D 255 6.09 -58.05 13.46
N SER D 256 7.40 -58.24 13.59
CA SER D 256 8.15 -57.67 14.70
C SER D 256 8.45 -56.21 14.40
N VAL D 257 7.70 -55.32 15.02
CA VAL D 257 7.72 -53.90 14.70
C VAL D 257 8.66 -53.19 15.67
N LYS D 258 9.31 -52.15 15.17
CA LYS D 258 9.99 -51.15 15.99
C LYS D 258 9.66 -49.80 15.41
N LEU D 259 9.44 -48.83 16.29
CA LEU D 259 9.08 -47.48 15.88
C LEU D 259 10.07 -46.49 16.46
N ILE D 260 10.20 -45.34 15.81
CA ILE D 260 11.12 -44.31 16.27
C ILE D 260 10.38 -42.99 16.20
N GLU D 261 10.10 -42.40 17.36
CA GLU D 261 9.37 -41.15 17.48
C GLU D 261 10.21 -40.18 18.28
N ARG D 262 10.36 -38.94 17.80
CA ARG D 262 11.25 -37.99 18.45
C ARG D 262 10.52 -37.00 19.36
N ASP D 263 9.21 -37.17 19.56
CA ASP D 263 8.45 -36.32 20.46
C ASP D 263 7.95 -37.20 21.61
N TYR D 264 8.50 -36.97 22.81
CA TYR D 264 8.22 -37.85 23.94
C TYR D 264 6.73 -37.98 24.22
N GLN D 265 6.05 -36.85 24.41
CA GLN D 265 4.64 -36.89 24.80
C GLN D 265 3.80 -37.66 23.80
N ARG D 266 4.22 -37.69 22.54
CA ARG D 266 3.58 -38.57 21.57
C ARG D 266 4.15 -39.99 21.63
N ALA D 267 5.43 -40.13 22.00
CA ALA D 267 5.99 -41.47 22.15
C ALA D 267 5.32 -42.25 23.28
N GLU D 268 4.81 -41.54 24.30
CA GLU D 268 4.13 -42.21 25.40
C GLU D 268 2.78 -42.78 24.96
N LYS D 269 1.95 -41.99 24.26
CA LYS D 269 0.65 -42.49 23.83
C LYS D 269 0.80 -43.66 22.88
N LEU D 270 1.85 -43.65 22.05
CA LEU D 270 2.12 -44.82 21.22
C LEU D 270 2.46 -46.03 22.06
N SER D 271 3.06 -45.83 23.24
CA SER D 271 3.27 -46.97 24.13
C SER D 271 1.95 -47.45 24.72
N GLU D 272 0.98 -46.55 24.91
CA GLU D 272 -0.31 -46.97 25.43
C GLU D 272 -1.16 -47.62 24.35
N GLN D 273 -1.25 -47.00 23.16
CA GLN D 273 -2.12 -47.51 22.11
C GLN D 273 -1.62 -48.80 21.49
N LEU D 274 -0.31 -49.04 21.50
CA LEU D 274 0.28 -50.22 20.87
C LEU D 274 0.74 -51.17 21.98
N GLU D 275 0.06 -52.31 22.07
CA GLU D 275 0.37 -53.27 23.14
C GLU D 275 1.64 -54.05 22.86
N ASN D 276 1.81 -54.54 21.62
CA ASN D 276 2.88 -55.47 21.30
C ASN D 276 3.97 -54.84 20.44
N THR D 277 4.12 -53.51 20.50
CA THR D 277 5.08 -52.79 19.69
C THR D 277 6.11 -52.12 20.60
N ILE D 278 7.31 -51.90 20.07
CA ILE D 278 8.36 -51.18 20.79
C ILE D 278 8.49 -49.82 20.11
N VAL D 279 8.06 -48.79 20.81
CA VAL D 279 8.19 -47.41 20.34
C VAL D 279 9.38 -46.82 21.06
N PHE D 280 10.05 -45.87 20.42
CA PHE D 280 11.30 -45.33 20.94
C PHE D 280 11.17 -43.83 21.05
N CYS D 281 12.26 -43.20 21.47
CA CYS D 281 12.41 -41.75 21.47
C CYS D 281 13.77 -41.44 20.87
N GLY D 282 13.79 -40.98 19.63
CA GLY D 282 15.04 -40.65 18.98
C GLY D 282 14.80 -39.99 17.64
N ASP D 283 15.85 -39.35 17.14
CA ASP D 283 15.84 -38.83 15.79
C ASP D 283 16.18 -39.95 14.81
N ALA D 284 15.71 -39.81 13.57
CA ALA D 284 15.89 -40.87 12.59
C ALA D 284 17.36 -41.11 12.25
N ALA D 285 18.19 -40.06 12.30
CA ALA D 285 19.59 -40.18 11.94
C ALA D 285 20.48 -40.52 13.13
N ASP D 286 19.90 -40.89 14.28
CA ASP D 286 20.66 -41.25 15.47
C ASP D 286 21.35 -42.58 15.20
N GLN D 287 22.61 -42.53 14.76
CA GLN D 287 23.32 -43.75 14.40
C GLN D 287 23.37 -44.74 15.56
N GLU D 288 23.49 -44.22 16.78
CA GLU D 288 23.57 -45.09 17.96
C GLU D 288 22.31 -45.91 18.11
N LEU D 289 21.15 -45.26 17.99
CA LEU D 289 19.90 -45.97 18.16
C LEU D 289 19.72 -47.03 17.07
N LEU D 290 20.11 -46.71 15.84
CA LEU D 290 19.94 -47.67 14.75
C LEU D 290 20.92 -48.85 14.92
N THR D 291 22.16 -48.57 15.33
CA THR D 291 23.10 -49.64 15.62
C THR D 291 22.72 -50.40 16.90
N GLU D 292 22.40 -49.66 17.96
CA GLU D 292 22.08 -50.31 19.24
C GLU D 292 20.89 -51.24 19.12
N GLU D 293 19.94 -50.92 18.24
CA GLU D 293 18.72 -51.72 18.09
C GLU D 293 18.76 -52.62 16.86
N ASN D 294 19.94 -53.09 16.45
CA ASN D 294 20.08 -54.19 15.49
C ASN D 294 19.40 -53.86 14.16
N ILE D 295 19.95 -52.84 13.47
CA ILE D 295 19.41 -52.48 12.16
C ILE D 295 19.99 -53.33 11.03
N ASP D 296 21.16 -53.95 11.23
CA ASP D 296 21.71 -54.82 10.19
C ASP D 296 20.85 -56.05 9.96
N GLN D 297 19.85 -56.29 10.82
CA GLN D 297 18.90 -57.37 10.66
C GLN D 297 17.50 -56.88 10.30
N VAL D 298 17.35 -55.59 9.93
CA VAL D 298 16.07 -55.05 9.50
C VAL D 298 15.79 -55.52 8.07
N ASP D 299 14.53 -55.89 7.81
CA ASP D 299 14.12 -56.31 6.47
C ASP D 299 13.50 -55.17 5.64
N VAL D 300 12.86 -54.22 6.29
CA VAL D 300 12.31 -53.04 5.61
C VAL D 300 12.26 -51.89 6.61
N PHE D 301 12.53 -50.68 6.12
CA PHE D 301 12.73 -49.52 6.97
C PHE D 301 11.77 -48.42 6.50
N ILE D 302 10.48 -48.61 6.77
CA ILE D 302 9.50 -47.62 6.34
C ILE D 302 9.79 -46.33 7.08
N ALA D 303 9.81 -45.22 6.34
CA ALA D 303 9.96 -43.89 6.92
C ALA D 303 8.71 -43.10 6.57
N LEU D 304 7.99 -42.62 7.59
CA LEU D 304 6.69 -41.97 7.42
C LEU D 304 6.66 -40.68 8.24
N THR D 305 7.42 -39.68 7.77
CA THR D 305 7.50 -38.42 8.49
C THR D 305 6.74 -37.32 7.75
N ASN D 306 6.92 -36.07 8.20
CA ASN D 306 6.33 -34.91 7.55
C ASN D 306 7.18 -34.40 6.39
N GLU D 307 8.50 -34.34 6.58
CA GLU D 307 9.39 -33.73 5.60
C GLU D 307 9.99 -34.84 4.75
N ASP D 308 9.87 -34.69 3.42
CA ASP D 308 10.40 -35.70 2.52
C ASP D 308 11.92 -35.75 2.59
N GLU D 309 12.54 -34.61 2.90
CA GLU D 309 13.99 -34.59 3.00
C GLU D 309 14.46 -35.51 4.13
N THR D 310 13.73 -35.49 5.26
CA THR D 310 14.12 -36.33 6.40
C THR D 310 13.95 -37.81 6.09
N ASN D 311 12.85 -38.20 5.45
CA ASN D 311 12.67 -39.60 5.08
C ASN D 311 13.82 -40.12 4.22
N ILE D 312 14.27 -39.33 3.25
CA ILE D 312 15.34 -39.78 2.37
C ILE D 312 16.65 -39.89 3.14
N MET D 313 17.05 -38.82 3.84
CA MET D 313 18.37 -38.84 4.47
C MET D 313 18.44 -39.85 5.61
N SER D 314 17.31 -40.39 6.04
CA SER D 314 17.26 -41.47 7.02
C SER D 314 17.10 -42.84 6.37
N ALA D 315 16.22 -42.97 5.37
CA ALA D 315 16.09 -44.24 4.68
C ALA D 315 17.31 -44.54 3.82
N MET D 316 18.08 -43.52 3.44
CA MET D 316 19.35 -43.78 2.79
C MET D 316 20.37 -44.34 3.78
N LEU D 317 20.34 -43.85 5.02
CA LEU D 317 21.22 -44.34 6.07
C LEU D 317 20.92 -45.79 6.42
N ALA D 318 19.63 -46.14 6.56
CA ALA D 318 19.25 -47.49 6.96
C ALA D 318 19.67 -48.52 5.92
N LYS D 319 19.62 -48.15 4.63
CA LYS D 319 20.18 -49.00 3.59
C LYS D 319 21.69 -49.11 3.69
N ARG D 320 22.35 -48.05 4.15
CA ARG D 320 23.81 -48.03 4.27
C ARG D 320 24.35 -48.88 5.42
N MET D 321 23.60 -49.01 6.52
CA MET D 321 24.10 -49.71 7.70
C MET D 321 24.41 -51.20 7.49
N GLY D 322 23.50 -51.97 6.88
CA GLY D 322 22.32 -51.55 6.16
C GLY D 322 21.16 -52.50 6.32
N ALA D 323 19.96 -51.99 6.03
CA ALA D 323 18.75 -52.79 6.07
C ALA D 323 18.62 -53.58 4.77
N LYS D 324 17.71 -54.54 4.78
CA LYS D 324 17.46 -55.33 3.58
C LYS D 324 16.68 -54.52 2.55
N LYS D 325 15.77 -53.67 3.03
CA LYS D 325 14.97 -52.82 2.14
C LYS D 325 14.74 -51.49 2.83
N VAL D 326 14.18 -50.55 2.07
CA VAL D 326 13.85 -49.22 2.57
C VAL D 326 12.62 -48.71 1.83
N MET D 327 11.80 -47.93 2.54
CA MET D 327 10.66 -47.23 1.97
C MET D 327 10.51 -45.86 2.60
N VAL D 328 10.19 -44.88 1.77
CA VAL D 328 9.99 -43.51 2.23
C VAL D 328 8.55 -43.13 2.00
N LEU D 329 8.18 -41.90 2.34
CA LEU D 329 6.83 -41.39 2.07
C LEU D 329 6.97 -39.97 1.54
N ILE D 330 7.19 -39.85 0.23
CA ILE D 330 7.30 -38.55 -0.44
C ILE D 330 5.91 -37.93 -0.50
N GLN D 331 5.68 -36.90 0.32
CA GLN D 331 4.33 -36.40 0.52
C GLN D 331 3.70 -35.90 -0.77
N ARG D 332 4.34 -34.93 -1.43
CA ARG D 332 3.82 -34.51 -2.73
C ARG D 332 4.06 -35.66 -3.71
N GLY D 333 3.05 -35.94 -4.55
CA GLY D 333 3.17 -37.10 -5.41
C GLY D 333 3.95 -36.94 -6.70
N ALA D 334 4.50 -35.75 -6.94
CA ALA D 334 5.06 -35.39 -8.22
C ALA D 334 6.47 -35.93 -8.45
N TYR D 335 7.11 -36.55 -7.45
CA TYR D 335 8.52 -36.92 -7.52
C TYR D 335 8.74 -38.41 -7.29
N VAL D 336 7.66 -39.20 -7.30
CA VAL D 336 7.72 -40.61 -6.90
C VAL D 336 8.75 -41.38 -7.74
N ASP D 337 8.75 -41.16 -9.05
CA ASP D 337 9.72 -41.82 -9.92
C ASP D 337 11.15 -41.32 -9.67
N LEU D 338 11.32 -40.04 -9.34
CA LEU D 338 12.65 -39.45 -9.23
C LEU D 338 13.45 -40.03 -8.06
N VAL D 339 12.83 -40.08 -6.88
CA VAL D 339 13.50 -40.64 -5.69
C VAL D 339 13.59 -42.17 -5.77
N GLN D 340 12.57 -42.81 -6.32
CA GLN D 340 12.49 -44.27 -6.37
C GLN D 340 13.67 -44.87 -7.12
N GLY D 341 13.78 -46.20 -7.01
CA GLY D 341 14.89 -46.93 -7.61
C GLY D 341 16.26 -46.57 -7.04
N GLY D 342 17.27 -47.35 -7.39
CA GLY D 342 18.62 -47.08 -6.88
C GLY D 342 18.72 -47.38 -5.39
N VAL D 343 19.22 -46.40 -4.63
CA VAL D 343 19.54 -46.63 -3.23
C VAL D 343 18.27 -46.90 -2.43
N ILE D 344 17.26 -46.04 -2.59
CA ILE D 344 15.98 -46.22 -1.93
C ILE D 344 15.14 -47.13 -2.80
N ASP D 345 14.70 -48.28 -2.24
CA ASP D 345 14.00 -49.26 -3.06
C ASP D 345 12.60 -48.78 -3.43
N VAL D 346 11.86 -48.18 -2.50
CA VAL D 346 10.46 -47.88 -2.72
C VAL D 346 10.15 -46.49 -2.18
N ALA D 347 9.30 -45.76 -2.91
CA ALA D 347 8.82 -44.45 -2.52
C ALA D 347 7.31 -44.42 -2.68
N ILE D 348 6.62 -43.96 -1.65
CA ILE D 348 5.17 -44.02 -1.60
C ILE D 348 4.65 -42.59 -1.58
N SER D 349 3.49 -42.39 -2.20
CA SER D 349 2.88 -41.07 -2.24
C SER D 349 1.42 -41.18 -1.81
N PRO D 350 0.98 -40.33 -0.87
CA PRO D 350 -0.44 -40.35 -0.49
C PRO D 350 -1.31 -39.65 -1.52
N GLN D 351 -0.76 -38.64 -2.19
CA GLN D 351 -1.47 -37.92 -3.23
C GLN D 351 -1.30 -38.55 -4.60
N GLN D 352 -0.71 -39.73 -4.68
CA GLN D 352 -0.84 -40.58 -5.86
C GLN D 352 -1.63 -41.83 -5.50
N ALA D 353 -2.09 -41.91 -4.25
CA ALA D 353 -3.01 -42.91 -3.72
C ALA D 353 -4.37 -42.36 -3.33
N THR D 354 -4.40 -41.14 -2.76
CA THR D 354 -5.67 -40.47 -2.54
C THR D 354 -6.40 -40.18 -3.85
N ILE D 355 -5.65 -39.74 -4.85
CA ILE D 355 -6.21 -39.47 -6.18
C ILE D 355 -6.53 -40.78 -6.88
N SER D 356 -5.78 -41.84 -6.57
CA SER D 356 -6.02 -43.15 -7.15
C SER D 356 -7.39 -43.68 -6.75
N ALA D 357 -7.84 -43.38 -5.52
CA ALA D 357 -9.14 -43.82 -5.07
C ALA D 357 -10.26 -42.93 -5.62
N LEU D 358 -10.01 -41.64 -5.81
CA LEU D 358 -11.02 -40.74 -6.36
C LEU D 358 -11.31 -41.03 -7.82
N LEU D 359 -10.34 -41.53 -8.57
CA LEU D 359 -10.57 -41.87 -9.97
C LEU D 359 -11.24 -43.22 -10.16
N THR D 360 -11.64 -43.89 -9.07
CA THR D 360 -12.44 -45.10 -9.19
C THR D 360 -13.92 -44.85 -8.91
N HIS D 361 -14.25 -43.77 -8.18
CA HIS D 361 -15.64 -43.36 -8.02
C HIS D 361 -16.12 -42.51 -9.20
N VAL D 362 -15.35 -41.48 -9.55
CA VAL D 362 -15.73 -40.56 -10.62
C VAL D 362 -15.95 -41.31 -11.92
N ARG D 363 -15.00 -42.17 -12.27
CA ARG D 363 -14.98 -42.87 -13.54
C ARG D 363 -15.98 -44.03 -13.59
N ARG D 364 -16.76 -44.24 -12.54
CA ARG D 364 -17.66 -45.39 -12.47
C ARG D 364 -18.63 -45.39 -13.64
N ALA D 365 -18.72 -46.54 -14.31
CA ALA D 365 -19.53 -46.83 -15.48
C ALA D 365 -19.01 -46.13 -16.73
N ASP D 366 -17.93 -45.35 -16.62
CA ASP D 366 -17.43 -44.60 -17.77
C ASP D 366 -16.55 -45.49 -18.65
N ILE D 367 -16.02 -44.88 -19.70
CA ILE D 367 -15.25 -45.59 -20.72
C ILE D 367 -13.85 -45.94 -20.22
N VAL D 368 -13.22 -45.05 -19.46
CA VAL D 368 -11.87 -45.28 -18.98
C VAL D 368 -11.82 -45.13 -17.47
N ASN D 369 -11.01 -45.97 -16.85
CA ASN D 369 -10.68 -45.86 -15.44
C ASN D 369 -9.17 -45.68 -15.38
N VAL D 370 -8.73 -44.59 -14.76
CA VAL D 370 -7.32 -44.24 -14.73
C VAL D 370 -6.70 -45.01 -13.56
N SER D 371 -5.65 -45.77 -13.85
CA SER D 371 -5.08 -46.66 -12.86
C SER D 371 -4.34 -45.87 -11.80
N SER D 372 -3.79 -46.62 -10.83
CA SER D 372 -2.87 -46.04 -9.88
C SER D 372 -1.49 -45.85 -10.49
N LEU D 373 -1.19 -46.56 -11.58
CA LEU D 373 0.08 -46.37 -12.27
C LEU D 373 -0.02 -45.16 -13.19
N ARG D 374 -0.01 -43.99 -12.58
CA ARG D 374 0.22 -42.73 -13.27
C ARG D 374 1.54 -42.19 -12.75
N ARG D 375 2.53 -42.08 -13.63
CA ARG D 375 3.78 -41.40 -13.31
C ARG D 375 4.26 -40.67 -14.54
N GLY D 376 4.44 -39.35 -14.43
CA GLY D 376 4.76 -38.55 -15.60
C GLY D 376 3.65 -38.64 -16.63
N ALA D 377 4.06 -38.71 -17.90
CA ALA D 377 3.09 -38.77 -18.99
C ALA D 377 2.46 -40.16 -19.08
N ALA D 378 3.21 -41.19 -18.70
CA ALA D 378 2.68 -42.54 -18.76
C ALA D 378 1.60 -42.73 -17.71
N GLU D 379 0.58 -43.51 -18.07
CA GLU D 379 -0.43 -43.94 -17.11
C GLU D 379 -1.09 -45.18 -17.67
N ALA D 380 -1.41 -46.11 -16.79
CA ALA D 380 -2.16 -47.29 -17.19
C ALA D 380 -3.65 -46.98 -17.08
N ILE D 381 -4.43 -47.51 -18.01
CA ILE D 381 -5.85 -47.23 -18.06
C ILE D 381 -6.59 -48.53 -18.29
N GLU D 382 -7.89 -48.51 -18.04
CA GLU D 382 -8.77 -49.66 -18.22
C GLU D 382 -9.96 -49.20 -19.04
N ALA D 383 -10.09 -49.72 -20.26
CA ALA D 383 -11.13 -49.28 -21.18
C ALA D 383 -12.22 -50.33 -21.31
N VAL D 384 -13.46 -49.87 -21.41
CA VAL D 384 -14.65 -50.71 -21.41
C VAL D 384 -15.23 -50.74 -22.81
N ALA D 385 -15.51 -51.94 -23.32
CA ALA D 385 -15.99 -52.14 -24.68
C ALA D 385 -17.46 -52.52 -24.57
N HIS D 386 -18.33 -51.61 -24.96
CA HIS D 386 -19.77 -51.82 -24.90
C HIS D 386 -20.29 -52.11 -26.30
N GLY D 387 -21.41 -52.81 -26.36
CA GLY D 387 -22.09 -52.99 -27.63
C GLY D 387 -21.56 -54.19 -28.39
N ASP D 388 -22.46 -54.86 -29.10
CA ASP D 388 -22.11 -55.99 -29.96
C ASP D 388 -21.33 -55.50 -31.18
N GLU D 389 -21.00 -56.45 -32.06
CA GLU D 389 -20.18 -56.15 -33.23
C GLU D 389 -20.79 -55.11 -34.17
N THR D 390 -22.07 -54.76 -33.99
CA THR D 390 -22.72 -53.83 -34.91
C THR D 390 -22.55 -52.37 -34.49
N THR D 391 -22.36 -52.09 -33.19
CA THR D 391 -22.27 -50.74 -32.67
C THR D 391 -20.97 -50.52 -31.92
N SER D 392 -19.87 -51.05 -32.44
CA SER D 392 -18.57 -50.90 -31.81
C SER D 392 -17.48 -51.28 -32.80
N LYS D 393 -16.46 -50.44 -32.91
CA LYS D 393 -15.33 -50.69 -33.80
C LYS D 393 -14.36 -51.73 -33.26
N VAL D 394 -14.37 -51.97 -31.95
CA VAL D 394 -13.31 -52.71 -31.27
C VAL D 394 -13.77 -54.05 -30.72
N VAL D 395 -15.00 -54.49 -30.97
CA VAL D 395 -15.53 -55.71 -30.38
C VAL D 395 -15.49 -56.84 -31.40
N GLY D 396 -15.04 -58.01 -30.95
CA GLY D 396 -14.86 -59.14 -31.83
C GLY D 396 -13.53 -59.12 -32.54
N ARG D 397 -12.98 -57.92 -32.77
CA ARG D 397 -11.71 -57.85 -33.48
C ARG D 397 -10.59 -58.31 -32.56
N ALA D 398 -9.72 -59.16 -33.10
CA ALA D 398 -8.62 -59.70 -32.32
C ALA D 398 -7.68 -58.58 -31.90
N ILE D 399 -6.99 -58.78 -30.77
CA ILE D 399 -6.16 -57.73 -30.19
C ILE D 399 -5.12 -57.25 -31.18
N GLY D 400 -4.45 -58.19 -31.85
CA GLY D 400 -3.43 -57.81 -32.82
C GLY D 400 -3.95 -57.01 -33.99
N ASP D 401 -5.27 -56.89 -34.14
CA ASP D 401 -5.88 -56.23 -35.28
C ASP D 401 -6.52 -54.90 -34.93
N ILE D 402 -6.19 -54.33 -33.77
CA ILE D 402 -6.73 -53.04 -33.34
C ILE D 402 -5.66 -51.99 -33.58
N LYS D 403 -6.01 -50.92 -34.29
CA LYS D 403 -5.05 -49.90 -34.68
C LYS D 403 -4.93 -48.88 -33.53
N LEU D 404 -4.33 -49.35 -32.44
CA LEU D 404 -4.25 -48.55 -31.23
C LEU D 404 -3.32 -47.35 -31.44
N PRO D 405 -3.54 -46.26 -30.74
CA PRO D 405 -2.67 -45.09 -30.87
C PRO D 405 -1.25 -45.43 -30.45
N PRO D 406 -0.25 -44.63 -30.84
CA PRO D 406 1.14 -44.98 -30.59
C PRO D 406 1.46 -45.05 -29.10
N GLY D 407 2.27 -46.04 -28.72
CA GLY D 407 2.67 -46.24 -27.35
C GLY D 407 1.73 -47.10 -26.54
N THR D 408 0.46 -47.20 -26.95
CA THR D 408 -0.52 -47.98 -26.21
C THR D 408 -0.33 -49.46 -26.51
N THR D 409 -0.40 -50.29 -25.46
CA THR D 409 -0.24 -51.72 -25.61
C THR D 409 -1.15 -52.40 -24.62
N ILE D 410 -2.00 -53.30 -25.12
CA ILE D 410 -2.93 -54.03 -24.27
C ILE D 410 -2.16 -55.07 -23.47
N GLY D 411 -2.45 -55.16 -22.17
CA GLY D 411 -1.78 -56.13 -21.32
C GLY D 411 -2.66 -57.25 -20.81
N ALA D 412 -3.96 -56.99 -20.66
CA ALA D 412 -4.87 -58.02 -20.16
C ALA D 412 -6.30 -57.65 -20.49
N VAL D 413 -7.20 -58.60 -20.24
CA VAL D 413 -8.64 -58.41 -20.43
C VAL D 413 -9.36 -59.03 -19.24
N VAL D 414 -10.24 -58.26 -18.62
CA VAL D 414 -11.05 -58.72 -17.49
C VAL D 414 -12.46 -58.92 -18.01
N ARG D 415 -12.96 -60.14 -17.88
CA ARG D 415 -14.28 -60.52 -18.34
C ARG D 415 -15.01 -61.13 -17.15
N GLY D 416 -15.95 -60.39 -16.60
CA GLY D 416 -16.62 -60.83 -15.40
C GLY D 416 -15.55 -60.95 -14.32
N GLU D 417 -15.43 -62.14 -13.72
CA GLU D 417 -14.49 -62.32 -12.62
C GLU D 417 -13.22 -63.08 -13.01
N GLU D 418 -12.92 -63.23 -14.29
CA GLU D 418 -11.77 -64.02 -14.74
C GLU D 418 -10.84 -63.11 -15.53
N VAL D 419 -9.55 -63.17 -15.21
CA VAL D 419 -8.53 -62.39 -15.90
C VAL D 419 -7.89 -63.21 -17.02
N LEU D 420 -8.12 -62.76 -18.26
CA LEU D 420 -7.47 -63.30 -19.45
C LEU D 420 -6.28 -62.42 -19.79
N ILE D 421 -5.08 -63.00 -19.75
CA ILE D 421 -3.90 -62.27 -20.16
C ILE D 421 -3.99 -61.98 -21.65
N ALA D 422 -3.61 -60.78 -22.05
CA ALA D 422 -3.71 -60.44 -23.46
C ALA D 422 -2.70 -61.26 -24.24
N HIS D 423 -3.18 -61.96 -25.25
CA HIS D 423 -2.32 -62.59 -26.24
C HIS D 423 -2.76 -62.05 -27.58
N ASP D 424 -1.82 -62.02 -28.53
CA ASP D 424 -2.12 -61.51 -29.86
C ASP D 424 -3.30 -62.24 -30.49
N ARG D 425 -3.56 -63.47 -30.06
CA ARG D 425 -4.61 -64.33 -30.61
C ARG D 425 -5.93 -64.20 -29.86
N THR D 426 -6.09 -63.18 -29.03
CA THR D 426 -7.26 -63.07 -28.17
C THR D 426 -8.34 -62.24 -28.85
N VAL D 427 -9.59 -62.52 -28.48
CA VAL D 427 -10.75 -61.85 -29.04
C VAL D 427 -11.38 -61.00 -27.94
N ILE D 428 -11.69 -59.75 -28.26
CA ILE D 428 -12.33 -58.85 -27.30
C ILE D 428 -13.83 -59.05 -27.42
N GLU D 429 -14.45 -59.47 -26.34
CA GLU D 429 -15.89 -59.66 -26.32
C GLU D 429 -16.57 -58.44 -25.71
N GLN D 430 -17.90 -58.43 -25.79
CA GLN D 430 -18.66 -57.28 -25.36
C GLN D 430 -18.66 -57.14 -23.84
N ASP D 431 -18.65 -55.88 -23.38
CA ASP D 431 -18.64 -55.52 -21.96
C ASP D 431 -17.38 -56.03 -21.27
N ASP D 432 -16.24 -55.82 -21.91
CA ASP D 432 -14.95 -56.20 -21.36
C ASP D 432 -14.28 -55.00 -20.70
N HIS D 433 -13.41 -55.29 -19.73
CA HIS D 433 -12.59 -54.28 -19.07
C HIS D 433 -11.14 -54.55 -19.49
N VAL D 434 -10.69 -53.85 -20.53
CA VAL D 434 -9.36 -54.07 -21.08
C VAL D 434 -8.36 -53.22 -20.30
N VAL D 435 -7.23 -53.84 -19.95
CA VAL D 435 -6.17 -53.21 -19.17
C VAL D 435 -5.00 -52.97 -20.11
N MET D 436 -4.57 -51.72 -20.22
CA MET D 436 -3.50 -51.39 -21.13
C MET D 436 -2.63 -50.26 -20.57
N PHE D 437 -1.48 -50.10 -21.19
CA PHE D 437 -0.42 -49.20 -20.77
C PHE D 437 -0.23 -48.11 -21.82
N LEU D 438 -0.51 -46.86 -21.45
CA LEU D 438 -0.27 -45.71 -22.29
C LEU D 438 1.08 -45.10 -21.91
N VAL D 439 1.97 -44.95 -22.90
CA VAL D 439 3.20 -44.22 -22.60
C VAL D 439 2.93 -42.73 -22.61
N ASP D 440 1.98 -42.27 -23.44
CA ASP D 440 1.70 -40.86 -23.58
C ASP D 440 0.21 -40.66 -23.31
N LYS D 441 -0.13 -39.79 -22.37
CA LYS D 441 -1.51 -39.62 -21.94
C LYS D 441 -2.31 -38.65 -22.80
N LYS D 442 -1.67 -38.00 -23.79
CA LYS D 442 -2.43 -37.08 -24.63
C LYS D 442 -3.35 -37.79 -25.60
N TYR D 443 -3.35 -39.13 -25.60
CA TYR D 443 -4.09 -39.94 -26.56
C TYR D 443 -5.41 -40.48 -26.02
N VAL D 444 -5.81 -40.14 -24.80
CA VAL D 444 -6.98 -40.77 -24.18
C VAL D 444 -8.24 -40.60 -25.01
N PRO D 445 -8.67 -39.36 -25.38
CA PRO D 445 -9.89 -39.24 -26.20
C PRO D 445 -9.78 -39.87 -27.59
N ASP D 446 -8.60 -40.39 -27.94
CA ASP D 446 -8.52 -41.29 -29.09
C ASP D 446 -8.97 -42.69 -28.70
N VAL D 447 -8.40 -43.23 -27.61
CA VAL D 447 -8.89 -44.47 -27.04
C VAL D 447 -10.32 -44.30 -26.57
N GLU D 448 -10.60 -43.22 -25.83
CA GLU D 448 -11.96 -42.97 -25.35
C GLU D 448 -12.96 -42.90 -26.50
N ALA D 449 -12.51 -42.57 -27.71
CA ALA D 449 -13.35 -42.57 -28.89
C ALA D 449 -13.31 -43.90 -29.64
N LEU D 450 -12.24 -44.68 -29.48
CA LEU D 450 -12.16 -45.97 -30.15
C LEU D 450 -13.08 -47.01 -29.50
N PHE D 451 -12.90 -47.24 -28.20
CA PHE D 451 -13.69 -48.26 -27.51
C PHE D 451 -15.14 -47.86 -27.35
N GLN D 452 -15.42 -46.55 -27.27
CA GLN D 452 -16.76 -46.09 -26.98
C GLN D 452 -17.72 -46.57 -28.06
N PRO D 453 -18.89 -47.10 -27.70
CA PRO D 453 -19.82 -47.58 -28.72
C PRO D 453 -20.34 -46.43 -29.56
N SER D 454 -20.48 -46.69 -30.85
CA SER D 454 -21.15 -45.77 -31.77
C SER D 454 -22.57 -45.56 -31.28
N PRO D 455 -23.30 -44.55 -31.77
CA PRO D 455 -24.69 -44.37 -31.33
C PRO D 455 -25.48 -45.67 -31.40
N PHE D 456 -26.38 -45.85 -30.44
CA PHE D 456 -27.07 -47.12 -30.25
C PHE D 456 -28.27 -47.27 -31.17
PG AGS E . 10.66 -0.11 30.05
S1G AGS E . 10.48 1.83 30.01
O2G AGS E . 11.49 -0.53 31.29
O3G AGS E . 9.26 -0.76 30.09
PB AGS E . 10.71 -1.71 27.92
O1B AGS E . 10.80 -2.97 28.69
O2B AGS E . 9.27 -1.26 27.68
O3B AGS E . 11.38 -0.54 28.75
PA AGS E . 10.55 -1.53 25.20
O1A AGS E . 10.15 -2.76 24.50
O2A AGS E . 9.39 -0.62 25.62
O3A AGS E . 11.39 -1.84 26.50
O5' AGS E . 11.55 -0.73 24.31
C5' AGS E . 11.10 0.22 23.33
C4' AGS E . 12.06 1.37 23.40
O4' AGS E . 13.40 0.87 23.27
C3' AGS E . 11.89 2.44 22.34
O3' AGS E . 12.23 3.73 22.83
C2' AGS E . 12.85 1.98 21.23
O2' AGS E . 13.53 3.04 20.59
C1' AGS E . 13.89 1.15 21.97
N9 AGS E . 14.22 -0.08 21.28
C8 AGS E . 13.43 -1.20 21.12
N7 AGS E . 14.00 -2.15 20.41
C5 AGS E . 15.23 -1.62 20.07
C6 AGS E . 16.31 -2.14 19.32
N6 AGS E . 16.31 -3.35 18.77
N1 AGS E . 17.39 -1.35 19.17
C2 AGS E . 17.40 -0.14 19.73
N3 AGS E . 16.44 0.46 20.45
C4 AGS E . 15.38 -0.35 20.59
PG AGS F . 8.77 -12.06 37.17
S1G AGS F . 7.35 -12.17 38.49
O2G AGS F . 8.77 -10.65 36.53
O3G AGS F . 10.14 -12.31 37.87
PB AGS F . 9.16 -12.76 34.63
O1B AGS F . 9.38 -11.31 34.52
O2B AGS F . 10.44 -13.58 34.44
O3B AGS F . 8.61 -13.12 36.06
PA AGS F . 8.23 -14.79 33.11
O1A AGS F . 7.42 -15.05 31.90
O2A AGS F . 9.71 -15.12 32.98
O3A AGS F . 8.16 -13.28 33.53
O5' AGS F . 7.57 -15.58 34.30
C5' AGS F . 6.14 -15.62 34.47
C4' AGS F . 5.80 -16.90 35.18
O4' AGS F . 4.81 -16.70 36.21
C3' AGS F . 5.09 -17.93 34.32
O3' AGS F . 5.99 -18.53 33.40
C2' AGS F . 4.66 -18.92 35.39
O2' AGS F . 5.81 -19.74 35.61
C1' AGS F . 4.43 -17.99 36.60
N9 AGS F . 3.04 -17.99 37.07
C8 AGS F . 2.56 -18.50 38.25
N7 AGS F . 1.27 -18.37 38.41
C5 AGS F . 0.86 -17.73 37.24
C6 AGS F . -0.41 -17.32 36.78
N6 AGS F . -1.54 -17.48 37.48
N1 AGS F . -0.47 -16.71 35.57
C2 AGS F . 0.66 -16.55 34.87
N3 AGS F . 1.90 -16.91 35.20
C4 AGS F . 1.94 -17.50 36.40
PG AGS G . 1.36 -38.03 8.22
S1G AGS G . 1.92 -37.04 6.65
O2G AGS G . 2.62 -38.70 8.84
O3G AGS G . 0.29 -39.10 7.89
PB AGS G . 1.71 -36.55 10.36
O1B AGS G . 2.58 -37.68 10.75
O2B AGS G . 2.45 -35.38 9.72
O3B AGS G . 0.72 -37.09 9.28
PA AGS G . 1.91 -35.04 12.52
O1A AGS G . 2.43 -33.91 11.73
O2A AGS G . 1.18 -34.72 13.82
O3A AGS G . 0.98 -35.94 11.63
O5' AGS G . 3.12 -36.03 12.69
C5' AGS G . 4.49 -35.61 12.69
C4' AGS G . 5.22 -36.51 13.65
O4' AGS G . 6.27 -37.24 12.97
C3' AGS G . 5.92 -35.83 14.81
O3' AGS G . 5.01 -35.46 15.82
C2' AGS G . 6.86 -36.93 15.25
O2' AGS G . 6.03 -37.93 15.80
C1' AGS G . 7.34 -37.47 13.89
N9 AGS G . 8.55 -36.85 13.38
C8 AGS G . 8.70 -35.56 12.93
N7 AGS G . 9.91 -35.25 12.56
C5 AGS G . 10.64 -36.41 12.81
C6 AGS G . 12.00 -36.74 12.65
N6 AGS G . 12.90 -35.89 12.16
N1 AGS G . 12.40 -37.98 13.01
C2 AGS G . 11.48 -38.83 13.49
N3 AGS G . 10.18 -38.63 13.70
C4 AGS G . 9.81 -37.40 13.34
PG AGS H . -4.08 -31.16 -1.89
S1G AGS H . -5.78 -30.25 -2.13
O2G AGS H . -4.27 -32.37 -0.92
O3G AGS H . -3.56 -31.68 -3.25
PB AGS H . -3.04 -30.17 0.31
O1B AGS H . -4.31 -30.78 0.77
O2B AGS H . -1.78 -30.88 0.83
O3B AGS H . -3.04 -30.20 -1.25
PA AGS H . -4.45 -28.03 0.89
O1A AGS H . -5.08 -28.39 2.17
O2A AGS H . -5.19 -28.58 -0.33
O3A AGS H . -3.01 -28.67 0.81
O5' AGS H . -4.31 -26.45 0.86
C5' AGS H . -4.68 -25.63 -0.28
C4' AGS H . -6.19 -25.71 -0.33
O4' AGS H . -6.79 -25.02 0.79
C3' AGS H . -6.89 -25.15 -1.59
O3' AGS H . -7.61 -26.15 -2.29
C2' AGS H . -7.82 -24.09 -1.01
O2' AGS H . -9.05 -23.97 -1.71
C1' AGS H . -8.09 -24.73 0.34
N9 AGS H . -8.78 -23.90 1.32
C8 AGS H . -8.29 -23.42 2.50
N7 AGS H . -9.15 -22.73 3.21
C5 AGS H . -10.31 -22.80 2.45
C6 AGS H . -11.61 -22.28 2.64
N6 AGS H . -11.96 -21.56 3.71
N1 AGS H . -12.53 -22.53 1.70
C2 AGS H . -12.18 -23.25 0.62
N3 AGS H . -11.00 -23.80 0.34
C4 AGS H . -10.10 -23.53 1.29
#